data_2ENS
#
_entry.id   2ENS
#
_entity_poly.entity_id   1
_entity_poly.type   'polypeptide(L)'
_entity_poly.pdbx_seq_one_letter_code
;GSSGSSGLEEVQLVVEPEGGAVAPGGTVTLTCEVPAQPSPQIHWMKDGVPLPLPPSPVLILPEIGPQDQGTYSCVATHSS
HGPQESRAVSISIIEP
;
_entity_poly.pdbx_strand_id   A
#
# COMPACT_ATOMS: atom_id res chain seq x y z
N GLY A 1 -2.18 -2.27 -17.76
CA GLY A 1 -1.63 -1.24 -18.61
C GLY A 1 -2.70 -0.43 -19.31
N SER A 2 -2.29 0.37 -20.29
CA SER A 2 -3.21 1.21 -21.04
C SER A 2 -2.52 1.90 -22.20
N SER A 3 -3.29 2.26 -23.22
CA SER A 3 -2.75 2.93 -24.39
C SER A 3 -1.83 4.08 -23.99
N GLY A 4 -2.32 4.93 -23.09
CA GLY A 4 -1.53 6.05 -22.64
C GLY A 4 -2.39 7.15 -22.03
N SER A 5 -3.13 6.81 -20.99
CA SER A 5 -4.01 7.77 -20.31
C SER A 5 -3.28 8.41 -19.13
N SER A 6 -3.64 9.65 -18.84
CA SER A 6 -3.04 10.38 -17.73
C SER A 6 -4.09 10.79 -16.71
N GLY A 7 -3.87 10.42 -15.46
CA GLY A 7 -4.80 10.77 -14.40
C GLY A 7 -4.11 11.16 -13.10
N LEU A 8 -4.90 11.57 -12.12
CA LEU A 8 -4.35 11.97 -10.83
C LEU A 8 -4.97 11.15 -9.70
N GLU A 9 -4.44 11.32 -8.49
CA GLU A 9 -4.95 10.61 -7.32
C GLU A 9 -4.69 11.40 -6.04
N GLU A 10 -5.72 11.52 -5.21
CA GLU A 10 -5.61 12.24 -3.95
C GLU A 10 -4.69 11.51 -2.97
N VAL A 11 -4.93 10.21 -2.82
CA VAL A 11 -4.14 9.38 -1.92
C VAL A 11 -2.70 9.27 -2.41
N GLN A 12 -1.76 9.41 -1.48
CA GLN A 12 -0.34 9.32 -1.81
C GLN A 12 0.34 8.22 -1.00
N LEU A 13 0.18 6.98 -1.45
CA LEU A 13 0.79 5.84 -0.78
C LEU A 13 2.30 6.00 -0.70
N VAL A 14 2.84 5.82 0.51
CA VAL A 14 4.28 5.93 0.72
C VAL A 14 4.87 4.63 1.24
N VAL A 15 5.71 4.00 0.43
CA VAL A 15 6.34 2.74 0.80
C VAL A 15 7.82 2.94 1.15
N GLU A 16 8.38 2.01 1.91
CA GLU A 16 9.78 2.08 2.31
C GLU A 16 10.47 0.73 2.14
N PRO A 17 11.52 0.71 1.30
CA PRO A 17 11.98 1.89 0.58
C PRO A 17 11.01 2.34 -0.50
N GLU A 18 11.20 3.56 -0.99
CA GLU A 18 10.33 4.11 -2.03
C GLU A 18 10.28 3.18 -3.24
N GLY A 19 11.45 2.77 -3.70
CA GLY A 19 11.52 1.88 -4.85
C GLY A 19 10.49 0.77 -4.79
N GLY A 20 10.26 0.25 -3.58
CA GLY A 20 9.29 -0.82 -3.41
C GLY A 20 9.93 -2.19 -3.48
N ALA A 21 11.16 -2.30 -2.99
CA ALA A 21 11.89 -3.57 -3.00
C ALA A 21 12.80 -3.69 -1.79
N VAL A 22 13.09 -4.93 -1.39
CA VAL A 22 13.96 -5.18 -0.25
C VAL A 22 14.57 -6.57 -0.32
N ALA A 23 15.67 -6.76 0.39
CA ALA A 23 16.35 -8.05 0.42
C ALA A 23 15.47 -9.14 1.02
N PRO A 24 15.81 -10.41 0.75
CA PRO A 24 15.07 -11.55 1.26
C PRO A 24 15.21 -11.73 2.76
N GLY A 25 14.41 -10.99 3.52
CA GLY A 25 14.47 -11.07 4.97
C GLY A 25 14.53 -9.71 5.62
N GLY A 26 14.00 -8.70 4.95
CA GLY A 26 14.01 -7.35 5.49
C GLY A 26 12.67 -6.94 6.07
N THR A 27 12.43 -5.64 6.13
CA THR A 27 11.17 -5.12 6.66
C THR A 27 10.72 -3.89 5.89
N VAL A 28 9.47 -3.91 5.42
CA VAL A 28 8.91 -2.79 4.67
C VAL A 28 7.80 -2.12 5.45
N THR A 29 7.60 -0.82 5.18
CA THR A 29 6.57 -0.06 5.86
C THR A 29 5.64 0.63 4.86
N LEU A 30 4.36 0.29 4.90
CA LEU A 30 3.38 0.87 4.00
C LEU A 30 2.59 1.97 4.70
N THR A 31 2.98 3.22 4.45
CA THR A 31 2.32 4.37 5.05
C THR A 31 1.35 5.02 4.06
N CYS A 32 0.08 5.07 4.44
CA CYS A 32 -0.95 5.66 3.58
C CYS A 32 -1.74 6.72 4.34
N GLU A 33 -1.04 7.46 5.21
CA GLU A 33 -1.68 8.51 6.00
C GLU A 33 -1.97 9.73 5.14
N VAL A 34 -3.21 9.83 4.68
CA VAL A 34 -3.63 10.96 3.84
C VAL A 34 -3.35 12.28 4.54
N PRO A 35 -2.85 13.27 3.78
CA PRO A 35 -2.54 14.60 4.31
C PRO A 35 -3.79 15.39 4.66
N ALA A 36 -4.78 15.35 3.77
CA ALA A 36 -6.04 16.06 3.99
C ALA A 36 -6.84 15.42 5.12
N GLN A 37 -6.82 14.09 5.19
CA GLN A 37 -7.54 13.36 6.21
C GLN A 37 -6.59 12.90 7.32
N PRO A 38 -6.94 13.25 8.57
CA PRO A 38 -6.13 12.89 9.74
C PRO A 38 -6.19 11.39 10.04
N SER A 39 -7.41 10.86 10.12
CA SER A 39 -7.61 9.44 10.41
C SER A 39 -8.66 8.84 9.48
N PRO A 40 -8.36 8.85 8.17
CA PRO A 40 -9.27 8.31 7.16
C PRO A 40 -9.39 6.79 7.23
N GLN A 41 -10.13 6.20 6.29
CA GLN A 41 -10.32 4.76 6.26
C GLN A 41 -9.22 4.09 5.44
N ILE A 42 -8.19 3.60 6.14
CA ILE A 42 -7.08 2.93 5.48
C ILE A 42 -7.36 1.45 5.28
N HIS A 43 -6.99 0.93 4.12
CA HIS A 43 -7.20 -0.47 3.80
C HIS A 43 -5.95 -1.09 3.19
N TRP A 44 -5.93 -2.42 3.10
CA TRP A 44 -4.78 -3.13 2.52
C TRP A 44 -5.25 -4.32 1.69
N MET A 45 -4.84 -4.34 0.43
CA MET A 45 -5.22 -5.42 -0.47
C MET A 45 -3.98 -6.04 -1.13
N LYS A 46 -4.00 -7.36 -1.29
CA LYS A 46 -2.88 -8.07 -1.89
C LYS A 46 -3.35 -8.94 -3.05
N ASP A 47 -3.17 -8.45 -4.27
CA ASP A 47 -3.57 -9.18 -5.46
C ASP A 47 -5.09 -9.15 -5.63
N GLY A 48 -5.70 -8.04 -5.23
CA GLY A 48 -7.14 -7.89 -5.34
C GLY A 48 -7.89 -8.68 -4.28
N VAL A 49 -7.24 -8.89 -3.14
CA VAL A 49 -7.85 -9.64 -2.04
C VAL A 49 -7.51 -9.01 -0.70
N PRO A 50 -8.53 -8.86 0.16
CA PRO A 50 -8.36 -8.27 1.50
C PRO A 50 -7.58 -9.18 2.43
N LEU A 51 -6.43 -8.70 2.89
CA LEU A 51 -5.58 -9.47 3.80
C LEU A 51 -6.12 -9.41 5.22
N PRO A 52 -5.99 -10.54 5.95
CA PRO A 52 -6.45 -10.64 7.33
C PRO A 52 -5.61 -9.81 8.30
N LEU A 53 -5.89 -8.50 8.33
CA LEU A 53 -5.16 -7.59 9.21
C LEU A 53 -5.98 -6.34 9.49
N PRO A 54 -5.74 -5.73 10.67
CA PRO A 54 -6.44 -4.51 11.08
C PRO A 54 -6.04 -3.30 10.26
N PRO A 55 -7.05 -2.49 9.88
CA PRO A 55 -6.83 -1.28 9.08
C PRO A 55 -6.11 -0.19 9.87
N SER A 56 -4.93 0.21 9.37
CA SER A 56 -4.14 1.24 10.02
C SER A 56 -3.31 2.01 9.01
N PRO A 57 -2.99 3.27 9.33
CA PRO A 57 -2.20 4.14 8.47
C PRO A 57 -0.74 3.70 8.36
N VAL A 58 -0.42 2.60 9.03
CA VAL A 58 0.94 2.06 9.02
C VAL A 58 0.93 0.55 9.06
N LEU A 59 1.45 -0.07 8.00
CA LEU A 59 1.49 -1.54 7.91
C LEU A 59 2.91 -2.00 7.59
N ILE A 60 3.58 -2.57 8.59
CA ILE A 60 4.94 -3.07 8.43
C ILE A 60 4.93 -4.56 8.11
N LEU A 61 5.81 -4.96 7.19
CA LEU A 61 5.92 -6.36 6.80
C LEU A 61 7.33 -6.89 7.01
N PRO A 62 7.69 -7.13 8.28
CA PRO A 62 9.01 -7.64 8.65
C PRO A 62 9.23 -9.09 8.21
N GLU A 63 10.49 -9.45 7.98
CA GLU A 63 10.82 -10.80 7.54
C GLU A 63 10.22 -11.10 6.17
N ILE A 64 10.49 -10.23 5.21
CA ILE A 64 9.99 -10.39 3.85
C ILE A 64 10.79 -11.43 3.08
N GLY A 65 10.13 -12.13 2.17
CA GLY A 65 10.81 -13.14 1.38
C GLY A 65 10.17 -13.34 0.01
N PRO A 66 10.30 -14.54 -0.54
CA PRO A 66 9.74 -14.88 -1.85
C PRO A 66 8.21 -14.93 -1.84
N GLN A 67 7.66 -15.45 -0.76
CA GLN A 67 6.21 -15.56 -0.62
C GLN A 67 5.58 -14.18 -0.39
N ASP A 68 6.35 -13.26 0.18
CA ASP A 68 5.88 -11.92 0.45
C ASP A 68 5.70 -11.14 -0.84
N GLN A 69 6.56 -11.41 -1.81
CA GLN A 69 6.50 -10.73 -3.10
C GLN A 69 5.06 -10.63 -3.60
N GLY A 70 4.72 -9.49 -4.18
CA GLY A 70 3.38 -9.28 -4.69
C GLY A 70 3.09 -7.83 -5.00
N THR A 71 1.83 -7.43 -4.86
CA THR A 71 1.43 -6.05 -5.13
C THR A 71 0.40 -5.57 -4.10
N TYR A 72 0.80 -4.59 -3.30
CA TYR A 72 -0.09 -4.03 -2.29
C TYR A 72 -0.69 -2.71 -2.74
N SER A 73 -1.71 -2.25 -2.02
CA SER A 73 -2.37 -0.99 -2.36
C SER A 73 -3.30 -0.56 -1.24
N CYS A 74 -3.30 0.73 -0.92
CA CYS A 74 -4.14 1.27 0.13
C CYS A 74 -5.35 2.00 -0.46
N VAL A 75 -6.53 1.71 0.07
CA VAL A 75 -7.76 2.33 -0.40
C VAL A 75 -8.37 3.22 0.68
N ALA A 76 -8.70 4.45 0.30
CA ALA A 76 -9.30 5.41 1.22
C ALA A 76 -10.80 5.57 0.96
N THR A 77 -11.60 5.42 2.01
CA THR A 77 -13.04 5.53 1.90
C THR A 77 -13.64 6.22 3.12
N HIS A 78 -14.03 7.48 2.96
CA HIS A 78 -14.62 8.25 4.05
C HIS A 78 -15.54 9.34 3.50
N SER A 79 -16.31 9.95 4.41
CA SER A 79 -17.24 11.01 4.02
C SER A 79 -16.64 11.89 2.92
N SER A 80 -17.51 12.49 2.12
CA SER A 80 -17.06 13.35 1.03
C SER A 80 -15.92 12.71 0.25
N HIS A 81 -16.08 11.43 -0.06
CA HIS A 81 -15.05 10.69 -0.79
C HIS A 81 -15.59 9.35 -1.30
N GLY A 82 -14.82 8.70 -2.16
CA GLY A 82 -15.25 7.42 -2.70
C GLY A 82 -14.14 6.37 -2.65
N PRO A 83 -14.37 5.23 -3.30
CA PRO A 83 -13.41 4.12 -3.33
C PRO A 83 -12.18 4.46 -4.17
N GLN A 84 -11.24 5.20 -3.56
CA GLN A 84 -10.02 5.58 -4.26
C GLN A 84 -8.87 4.67 -3.88
N GLU A 85 -8.37 3.91 -4.85
CA GLU A 85 -7.25 3.00 -4.62
C GLU A 85 -5.94 3.62 -5.04
N SER A 86 -5.03 3.77 -4.07
CA SER A 86 -3.73 4.37 -4.33
C SER A 86 -2.90 3.47 -5.24
N ARG A 87 -1.90 4.06 -5.89
CA ARG A 87 -1.03 3.30 -6.80
C ARG A 87 -0.67 1.96 -6.20
N ALA A 88 -0.53 0.95 -7.07
CA ALA A 88 -0.19 -0.40 -6.63
C ALA A 88 1.32 -0.55 -6.45
N VAL A 89 1.73 -0.98 -5.26
CA VAL A 89 3.15 -1.16 -4.96
C VAL A 89 3.55 -2.64 -5.09
N SER A 90 4.42 -2.92 -6.05
CA SER A 90 4.88 -4.28 -6.29
C SER A 90 6.14 -4.57 -5.49
N ILE A 91 5.98 -5.27 -4.36
CA ILE A 91 7.10 -5.61 -3.50
C ILE A 91 7.86 -6.83 -4.05
N SER A 92 9.13 -6.64 -4.37
CA SER A 92 9.95 -7.71 -4.89
C SER A 92 11.28 -7.80 -4.14
N ILE A 93 12.00 -8.90 -4.35
CA ILE A 93 13.28 -9.10 -3.69
C ILE A 93 14.43 -8.59 -4.56
N ILE A 94 15.37 -7.88 -3.93
CA ILE A 94 16.51 -7.33 -4.65
C ILE A 94 17.71 -8.27 -4.56
N GLU A 95 18.48 -8.35 -5.65
CA GLU A 95 19.65 -9.21 -5.70
C GLU A 95 20.94 -8.39 -5.62
N PRO A 96 21.38 -8.09 -4.39
CA PRO A 96 22.59 -7.31 -4.15
C PRO A 96 23.86 -8.07 -4.53
N GLY A 1 -12.00 -6.18 -8.23
CA GLY A 1 -11.87 -5.26 -9.34
C GLY A 1 -10.66 -4.36 -9.20
N SER A 2 -9.54 -4.79 -9.74
CA SER A 2 -8.30 -4.02 -9.66
C SER A 2 -8.39 -2.77 -10.54
N SER A 3 -8.57 -2.97 -11.84
CA SER A 3 -8.68 -1.86 -12.78
C SER A 3 -9.63 -0.79 -12.25
N GLY A 4 -9.29 0.48 -12.49
CA GLY A 4 -10.12 1.57 -12.03
C GLY A 4 -9.97 2.82 -12.89
N SER A 5 -10.27 3.97 -12.32
CA SER A 5 -10.17 5.24 -13.04
C SER A 5 -9.29 6.23 -12.28
N SER A 6 -8.66 7.13 -13.02
CA SER A 6 -7.78 8.13 -12.43
C SER A 6 -8.16 9.53 -12.89
N GLY A 7 -7.54 10.54 -12.29
CA GLY A 7 -7.82 11.91 -12.65
C GLY A 7 -7.06 12.91 -11.82
N LEU A 8 -7.40 13.01 -10.54
CA LEU A 8 -6.74 13.93 -9.64
C LEU A 8 -5.95 13.18 -8.58
N GLU A 9 -5.23 13.92 -7.73
CA GLU A 9 -4.43 13.32 -6.68
C GLU A 9 -5.10 13.52 -5.31
N GLU A 10 -5.65 12.44 -4.78
CA GLU A 10 -6.32 12.49 -3.49
C GLU A 10 -5.52 11.73 -2.42
N VAL A 11 -5.33 10.44 -2.66
CA VAL A 11 -4.59 9.60 -1.74
C VAL A 11 -3.09 9.64 -2.02
N GLN A 12 -2.29 9.75 -0.97
CA GLN A 12 -0.84 9.81 -1.12
C GLN A 12 -0.19 8.56 -0.51
N LEU A 13 0.15 7.60 -1.37
CA LEU A 13 0.78 6.37 -0.92
C LEU A 13 2.29 6.50 -0.92
N VAL A 14 2.94 5.97 0.10
CA VAL A 14 4.39 6.02 0.22
C VAL A 14 4.94 4.76 0.88
N VAL A 15 5.69 3.97 0.11
CA VAL A 15 6.28 2.75 0.63
C VAL A 15 7.68 2.99 1.18
N GLU A 16 8.15 2.06 2.00
CA GLU A 16 9.48 2.18 2.60
C GLU A 16 10.21 0.84 2.56
N PRO A 17 11.38 0.83 1.89
CA PRO A 17 11.92 2.02 1.23
C PRO A 17 11.11 2.44 0.01
N GLU A 18 11.37 3.65 -0.48
CA GLU A 18 10.67 4.16 -1.66
C GLU A 18 10.84 3.23 -2.85
N GLY A 19 12.10 2.92 -3.17
CA GLY A 19 12.38 2.04 -4.30
C GLY A 19 11.35 0.94 -4.45
N GLY A 20 10.83 0.47 -3.32
CA GLY A 20 9.83 -0.59 -3.36
C GLY A 20 10.46 -1.97 -3.50
N ALA A 21 11.71 -2.10 -3.09
CA ALA A 21 12.42 -3.36 -3.16
C ALA A 21 13.33 -3.56 -1.95
N VAL A 22 13.27 -4.76 -1.37
CA VAL A 22 14.08 -5.08 -0.20
C VAL A 22 14.61 -6.50 -0.28
N ALA A 23 15.61 -6.79 0.56
CA ALA A 23 16.19 -8.13 0.59
C ALA A 23 15.22 -9.15 1.15
N PRO A 24 15.51 -10.45 0.91
CA PRO A 24 14.66 -11.54 1.38
C PRO A 24 14.73 -11.72 2.89
N GLY A 25 13.89 -10.99 3.61
CA GLY A 25 13.88 -11.08 5.06
C GLY A 25 13.96 -9.72 5.72
N GLY A 26 13.67 -8.67 4.96
CA GLY A 26 13.74 -7.32 5.50
C GLY A 26 12.43 -6.87 6.11
N THR A 27 12.19 -5.57 6.13
CA THR A 27 10.97 -5.01 6.69
C THR A 27 10.50 -3.80 5.90
N VAL A 28 9.34 -3.91 5.27
CA VAL A 28 8.77 -2.83 4.48
C VAL A 28 7.67 -2.11 5.24
N THR A 29 7.66 -0.79 5.15
CA THR A 29 6.65 0.01 5.83
C THR A 29 5.82 0.81 4.83
N LEU A 30 4.59 0.34 4.58
CA LEU A 30 3.69 1.00 3.65
C LEU A 30 2.91 2.11 4.34
N THR A 31 3.24 3.36 4.02
CA THR A 31 2.57 4.50 4.61
C THR A 31 1.57 5.12 3.64
N CYS A 32 0.29 4.93 3.94
CA CYS A 32 -0.78 5.46 3.10
C CYS A 32 -1.62 6.48 3.86
N GLU A 33 -1.15 7.72 3.92
CA GLU A 33 -1.86 8.78 4.62
C GLU A 33 -2.16 9.94 3.67
N VAL A 34 -3.21 10.69 3.99
CA VAL A 34 -3.62 11.83 3.18
C VAL A 34 -3.36 13.14 3.89
N PRO A 35 -2.74 14.09 3.18
CA PRO A 35 -2.41 15.41 3.73
C PRO A 35 -3.66 16.26 3.96
N ALA A 36 -4.57 16.25 2.99
CA ALA A 36 -5.80 17.02 3.08
C ALA A 36 -6.85 16.27 3.90
N GLN A 37 -7.24 15.09 3.42
CA GLN A 37 -8.24 14.28 4.10
C GLN A 37 -7.70 13.76 5.43
N PRO A 38 -8.62 13.40 6.34
CA PRO A 38 -8.26 12.90 7.67
C PRO A 38 -7.64 11.50 7.60
N SER A 39 -7.60 10.82 8.74
CA SER A 39 -7.02 9.48 8.82
C SER A 39 -8.12 8.44 9.00
N PRO A 40 -8.85 8.15 7.90
CA PRO A 40 -9.94 7.17 7.92
C PRO A 40 -9.43 5.74 8.07
N GLN A 41 -10.29 4.77 7.76
CA GLN A 41 -9.92 3.37 7.85
C GLN A 41 -9.04 2.94 6.68
N ILE A 42 -7.75 2.80 6.93
CA ILE A 42 -6.81 2.40 5.89
C ILE A 42 -6.66 0.89 5.83
N HIS A 43 -7.08 0.30 4.73
CA HIS A 43 -6.99 -1.15 4.55
C HIS A 43 -5.78 -1.52 3.69
N TRP A 44 -5.54 -2.82 3.56
CA TRP A 44 -4.41 -3.30 2.77
C TRP A 44 -4.78 -4.56 1.99
N MET A 45 -4.76 -4.46 0.67
CA MET A 45 -5.10 -5.60 -0.19
C MET A 45 -3.89 -6.03 -1.01
N LYS A 46 -3.79 -7.33 -1.27
CA LYS A 46 -2.69 -7.88 -2.06
C LYS A 46 -3.21 -8.74 -3.20
N ASP A 47 -3.15 -8.21 -4.42
CA ASP A 47 -3.61 -8.94 -5.59
C ASP A 47 -5.13 -8.97 -5.65
N GLY A 48 -5.76 -7.96 -5.05
CA GLY A 48 -7.21 -7.90 -5.04
C GLY A 48 -7.82 -8.72 -3.92
N VAL A 49 -6.97 -9.27 -3.06
CA VAL A 49 -7.44 -10.08 -1.94
C VAL A 49 -7.04 -9.47 -0.61
N PRO A 50 -7.99 -9.45 0.35
CA PRO A 50 -7.75 -8.88 1.68
C PRO A 50 -6.79 -9.74 2.51
N LEU A 51 -6.32 -9.18 3.61
CA LEU A 51 -5.39 -9.89 4.50
C LEU A 51 -5.76 -9.66 5.96
N PRO A 52 -5.50 -10.69 6.80
CA PRO A 52 -5.80 -10.62 8.23
C PRO A 52 -4.87 -9.67 8.97
N LEU A 53 -5.19 -8.39 8.90
CA LEU A 53 -4.38 -7.36 9.56
C LEU A 53 -5.24 -6.17 9.98
N PRO A 54 -4.79 -5.45 11.02
CA PRO A 54 -5.51 -4.28 11.53
C PRO A 54 -5.44 -3.10 10.57
N PRO A 55 -6.59 -2.42 10.38
CA PRO A 55 -6.69 -1.26 9.49
C PRO A 55 -5.95 -0.05 10.03
N SER A 56 -4.85 0.31 9.37
CA SER A 56 -4.05 1.46 9.78
C SER A 56 -3.31 2.06 8.60
N PRO A 57 -3.04 3.37 8.67
CA PRO A 57 -2.33 4.10 7.61
C PRO A 57 -0.86 3.71 7.52
N VAL A 58 -0.46 2.76 8.36
CA VAL A 58 0.92 2.29 8.37
C VAL A 58 0.99 0.78 8.54
N LEU A 59 1.45 0.09 7.50
CA LEU A 59 1.55 -1.36 7.53
C LEU A 59 3.02 -1.80 7.41
N ILE A 60 3.48 -2.61 8.35
CA ILE A 60 4.84 -3.10 8.33
C ILE A 60 4.89 -4.60 8.04
N LEU A 61 5.64 -4.98 7.00
CA LEU A 61 5.76 -6.37 6.62
C LEU A 61 7.15 -6.91 6.96
N PRO A 62 7.38 -7.18 8.26
CA PRO A 62 8.66 -7.71 8.74
C PRO A 62 8.90 -9.14 8.30
N GLU A 63 10.17 -9.46 8.05
CA GLU A 63 10.55 -10.80 7.61
C GLU A 63 9.94 -11.12 6.25
N ILE A 64 10.21 -10.25 5.27
CA ILE A 64 9.68 -10.45 3.92
C ILE A 64 10.40 -11.59 3.21
N GLY A 65 9.69 -12.27 2.32
CA GLY A 65 10.27 -13.39 1.59
C GLY A 65 9.82 -13.42 0.15
N PRO A 66 9.98 -14.58 -0.50
CA PRO A 66 9.60 -14.78 -1.90
C PRO A 66 8.08 -14.79 -2.08
N GLN A 67 7.37 -15.30 -1.08
CA GLN A 67 5.91 -15.37 -1.13
C GLN A 67 5.30 -13.97 -0.98
N ASP A 68 5.99 -13.11 -0.23
CA ASP A 68 5.51 -11.76 -0.01
C ASP A 68 5.48 -10.96 -1.32
N GLN A 69 6.37 -11.31 -2.23
CA GLN A 69 6.45 -10.63 -3.51
C GLN A 69 5.09 -10.57 -4.18
N GLY A 70 4.66 -9.36 -4.55
CA GLY A 70 3.37 -9.19 -5.19
C GLY A 70 2.94 -7.74 -5.22
N THR A 71 1.62 -7.52 -5.27
CA THR A 71 1.08 -6.17 -5.31
C THR A 71 0.50 -5.76 -3.95
N TYR A 72 0.74 -4.52 -3.56
CA TYR A 72 0.25 -4.01 -2.28
C TYR A 72 -0.31 -2.60 -2.44
N SER A 73 -1.58 -2.44 -2.12
CA SER A 73 -2.24 -1.14 -2.22
C SER A 73 -3.17 -0.90 -1.03
N CYS A 74 -3.39 0.37 -0.70
CA CYS A 74 -4.25 0.73 0.40
C CYS A 74 -5.64 1.13 -0.09
N VAL A 75 -6.64 1.02 0.78
CA VAL A 75 -8.00 1.37 0.43
C VAL A 75 -8.63 2.28 1.50
N ALA A 76 -8.49 3.58 1.30
CA ALA A 76 -9.03 4.56 2.24
C ALA A 76 -10.55 4.64 2.11
N THR A 77 -11.22 4.79 3.25
CA THR A 77 -12.67 4.88 3.27
C THR A 77 -13.14 6.02 4.17
N HIS A 78 -13.52 7.14 3.55
CA HIS A 78 -13.99 8.29 4.30
C HIS A 78 -15.31 8.82 3.73
N SER A 79 -16.07 9.52 4.55
CA SER A 79 -17.35 10.07 4.13
C SER A 79 -17.27 10.59 2.70
N SER A 80 -16.15 11.22 2.37
CA SER A 80 -15.95 11.77 1.03
C SER A 80 -15.93 10.67 -0.02
N HIS A 81 -14.93 9.80 0.07
CA HIS A 81 -14.79 8.68 -0.86
C HIS A 81 -14.83 7.34 -0.13
N GLY A 82 -15.67 6.43 -0.61
CA GLY A 82 -15.78 5.13 0.01
C GLY A 82 -14.54 4.28 -0.21
N PRO A 83 -14.74 3.10 -0.82
CA PRO A 83 -13.65 2.16 -1.11
C PRO A 83 -12.72 2.67 -2.20
N GLN A 84 -11.81 3.57 -1.82
CA GLN A 84 -10.85 4.14 -2.77
C GLN A 84 -9.48 3.49 -2.62
N GLU A 85 -9.06 2.77 -3.66
CA GLU A 85 -7.77 2.10 -3.65
C GLU A 85 -6.72 2.90 -4.43
N SER A 86 -5.51 2.94 -3.91
CA SER A 86 -4.42 3.68 -4.54
C SER A 86 -3.71 2.81 -5.57
N ARG A 87 -2.69 3.37 -6.21
CA ARG A 87 -1.93 2.64 -7.23
C ARG A 87 -1.49 1.28 -6.70
N ALA A 88 -0.96 0.45 -7.59
CA ALA A 88 -0.49 -0.88 -7.23
C ALA A 88 1.02 -0.89 -6.99
N VAL A 89 1.43 -1.32 -5.80
CA VAL A 89 2.83 -1.38 -5.45
C VAL A 89 3.38 -2.79 -5.59
N SER A 90 4.24 -3.01 -6.59
CA SER A 90 4.82 -4.32 -6.82
C SER A 90 6.10 -4.51 -6.00
N ILE A 91 5.97 -5.15 -4.85
CA ILE A 91 7.11 -5.40 -3.99
C ILE A 91 7.91 -6.60 -4.45
N SER A 92 9.18 -6.38 -4.80
CA SER A 92 10.05 -7.45 -5.27
C SER A 92 11.28 -7.57 -4.37
N ILE A 93 11.95 -8.71 -4.46
CA ILE A 93 13.14 -8.96 -3.66
C ILE A 93 14.41 -8.56 -4.43
N ILE A 94 15.31 -7.86 -3.75
CA ILE A 94 16.56 -7.43 -4.36
C ILE A 94 17.62 -8.53 -4.31
N GLU A 95 18.37 -8.67 -5.40
CA GLU A 95 19.41 -9.68 -5.48
C GLU A 95 20.56 -9.36 -4.54
N PRO A 96 20.94 -10.34 -3.71
CA PRO A 96 22.04 -10.19 -2.74
C PRO A 96 23.40 -10.09 -3.43
N GLY A 1 -2.69 -3.33 -20.95
CA GLY A 1 -1.90 -2.25 -20.38
C GLY A 1 -2.33 -1.90 -18.97
N SER A 2 -1.83 -0.78 -18.47
CA SER A 2 -2.16 -0.34 -17.12
C SER A 2 -3.27 0.71 -17.15
N SER A 3 -3.87 0.97 -15.99
CA SER A 3 -4.95 1.95 -15.88
C SER A 3 -4.40 3.32 -15.47
N GLY A 4 -4.06 4.13 -16.46
CA GLY A 4 -3.54 5.45 -16.19
C GLY A 4 -4.41 6.23 -15.22
N SER A 5 -3.77 7.09 -14.43
CA SER A 5 -4.48 7.89 -13.44
C SER A 5 -5.18 9.08 -14.11
N SER A 6 -6.50 9.04 -14.14
CA SER A 6 -7.29 10.10 -14.74
C SER A 6 -7.33 11.33 -13.85
N GLY A 7 -6.82 12.45 -14.36
CA GLY A 7 -6.81 13.68 -13.59
C GLY A 7 -5.69 13.70 -12.55
N LEU A 8 -6.06 13.47 -11.29
CA LEU A 8 -5.08 13.46 -10.21
C LEU A 8 -5.47 12.46 -9.12
N GLU A 9 -4.62 12.33 -8.12
CA GLU A 9 -4.88 11.40 -7.01
C GLU A 9 -4.44 12.00 -5.68
N GLU A 10 -5.39 12.12 -4.75
CA GLU A 10 -5.10 12.66 -3.44
C GLU A 10 -4.19 11.74 -2.64
N VAL A 11 -4.57 10.47 -2.57
CA VAL A 11 -3.80 9.48 -1.84
C VAL A 11 -2.34 9.47 -2.29
N GLN A 12 -1.43 9.34 -1.32
CA GLN A 12 0.00 9.34 -1.62
C GLN A 12 0.70 8.21 -0.87
N LEU A 13 0.61 6.99 -1.40
CA LEU A 13 1.24 5.84 -0.78
C LEU A 13 2.76 5.96 -0.79
N VAL A 14 3.36 5.95 0.39
CA VAL A 14 4.81 6.07 0.51
C VAL A 14 5.42 4.76 1.00
N VAL A 15 6.02 4.02 0.06
CA VAL A 15 6.65 2.74 0.40
C VAL A 15 8.02 2.95 1.03
N GLU A 16 8.39 2.06 1.94
CA GLU A 16 9.68 2.15 2.62
C GLU A 16 10.46 0.84 2.46
N PRO A 17 11.45 0.85 1.56
CA PRO A 17 11.77 2.03 0.74
C PRO A 17 10.69 2.34 -0.28
N GLU A 18 10.79 3.50 -0.92
CA GLU A 18 9.82 3.92 -1.92
C GLU A 18 9.92 3.04 -3.16
N GLY A 19 11.15 2.76 -3.60
CA GLY A 19 11.35 1.93 -4.77
C GLY A 19 10.42 0.73 -4.80
N GLY A 20 10.23 0.10 -3.65
CA GLY A 20 9.36 -1.06 -3.57
C GLY A 20 10.12 -2.37 -3.70
N ALA A 21 11.35 -2.38 -3.20
CA ALA A 21 12.18 -3.58 -3.26
C ALA A 21 13.12 -3.65 -2.06
N VAL A 22 13.24 -4.85 -1.49
CA VAL A 22 14.10 -5.07 -0.33
C VAL A 22 14.66 -6.47 -0.32
N ALA A 23 15.74 -6.67 0.43
CA ALA A 23 16.38 -7.98 0.53
C ALA A 23 15.41 -9.02 1.10
N PRO A 24 15.72 -10.30 0.85
CA PRO A 24 14.90 -11.41 1.32
C PRO A 24 14.98 -11.59 2.84
N GLY A 25 14.08 -10.91 3.56
CA GLY A 25 14.06 -11.01 5.00
C GLY A 25 14.10 -9.65 5.67
N GLY A 26 13.74 -8.61 4.92
CA GLY A 26 13.74 -7.27 5.46
C GLY A 26 12.39 -6.85 5.99
N THR A 27 12.14 -5.54 6.04
CA THR A 27 10.87 -5.02 6.54
C THR A 27 10.46 -3.78 5.76
N VAL A 28 9.26 -3.82 5.17
CA VAL A 28 8.74 -2.70 4.40
C VAL A 28 7.58 -2.04 5.13
N THR A 29 7.54 -0.71 5.07
CA THR A 29 6.48 0.05 5.72
C THR A 29 5.60 0.76 4.69
N LEU A 30 4.39 0.26 4.49
CA LEU A 30 3.46 0.84 3.54
C LEU A 30 2.52 1.82 4.23
N THR A 31 2.82 3.12 4.10
CA THR A 31 2.00 4.15 4.71
C THR A 31 1.02 4.74 3.71
N CYS A 32 -0.22 4.93 4.15
CA CYS A 32 -1.26 5.48 3.28
C CYS A 32 -2.01 6.60 3.99
N GLU A 33 -1.46 7.81 3.93
CA GLU A 33 -2.06 8.98 4.56
C GLU A 33 -2.99 9.70 3.59
N VAL A 34 -3.73 10.67 4.10
CA VAL A 34 -4.65 11.45 3.27
C VAL A 34 -4.62 12.92 3.66
N PRO A 35 -4.65 13.80 2.63
CA PRO A 35 -4.63 15.25 2.84
C PRO A 35 -5.92 15.77 3.45
N ALA A 36 -7.05 15.40 2.85
CA ALA A 36 -8.34 15.82 3.33
C ALA A 36 -8.70 15.12 4.64
N GLN A 37 -8.86 13.80 4.58
CA GLN A 37 -9.20 13.02 5.76
C GLN A 37 -7.98 12.80 6.64
N PRO A 38 -8.07 13.23 7.90
CA PRO A 38 -6.98 13.09 8.87
C PRO A 38 -6.75 11.64 9.28
N SER A 39 -7.82 10.95 9.65
CA SER A 39 -7.73 9.55 10.07
C SER A 39 -8.84 8.73 9.44
N PRO A 40 -8.82 8.63 8.10
CA PRO A 40 -9.82 7.88 7.34
C PRO A 40 -9.69 6.37 7.55
N GLN A 41 -10.47 5.60 6.79
CA GLN A 41 -10.44 4.15 6.89
C GLN A 41 -9.35 3.56 6.00
N ILE A 42 -8.23 3.19 6.61
CA ILE A 42 -7.11 2.62 5.86
C ILE A 42 -7.27 1.11 5.71
N HIS A 43 -7.02 0.61 4.50
CA HIS A 43 -7.13 -0.82 4.23
C HIS A 43 -5.91 -1.33 3.48
N TRP A 44 -5.73 -2.64 3.45
CA TRP A 44 -4.60 -3.25 2.77
C TRP A 44 -5.04 -4.46 1.97
N MET A 45 -4.87 -4.40 0.65
CA MET A 45 -5.25 -5.50 -0.23
C MET A 45 -4.01 -6.12 -0.88
N LYS A 46 -4.07 -7.44 -1.08
CA LYS A 46 -2.95 -8.16 -1.70
C LYS A 46 -3.44 -8.97 -2.89
N ASP A 47 -3.17 -8.46 -4.10
CA ASP A 47 -3.56 -9.14 -5.32
C ASP A 47 -5.08 -9.12 -5.48
N GLY A 48 -5.69 -7.99 -5.14
CA GLY A 48 -7.13 -7.86 -5.26
C GLY A 48 -7.87 -8.71 -4.24
N VAL A 49 -7.29 -8.86 -3.06
CA VAL A 49 -7.90 -9.65 -2.00
C VAL A 49 -7.56 -9.09 -0.63
N PRO A 50 -8.57 -9.00 0.25
CA PRO A 50 -8.40 -8.49 1.61
C PRO A 50 -7.59 -9.44 2.49
N LEU A 51 -6.76 -8.87 3.36
CA LEU A 51 -5.93 -9.67 4.26
C LEU A 51 -6.39 -9.51 5.70
N PRO A 52 -6.30 -10.60 6.47
CA PRO A 52 -6.70 -10.61 7.89
C PRO A 52 -5.76 -9.79 8.77
N LEU A 53 -5.99 -8.48 8.82
CA LEU A 53 -5.16 -7.59 9.62
C LEU A 53 -5.91 -6.31 9.97
N PRO A 54 -5.50 -5.67 11.07
CA PRO A 54 -6.13 -4.42 11.53
C PRO A 54 -5.82 -3.24 10.62
N PRO A 55 -6.85 -2.42 10.35
CA PRO A 55 -6.72 -1.25 9.48
C PRO A 55 -5.88 -0.15 10.11
N SER A 56 -4.64 -0.01 9.66
CA SER A 56 -3.73 1.00 10.18
C SER A 56 -3.06 1.77 9.05
N PRO A 57 -2.80 3.07 9.29
CA PRO A 57 -2.16 3.94 8.31
C PRO A 57 -0.70 3.59 8.08
N VAL A 58 -0.22 2.56 8.78
CA VAL A 58 1.16 2.11 8.65
C VAL A 58 1.26 0.60 8.74
N LEU A 59 1.48 -0.04 7.59
CA LEU A 59 1.60 -1.49 7.54
C LEU A 59 3.06 -1.92 7.39
N ILE A 60 3.56 -2.65 8.38
CA ILE A 60 4.95 -3.13 8.35
C ILE A 60 5.00 -4.64 8.13
N LEU A 61 5.69 -5.04 7.08
CA LEU A 61 5.83 -6.46 6.75
C LEU A 61 7.25 -6.94 7.05
N PRO A 62 7.52 -7.23 8.33
CA PRO A 62 8.83 -7.71 8.77
C PRO A 62 9.12 -9.13 8.29
N GLU A 63 10.38 -9.41 8.02
CA GLU A 63 10.79 -10.74 7.56
C GLU A 63 10.16 -11.06 6.21
N ILE A 64 10.36 -10.18 5.24
CA ILE A 64 9.81 -10.37 3.91
C ILE A 64 10.56 -11.46 3.15
N GLY A 65 9.85 -12.16 2.26
CA GLY A 65 10.46 -13.22 1.49
C GLY A 65 9.94 -13.28 0.07
N PRO A 66 10.09 -14.44 -0.57
CA PRO A 66 9.64 -14.65 -1.95
C PRO A 66 8.12 -14.65 -2.08
N GLN A 67 7.44 -15.16 -1.06
CA GLN A 67 5.99 -15.22 -1.06
C GLN A 67 5.39 -13.84 -0.86
N ASP A 68 6.09 -13.00 -0.10
CA ASP A 68 5.63 -11.64 0.17
C ASP A 68 5.51 -10.84 -1.12
N GLN A 69 6.42 -11.10 -2.06
CA GLN A 69 6.44 -10.40 -3.33
C GLN A 69 5.05 -10.41 -3.97
N GLY A 70 4.57 -9.23 -4.35
CA GLY A 70 3.26 -9.12 -4.97
C GLY A 70 2.78 -7.69 -5.04
N THR A 71 1.47 -7.52 -5.26
CA THR A 71 0.89 -6.19 -5.37
C THR A 71 0.40 -5.70 -4.00
N TYR A 72 0.72 -4.45 -3.69
CA TYR A 72 0.32 -3.86 -2.42
C TYR A 72 -0.23 -2.45 -2.62
N SER A 73 -1.43 -2.21 -2.10
CA SER A 73 -2.08 -0.92 -2.23
C SER A 73 -3.13 -0.71 -1.13
N CYS A 74 -3.36 0.53 -0.77
CA CYS A 74 -4.34 0.86 0.27
C CYS A 74 -5.68 1.24 -0.34
N VAL A 75 -6.75 0.98 0.39
CA VAL A 75 -8.10 1.29 -0.08
C VAL A 75 -8.78 2.28 0.84
N ALA A 76 -8.77 3.56 0.46
CA ALA A 76 -9.40 4.59 1.26
C ALA A 76 -10.82 4.88 0.79
N THR A 77 -11.74 5.04 1.73
CA THR A 77 -13.13 5.30 1.41
C THR A 77 -13.72 6.35 2.34
N HIS A 78 -14.10 7.50 1.78
CA HIS A 78 -14.67 8.59 2.56
C HIS A 78 -15.60 9.43 1.69
N SER A 79 -16.22 10.45 2.31
CA SER A 79 -17.14 11.33 1.60
C SER A 79 -16.47 11.93 0.37
N SER A 80 -15.44 12.74 0.59
CA SER A 80 -14.72 13.38 -0.50
C SER A 80 -14.61 12.45 -1.71
N HIS A 81 -14.13 11.24 -1.47
CA HIS A 81 -13.98 10.24 -2.53
C HIS A 81 -14.40 8.86 -2.04
N GLY A 82 -15.19 8.16 -2.86
CA GLY A 82 -15.65 6.83 -2.49
C GLY A 82 -14.50 5.87 -2.25
N PRO A 83 -14.75 4.58 -2.49
CA PRO A 83 -13.74 3.53 -2.31
C PRO A 83 -12.64 3.60 -3.34
N GLN A 84 -11.58 4.36 -3.03
CA GLN A 84 -10.45 4.51 -3.94
C GLN A 84 -9.38 3.46 -3.65
N GLU A 85 -8.28 3.53 -4.40
CA GLU A 85 -7.18 2.58 -4.22
C GLU A 85 -5.88 3.16 -4.77
N SER A 86 -4.92 3.39 -3.88
CA SER A 86 -3.63 3.94 -4.27
C SER A 86 -2.99 3.10 -5.38
N ARG A 87 -2.00 3.68 -6.04
CA ARG A 87 -1.31 2.99 -7.12
C ARG A 87 -0.85 1.60 -6.68
N ALA A 88 -0.60 0.72 -7.64
CA ALA A 88 -0.16 -0.63 -7.34
C ALA A 88 1.37 -0.72 -7.36
N VAL A 89 1.94 -1.12 -6.22
CA VAL A 89 3.38 -1.24 -6.09
C VAL A 89 3.79 -2.71 -5.94
N SER A 90 4.54 -3.22 -6.91
CA SER A 90 5.00 -4.60 -6.88
C SER A 90 6.27 -4.73 -6.05
N ILE A 91 6.14 -5.39 -4.90
CA ILE A 91 7.28 -5.59 -4.00
C ILE A 91 8.15 -6.74 -4.47
N SER A 92 9.37 -6.43 -4.89
CA SER A 92 10.30 -7.44 -5.37
C SER A 92 11.50 -7.57 -4.43
N ILE A 93 12.22 -8.67 -4.55
CA ILE A 93 13.40 -8.91 -3.71
C ILE A 93 14.66 -8.42 -4.39
N ILE A 94 15.57 -7.84 -3.61
CA ILE A 94 16.82 -7.32 -4.13
C ILE A 94 17.96 -8.30 -3.88
N GLU A 95 18.87 -8.41 -4.85
CA GLU A 95 20.01 -9.31 -4.73
C GLU A 95 21.08 -8.71 -3.82
N PRO A 96 21.66 -9.56 -2.96
CA PRO A 96 22.71 -9.14 -2.02
C PRO A 96 24.01 -8.80 -2.72
N GLY A 1 -4.25 -3.02 -9.76
CA GLY A 1 -4.79 -2.47 -11.00
C GLY A 1 -6.08 -1.71 -10.79
N SER A 2 -7.04 -1.89 -11.70
CA SER A 2 -8.33 -1.22 -11.61
C SER A 2 -8.15 0.29 -11.70
N SER A 3 -7.29 0.73 -12.61
CA SER A 3 -7.03 2.16 -12.80
C SER A 3 -7.46 2.61 -14.19
N GLY A 4 -8.62 3.25 -14.27
CA GLY A 4 -9.11 3.73 -15.55
C GLY A 4 -8.84 5.20 -15.76
N SER A 5 -9.80 6.04 -15.37
CA SER A 5 -9.67 7.48 -15.51
C SER A 5 -8.93 8.10 -14.33
N SER A 6 -8.01 9.00 -14.62
CA SER A 6 -7.22 9.66 -13.58
C SER A 6 -8.08 10.65 -12.80
N GLY A 7 -8.65 11.62 -13.52
CA GLY A 7 -9.49 12.62 -12.87
C GLY A 7 -8.79 13.27 -11.69
N LEU A 8 -9.26 12.94 -10.49
CA LEU A 8 -8.69 13.51 -9.27
C LEU A 8 -8.24 12.40 -8.32
N GLU A 9 -7.20 12.68 -7.53
CA GLU A 9 -6.68 11.71 -6.58
C GLU A 9 -6.20 12.41 -5.30
N GLU A 10 -6.81 12.05 -4.18
CA GLU A 10 -6.44 12.65 -2.90
C GLU A 10 -5.51 11.72 -2.13
N VAL A 11 -6.02 10.54 -1.76
CA VAL A 11 -5.23 9.56 -1.01
C VAL A 11 -3.78 9.55 -1.48
N GLN A 12 -2.87 9.49 -0.52
CA GLN A 12 -1.44 9.48 -0.84
C GLN A 12 -0.73 8.34 -0.10
N LEU A 13 -0.05 7.49 -0.88
CA LEU A 13 0.66 6.35 -0.30
C LEU A 13 2.17 6.59 -0.31
N VAL A 14 2.84 6.17 0.76
CA VAL A 14 4.28 6.34 0.86
C VAL A 14 4.97 5.01 1.18
N VAL A 15 5.48 4.36 0.14
CA VAL A 15 6.16 3.09 0.31
C VAL A 15 7.60 3.28 0.77
N GLU A 16 8.10 2.35 1.57
CA GLU A 16 9.45 2.42 2.08
C GLU A 16 10.10 1.04 2.13
N PRO A 17 11.21 0.87 1.38
CA PRO A 17 11.77 1.95 0.56
C PRO A 17 10.89 2.29 -0.64
N GLU A 18 11.01 3.52 -1.12
CA GLU A 18 10.22 3.98 -2.26
C GLU A 18 10.36 3.02 -3.44
N GLY A 19 11.60 2.69 -3.78
CA GLY A 19 11.85 1.78 -4.89
C GLY A 19 10.86 0.63 -4.93
N GLY A 20 10.55 0.08 -3.75
CA GLY A 20 9.61 -1.02 -3.69
C GLY A 20 10.30 -2.38 -3.73
N ALA A 21 11.52 -2.42 -3.22
CA ALA A 21 12.29 -3.67 -3.20
C ALA A 21 13.18 -3.74 -1.96
N VAL A 22 13.37 -4.96 -1.46
CA VAL A 22 14.21 -5.17 -0.27
C VAL A 22 14.75 -6.60 -0.23
N ALA A 23 15.92 -6.76 0.38
CA ALA A 23 16.54 -8.07 0.49
C ALA A 23 15.57 -9.10 1.07
N PRO A 24 15.89 -10.38 0.88
CA PRO A 24 15.07 -11.49 1.38
C PRO A 24 15.09 -11.59 2.91
N GLY A 25 14.21 -10.84 3.55
CA GLY A 25 14.13 -10.86 5.00
C GLY A 25 14.22 -9.47 5.61
N GLY A 26 13.82 -8.47 4.83
CA GLY A 26 13.85 -7.10 5.31
C GLY A 26 12.53 -6.66 5.90
N THR A 27 12.29 -5.35 5.92
CA THR A 27 11.05 -4.80 6.46
C THR A 27 10.59 -3.59 5.66
N VAL A 28 9.43 -3.72 5.01
CA VAL A 28 8.87 -2.64 4.20
C VAL A 28 7.73 -1.95 4.93
N THR A 29 7.72 -0.61 4.89
CA THR A 29 6.69 0.17 5.55
C THR A 29 5.75 0.82 4.52
N LEU A 30 4.47 0.46 4.60
CA LEU A 30 3.48 1.01 3.67
C LEU A 30 2.49 1.91 4.41
N THR A 31 2.73 3.22 4.35
CA THR A 31 1.86 4.18 5.01
C THR A 31 0.84 4.76 4.03
N CYS A 32 -0.33 5.11 4.55
CA CYS A 32 -1.40 5.68 3.73
C CYS A 32 -2.17 6.74 4.50
N GLU A 33 -1.96 8.00 4.13
CA GLU A 33 -2.65 9.11 4.78
C GLU A 33 -3.55 9.86 3.80
N VAL A 34 -4.36 10.77 4.32
CA VAL A 34 -5.27 11.55 3.49
C VAL A 34 -5.28 13.01 3.91
N PRO A 35 -5.30 13.91 2.92
CA PRO A 35 -5.30 15.35 3.17
C PRO A 35 -6.63 15.83 3.76
N ALA A 36 -7.73 15.46 3.12
CA ALA A 36 -9.06 15.84 3.59
C ALA A 36 -9.41 15.14 4.89
N GLN A 37 -9.24 13.81 4.90
CA GLN A 37 -9.55 13.02 6.08
C GLN A 37 -8.31 12.82 6.94
N PRO A 38 -8.42 13.17 8.24
CA PRO A 38 -7.31 13.04 9.18
C PRO A 38 -6.98 11.58 9.50
N SER A 39 -8.01 10.82 9.86
CA SER A 39 -7.83 9.41 10.19
C SER A 39 -8.87 8.55 9.49
N PRO A 40 -8.76 8.44 8.16
CA PRO A 40 -9.68 7.65 7.35
C PRO A 40 -9.52 6.15 7.57
N GLN A 41 -10.30 5.36 6.83
CA GLN A 41 -10.24 3.91 6.96
C GLN A 41 -9.13 3.32 6.09
N ILE A 42 -7.98 3.09 6.68
CA ILE A 42 -6.84 2.54 5.96
C ILE A 42 -6.95 1.02 5.85
N HIS A 43 -6.90 0.52 4.61
CA HIS A 43 -6.99 -0.92 4.37
C HIS A 43 -5.77 -1.42 3.61
N TRP A 44 -5.54 -2.73 3.66
CA TRP A 44 -4.40 -3.32 2.97
C TRP A 44 -4.83 -4.57 2.20
N MET A 45 -4.66 -4.53 0.88
CA MET A 45 -5.03 -5.66 0.04
C MET A 45 -3.81 -6.22 -0.69
N LYS A 46 -3.97 -7.39 -1.29
CA LYS A 46 -2.87 -8.04 -2.01
C LYS A 46 -3.41 -8.80 -3.23
N ASP A 47 -3.14 -8.26 -4.42
CA ASP A 47 -3.59 -8.88 -5.65
C ASP A 47 -5.11 -8.93 -5.72
N GLY A 48 -5.74 -7.81 -5.39
CA GLY A 48 -7.19 -7.75 -5.43
C GLY A 48 -7.84 -8.65 -4.39
N VAL A 49 -7.17 -8.83 -3.26
CA VAL A 49 -7.68 -9.67 -2.19
C VAL A 49 -7.37 -9.09 -0.82
N PRO A 50 -8.41 -8.90 0.00
CA PRO A 50 -8.27 -8.34 1.35
C PRO A 50 -7.57 -9.30 2.30
N LEU A 51 -6.41 -8.88 2.81
CA LEU A 51 -5.64 -9.70 3.74
C LEU A 51 -6.15 -9.55 5.16
N PRO A 52 -6.12 -10.64 5.92
CA PRO A 52 -6.58 -10.65 7.32
C PRO A 52 -5.65 -9.88 8.24
N LEU A 53 -5.85 -8.56 8.29
CA LEU A 53 -5.04 -7.70 9.13
C LEU A 53 -5.81 -6.45 9.57
N PRO A 54 -5.43 -5.88 10.71
CA PRO A 54 -6.07 -4.68 11.25
C PRO A 54 -5.78 -3.44 10.42
N PRO A 55 -6.83 -2.62 10.19
CA PRO A 55 -6.70 -1.39 9.40
C PRO A 55 -5.90 -0.32 10.13
N SER A 56 -4.68 -0.06 9.65
CA SER A 56 -3.83 0.94 10.25
C SER A 56 -3.12 1.76 9.19
N PRO A 57 -2.83 3.03 9.52
CA PRO A 57 -2.15 3.96 8.60
C PRO A 57 -0.70 3.59 8.37
N VAL A 58 -0.25 2.51 9.02
CA VAL A 58 1.12 2.05 8.88
C VAL A 58 1.18 0.52 8.84
N LEU A 59 1.45 -0.02 7.65
CA LEU A 59 1.54 -1.45 7.46
C LEU A 59 2.98 -1.89 7.25
N ILE A 60 3.56 -2.54 8.26
CA ILE A 60 4.93 -3.01 8.18
C ILE A 60 4.99 -4.48 7.80
N LEU A 61 5.80 -4.80 6.80
CA LEU A 61 5.95 -6.17 6.34
C LEU A 61 7.32 -6.73 6.70
N PRO A 62 7.54 -6.99 8.00
CA PRO A 62 8.81 -7.52 8.50
C PRO A 62 9.04 -8.97 8.08
N GLU A 63 10.30 -9.34 7.91
CA GLU A 63 10.66 -10.70 7.50
C GLU A 63 10.08 -11.02 6.12
N ILE A 64 10.41 -10.18 5.14
CA ILE A 64 9.93 -10.37 3.78
C ILE A 64 10.66 -11.52 3.10
N GLY A 65 9.93 -12.28 2.30
CA GLY A 65 10.52 -13.41 1.59
C GLY A 65 9.92 -13.62 0.22
N PRO A 66 10.00 -14.87 -0.28
CA PRO A 66 9.46 -15.23 -1.59
C PRO A 66 7.94 -15.22 -1.62
N GLN A 67 7.34 -15.29 -0.43
CA GLN A 67 5.88 -15.29 -0.31
C GLN A 67 5.34 -13.87 -0.30
N ASP A 68 6.20 -12.91 -0.03
CA ASP A 68 5.82 -11.50 0.01
C ASP A 68 5.68 -10.94 -1.40
N GLN A 69 6.55 -11.38 -2.30
CA GLN A 69 6.52 -10.92 -3.68
C GLN A 69 5.10 -10.82 -4.20
N GLY A 70 4.65 -9.59 -4.44
CA GLY A 70 3.30 -9.37 -4.94
C GLY A 70 2.98 -7.89 -5.11
N THR A 71 1.71 -7.55 -4.92
CA THR A 71 1.27 -6.17 -5.06
C THR A 71 0.62 -5.66 -3.77
N TYR A 72 0.95 -4.44 -3.39
CA TYR A 72 0.40 -3.84 -2.18
C TYR A 72 -0.13 -2.43 -2.45
N SER A 73 -1.38 -2.20 -2.12
CA SER A 73 -2.01 -0.90 -2.32
C SER A 73 -2.98 -0.58 -1.20
N CYS A 74 -3.12 0.71 -0.90
CA CYS A 74 -4.03 1.15 0.16
C CYS A 74 -5.39 1.54 -0.41
N VAL A 75 -6.43 1.41 0.42
CA VAL A 75 -7.78 1.74 -0.01
C VAL A 75 -8.50 2.57 1.04
N ALA A 76 -8.70 3.85 0.74
CA ALA A 76 -9.38 4.76 1.67
C ALA A 76 -10.78 5.11 1.16
N THR A 77 -11.76 4.99 2.05
CA THR A 77 -13.14 5.30 1.69
C THR A 77 -13.89 5.90 2.87
N HIS A 78 -14.67 6.94 2.61
CA HIS A 78 -15.44 7.61 3.65
C HIS A 78 -16.52 8.50 3.05
N SER A 79 -17.35 9.09 3.90
CA SER A 79 -18.42 9.96 3.46
C SER A 79 -17.89 11.05 2.54
N SER A 80 -16.58 11.27 2.57
CA SER A 80 -15.94 12.28 1.75
C SER A 80 -15.90 11.84 0.29
N HIS A 81 -15.78 10.53 0.08
CA HIS A 81 -15.73 9.98 -1.28
C HIS A 81 -15.84 8.46 -1.25
N GLY A 82 -16.24 7.88 -2.37
CA GLY A 82 -16.36 6.43 -2.45
C GLY A 82 -15.05 5.72 -2.22
N PRO A 83 -14.93 4.49 -2.75
CA PRO A 83 -13.72 3.68 -2.61
C PRO A 83 -12.54 4.25 -3.40
N GLN A 84 -11.57 4.80 -2.68
CA GLN A 84 -10.39 5.37 -3.31
C GLN A 84 -9.16 4.49 -3.07
N GLU A 85 -8.44 4.19 -4.14
CA GLU A 85 -7.23 3.37 -4.05
C GLU A 85 -6.03 4.08 -4.66
N SER A 86 -4.87 3.91 -4.04
CA SER A 86 -3.65 4.54 -4.53
C SER A 86 -2.93 3.64 -5.53
N ARG A 87 -1.75 4.07 -5.98
CA ARG A 87 -0.97 3.30 -6.94
C ARG A 87 -0.67 1.90 -6.41
N ALA A 88 -0.22 1.02 -7.29
CA ALA A 88 0.11 -0.34 -6.91
C ALA A 88 1.59 -0.49 -6.58
N VAL A 89 1.89 -0.99 -5.39
CA VAL A 89 3.27 -1.17 -4.95
C VAL A 89 3.72 -2.62 -5.14
N SER A 90 4.60 -2.85 -6.11
CA SER A 90 5.10 -4.19 -6.39
C SER A 90 6.32 -4.49 -5.53
N ILE A 91 6.12 -5.29 -4.48
CA ILE A 91 7.21 -5.66 -3.59
C ILE A 91 7.97 -6.87 -4.12
N SER A 92 9.29 -6.73 -4.23
CA SER A 92 10.13 -7.81 -4.73
C SER A 92 11.40 -7.94 -3.89
N ILE A 93 12.05 -9.09 -4.00
CA ILE A 93 13.28 -9.35 -3.25
C ILE A 93 14.51 -8.96 -4.07
N ILE A 94 15.42 -8.21 -3.43
CA ILE A 94 16.63 -7.78 -4.11
C ILE A 94 17.74 -8.81 -3.97
N GLU A 95 18.54 -8.96 -5.01
CA GLU A 95 19.64 -9.92 -5.00
C GLU A 95 20.88 -9.32 -4.35
N PRO A 96 21.63 -10.16 -3.62
CA PRO A 96 22.84 -9.73 -2.92
C PRO A 96 23.99 -9.42 -3.88
N GLY A 1 -6.78 -7.02 -15.27
CA GLY A 1 -7.10 -6.46 -16.57
C GLY A 1 -6.35 -5.17 -16.86
N SER A 2 -6.97 -4.05 -16.52
CA SER A 2 -6.36 -2.74 -16.75
C SER A 2 -7.20 -1.64 -16.12
N SER A 3 -6.55 -0.52 -15.82
CA SER A 3 -7.23 0.61 -15.20
C SER A 3 -6.98 1.90 -15.99
N GLY A 4 -7.82 2.90 -15.76
CA GLY A 4 -7.67 4.16 -16.47
C GLY A 4 -8.05 5.35 -15.60
N SER A 5 -7.15 5.75 -14.71
CA SER A 5 -7.39 6.88 -13.83
C SER A 5 -6.36 7.98 -14.05
N SER A 6 -6.77 9.03 -14.75
CA SER A 6 -5.87 10.15 -15.03
C SER A 6 -6.48 11.46 -14.56
N GLY A 7 -5.87 12.07 -13.54
CA GLY A 7 -6.37 13.32 -13.01
C GLY A 7 -5.72 13.68 -11.69
N LEU A 8 -6.54 13.89 -10.67
CA LEU A 8 -6.05 14.24 -9.34
C LEU A 8 -6.05 13.03 -8.42
N GLU A 9 -4.92 12.81 -7.75
CA GLU A 9 -4.80 11.68 -6.82
C GLU A 9 -4.78 12.17 -5.37
N GLU A 10 -5.87 11.91 -4.66
CA GLU A 10 -5.99 12.33 -3.27
C GLU A 10 -5.14 11.43 -2.37
N VAL A 11 -5.37 10.12 -2.47
CA VAL A 11 -4.63 9.16 -1.66
C VAL A 11 -3.15 9.15 -2.03
N GLN A 12 -2.31 8.79 -1.07
CA GLN A 12 -0.87 8.75 -1.30
C GLN A 12 -0.26 7.49 -0.68
N LEU A 13 0.34 6.65 -1.53
CA LEU A 13 0.96 5.41 -1.07
C LEU A 13 2.47 5.56 -0.98
N VAL A 14 2.97 5.69 0.25
CA VAL A 14 4.41 5.85 0.48
C VAL A 14 5.01 4.56 1.03
N VAL A 15 5.90 3.95 0.25
CA VAL A 15 6.55 2.71 0.65
C VAL A 15 7.99 2.97 1.10
N GLU A 16 8.53 2.03 1.87
CA GLU A 16 9.90 2.15 2.35
C GLU A 16 10.65 0.83 2.23
N PRO A 17 11.74 0.84 1.44
CA PRO A 17 12.20 2.04 0.73
C PRO A 17 11.26 2.44 -0.39
N GLU A 18 11.35 3.70 -0.82
CA GLU A 18 10.51 4.21 -1.89
C GLU A 18 10.74 3.42 -3.18
N GLY A 19 11.78 2.60 -3.19
CA GLY A 19 12.09 1.81 -4.37
C GLY A 19 11.16 0.62 -4.54
N GLY A 20 10.59 0.16 -3.42
CA GLY A 20 9.69 -0.97 -3.47
C GLY A 20 10.42 -2.30 -3.58
N ALA A 21 11.67 -2.31 -3.15
CA ALA A 21 12.48 -3.53 -3.19
C ALA A 21 13.35 -3.66 -1.95
N VAL A 22 13.42 -4.87 -1.41
CA VAL A 22 14.22 -5.12 -0.21
C VAL A 22 14.72 -6.57 -0.18
N ALA A 23 15.89 -6.77 0.40
CA ALA A 23 16.48 -8.09 0.51
C ALA A 23 15.49 -9.09 1.08
N PRO A 24 15.77 -10.39 0.90
CA PRO A 24 14.90 -11.47 1.38
C PRO A 24 14.92 -11.59 2.91
N GLY A 25 14.04 -10.84 3.57
CA GLY A 25 13.98 -10.87 5.02
C GLY A 25 14.09 -9.49 5.63
N GLY A 26 13.89 -8.46 4.81
CA GLY A 26 13.98 -7.09 5.30
C GLY A 26 12.70 -6.64 5.97
N THR A 27 12.47 -5.33 5.99
CA THR A 27 11.28 -4.77 6.61
C THR A 27 10.77 -3.56 5.83
N VAL A 28 9.66 -3.73 5.13
CA VAL A 28 9.07 -2.65 4.35
C VAL A 28 7.86 -2.05 5.07
N THR A 29 7.72 -0.74 4.97
CA THR A 29 6.61 -0.04 5.60
C THR A 29 5.76 0.70 4.57
N LEU A 30 4.48 0.34 4.49
CA LEU A 30 3.57 0.97 3.55
C LEU A 30 2.65 1.97 4.25
N THR A 31 2.97 3.25 4.12
CA THR A 31 2.18 4.30 4.74
C THR A 31 1.23 4.96 3.73
N CYS A 32 -0.03 5.10 4.12
CA CYS A 32 -1.03 5.70 3.25
C CYS A 32 -1.83 6.77 4.00
N GLU A 33 -1.39 8.02 3.87
CA GLU A 33 -2.07 9.12 4.54
C GLU A 33 -2.90 9.94 3.54
N VAL A 34 -4.01 10.48 4.02
CA VAL A 34 -4.90 11.28 3.17
C VAL A 34 -4.89 12.75 3.60
N PRO A 35 -4.86 13.65 2.61
CA PRO A 35 -4.86 15.09 2.86
C PRO A 35 -6.19 15.59 3.41
N ALA A 36 -7.27 15.20 2.76
CA ALA A 36 -8.61 15.61 3.19
C ALA A 36 -9.00 14.91 4.48
N GLN A 37 -8.51 13.68 4.67
CA GLN A 37 -8.81 12.91 5.86
C GLN A 37 -7.55 12.60 6.65
N PRO A 38 -7.53 13.01 7.93
CA PRO A 38 -6.39 12.79 8.81
C PRO A 38 -6.21 11.32 9.17
N SER A 39 -7.29 10.68 9.59
CA SER A 39 -7.25 9.27 9.97
C SER A 39 -8.40 8.50 9.32
N PRO A 40 -8.37 8.41 7.98
CA PRO A 40 -9.39 7.70 7.21
C PRO A 40 -9.33 6.20 7.41
N GLN A 41 -10.22 5.47 6.73
CA GLN A 41 -10.27 4.02 6.84
C GLN A 41 -9.23 3.37 5.92
N ILE A 42 -8.07 3.06 6.49
CA ILE A 42 -7.00 2.44 5.72
C ILE A 42 -7.21 0.93 5.60
N HIS A 43 -7.13 0.43 4.37
CA HIS A 43 -7.31 -0.99 4.11
C HIS A 43 -6.26 -1.51 3.13
N TRP A 44 -5.58 -2.59 3.52
CA TRP A 44 -4.55 -3.18 2.68
C TRP A 44 -5.09 -4.40 1.94
N MET A 45 -4.76 -4.49 0.65
CA MET A 45 -5.22 -5.60 -0.18
C MET A 45 -4.05 -6.21 -0.96
N LYS A 46 -4.12 -7.52 -1.20
CA LYS A 46 -3.07 -8.21 -1.92
C LYS A 46 -3.63 -8.90 -3.16
N ASP A 47 -3.31 -8.39 -4.34
CA ASP A 47 -3.78 -8.95 -5.59
C ASP A 47 -5.30 -8.86 -5.68
N GLY A 48 -5.85 -7.76 -5.20
CA GLY A 48 -7.30 -7.57 -5.24
C GLY A 48 -8.02 -8.44 -4.23
N VAL A 49 -7.38 -8.70 -3.10
CA VAL A 49 -7.96 -9.52 -2.05
C VAL A 49 -7.66 -8.95 -0.67
N PRO A 50 -8.70 -8.77 0.14
CA PRO A 50 -8.58 -8.23 1.49
C PRO A 50 -7.91 -9.22 2.45
N LEU A 51 -6.69 -8.89 2.86
CA LEU A 51 -5.93 -9.75 3.77
C LEU A 51 -6.40 -9.56 5.20
N PRO A 52 -6.42 -10.67 5.98
CA PRO A 52 -6.85 -10.65 7.37
C PRO A 52 -5.85 -9.93 8.28
N LEU A 53 -5.98 -8.61 8.36
CA LEU A 53 -5.08 -7.81 9.19
C LEU A 53 -5.79 -6.56 9.70
N PRO A 54 -5.27 -5.99 10.80
CA PRO A 54 -5.83 -4.79 11.41
C PRO A 54 -5.61 -3.54 10.56
N PRO A 55 -6.66 -2.72 10.43
CA PRO A 55 -6.60 -1.48 9.63
C PRO A 55 -5.70 -0.42 10.28
N SER A 56 -4.67 0.00 9.55
CA SER A 56 -3.75 1.00 10.06
C SER A 56 -3.04 1.72 8.91
N PRO A 57 -2.78 3.02 9.09
CA PRO A 57 -2.12 3.84 8.07
C PRO A 57 -0.64 3.48 7.92
N VAL A 58 -0.20 2.48 8.69
CA VAL A 58 1.19 2.04 8.63
C VAL A 58 1.27 0.51 8.67
N LEU A 59 1.58 -0.09 7.53
CA LEU A 59 1.69 -1.54 7.44
C LEU A 59 3.16 -1.96 7.35
N ILE A 60 3.63 -2.68 8.37
CA ILE A 60 5.01 -3.14 8.40
C ILE A 60 5.10 -4.61 8.01
N LEU A 61 5.91 -4.91 7.01
CA LEU A 61 6.09 -6.29 6.55
C LEU A 61 7.48 -6.80 6.90
N PRO A 62 7.69 -7.10 8.20
CA PRO A 62 8.97 -7.61 8.68
C PRO A 62 9.25 -9.03 8.22
N GLU A 63 10.51 -9.32 7.93
CA GLU A 63 10.92 -10.64 7.46
C GLU A 63 10.26 -10.96 6.12
N ILE A 64 10.47 -10.09 5.15
CA ILE A 64 9.90 -10.28 3.82
C ILE A 64 10.57 -11.47 3.10
N GLY A 65 9.77 -12.22 2.35
CA GLY A 65 10.30 -13.36 1.62
C GLY A 65 9.85 -13.39 0.18
N PRO A 66 10.10 -14.52 -0.50
CA PRO A 66 9.72 -14.69 -1.91
C PRO A 66 8.21 -14.80 -2.10
N GLN A 67 7.50 -15.10 -1.01
CA GLN A 67 6.05 -15.23 -1.05
C GLN A 67 5.38 -13.89 -0.75
N ASP A 68 6.02 -13.09 0.08
CA ASP A 68 5.48 -11.77 0.43
C ASP A 68 5.30 -10.90 -0.80
N GLN A 69 6.27 -10.95 -1.70
CA GLN A 69 6.21 -10.15 -2.92
C GLN A 69 4.81 -10.21 -3.54
N GLY A 70 4.38 -9.09 -4.11
CA GLY A 70 3.06 -9.04 -4.73
C GLY A 70 2.58 -7.62 -4.93
N THR A 71 1.29 -7.46 -5.18
CA THR A 71 0.70 -6.14 -5.40
C THR A 71 0.00 -5.65 -4.16
N TYR A 72 0.32 -4.42 -3.75
CA TYR A 72 -0.29 -3.83 -2.56
C TYR A 72 -0.92 -2.48 -2.89
N SER A 73 -1.94 -2.10 -2.11
CA SER A 73 -2.63 -0.84 -2.32
C SER A 73 -3.57 -0.54 -1.17
N CYS A 74 -3.56 0.71 -0.70
CA CYS A 74 -4.41 1.12 0.40
C CYS A 74 -5.79 1.56 -0.11
N VAL A 75 -6.83 1.19 0.64
CA VAL A 75 -8.19 1.55 0.27
C VAL A 75 -8.84 2.43 1.32
N ALA A 76 -9.34 3.59 0.89
CA ALA A 76 -9.99 4.53 1.81
C ALA A 76 -11.48 4.64 1.50
N THR A 77 -12.28 4.82 2.55
CA THR A 77 -13.72 4.95 2.40
C THR A 77 -14.29 6.01 3.33
N HIS A 78 -14.76 7.11 2.74
CA HIS A 78 -15.32 8.21 3.51
C HIS A 78 -16.35 8.98 2.68
N SER A 79 -17.12 9.83 3.35
CA SER A 79 -18.14 10.63 2.68
C SER A 79 -17.58 11.29 1.43
N SER A 80 -16.57 12.14 1.62
CA SER A 80 -15.94 12.84 0.49
C SER A 80 -15.76 11.91 -0.69
N HIS A 81 -14.96 10.87 -0.49
CA HIS A 81 -14.68 9.90 -1.55
C HIS A 81 -15.00 8.48 -1.09
N GLY A 82 -15.83 7.78 -1.85
CA GLY A 82 -16.20 6.41 -1.50
C GLY A 82 -15.00 5.50 -1.41
N PRO A 83 -15.19 4.23 -1.80
CA PRO A 83 -14.13 3.21 -1.76
C PRO A 83 -13.04 3.49 -2.80
N GLN A 84 -11.97 4.15 -2.38
CA GLN A 84 -10.87 4.46 -3.27
C GLN A 84 -9.76 3.42 -3.16
N GLU A 85 -8.69 3.63 -3.92
CA GLU A 85 -7.56 2.70 -3.90
C GLU A 85 -6.35 3.30 -4.61
N SER A 86 -5.24 3.43 -3.89
CA SER A 86 -4.02 3.99 -4.45
C SER A 86 -3.49 3.12 -5.58
N ARG A 87 -2.42 3.57 -6.22
CA ARG A 87 -1.81 2.83 -7.33
C ARG A 87 -1.40 1.43 -6.88
N ALA A 88 -1.09 0.58 -7.84
CA ALA A 88 -0.68 -0.79 -7.54
C ALA A 88 0.84 -0.90 -7.48
N VAL A 89 1.36 -1.14 -6.29
CA VAL A 89 2.80 -1.27 -6.09
C VAL A 89 3.21 -2.74 -6.02
N SER A 90 4.30 -3.07 -6.71
CA SER A 90 4.80 -4.45 -6.73
C SER A 90 6.07 -4.57 -5.89
N ILE A 91 5.95 -5.26 -4.76
CA ILE A 91 7.10 -5.46 -3.87
C ILE A 91 7.97 -6.62 -4.35
N SER A 92 9.23 -6.31 -4.64
CA SER A 92 10.17 -7.33 -5.11
C SER A 92 11.36 -7.44 -4.16
N ILE A 93 12.12 -8.51 -4.31
CA ILE A 93 13.29 -8.74 -3.46
C ILE A 93 14.57 -8.33 -4.18
N ILE A 94 15.55 -7.86 -3.40
CA ILE A 94 16.82 -7.42 -3.96
C ILE A 94 17.89 -8.50 -3.77
N GLU A 95 18.70 -8.71 -4.81
CA GLU A 95 19.77 -9.70 -4.77
C GLU A 95 20.76 -9.37 -3.65
N PRO A 96 21.24 -10.43 -2.96
CA PRO A 96 22.21 -10.27 -1.87
C PRO A 96 23.58 -9.84 -2.37
N GLY A 1 -5.60 -7.86 -13.51
CA GLY A 1 -5.89 -6.59 -14.15
C GLY A 1 -6.67 -5.65 -13.25
N SER A 2 -6.45 -4.35 -13.41
CA SER A 2 -7.14 -3.36 -12.61
C SER A 2 -7.86 -2.34 -13.50
N SER A 3 -8.65 -1.47 -12.87
CA SER A 3 -9.40 -0.45 -13.60
C SER A 3 -8.45 0.62 -14.16
N GLY A 4 -8.50 0.81 -15.47
CA GLY A 4 -7.64 1.80 -16.10
C GLY A 4 -8.18 3.21 -15.94
N SER A 5 -7.36 4.08 -15.34
CA SER A 5 -7.76 5.46 -15.12
C SER A 5 -6.53 6.38 -15.06
N SER A 6 -6.75 7.67 -15.31
CA SER A 6 -5.66 8.63 -15.29
C SER A 6 -5.95 9.74 -14.28
N GLY A 7 -4.95 10.59 -14.04
CA GLY A 7 -5.10 11.67 -13.08
C GLY A 7 -4.28 11.47 -11.83
N LEU A 8 -4.54 12.28 -10.82
CA LEU A 8 -3.80 12.20 -9.56
C LEU A 8 -4.63 11.45 -8.51
N GLU A 9 -4.10 11.40 -7.29
CA GLU A 9 -4.79 10.71 -6.19
C GLU A 9 -4.39 11.31 -4.85
N GLU A 10 -5.38 11.60 -4.01
CA GLU A 10 -5.14 12.18 -2.70
C GLU A 10 -4.23 11.27 -1.87
N VAL A 11 -4.70 10.06 -1.62
CA VAL A 11 -3.93 9.09 -0.83
C VAL A 11 -2.51 8.97 -1.35
N GLN A 12 -1.55 9.36 -0.52
CA GLN A 12 -0.13 9.28 -0.89
C GLN A 12 0.52 8.02 -0.34
N LEU A 13 0.39 6.92 -1.07
CA LEU A 13 0.97 5.65 -0.65
C LEU A 13 2.50 5.71 -0.70
N VAL A 14 3.10 6.02 0.44
CA VAL A 14 4.55 6.10 0.53
C VAL A 14 5.13 4.85 1.19
N VAL A 15 5.78 4.02 0.38
CA VAL A 15 6.39 2.78 0.88
C VAL A 15 7.87 3.00 1.21
N GLU A 16 8.43 2.07 1.97
CA GLU A 16 9.84 2.15 2.35
C GLU A 16 10.53 0.80 2.16
N PRO A 17 11.54 0.77 1.29
CA PRO A 17 11.98 1.96 0.55
C PRO A 17 10.97 2.38 -0.50
N GLU A 18 10.98 3.68 -0.85
CA GLU A 18 10.06 4.21 -1.83
C GLU A 18 10.03 3.33 -3.08
N GLY A 19 11.20 2.89 -3.52
CA GLY A 19 11.29 2.05 -4.70
C GLY A 19 10.30 0.89 -4.66
N GLY A 20 10.18 0.26 -3.50
CA GLY A 20 9.27 -0.87 -3.36
C GLY A 20 9.96 -2.20 -3.53
N ALA A 21 11.21 -2.29 -3.10
CA ALA A 21 11.98 -3.52 -3.22
C ALA A 21 12.97 -3.66 -2.07
N VAL A 22 12.99 -4.84 -1.45
CA VAL A 22 13.90 -5.10 -0.34
C VAL A 22 14.46 -6.52 -0.40
N ALA A 23 15.56 -6.75 0.30
CA ALA A 23 16.19 -8.06 0.33
C ALA A 23 15.29 -9.10 0.98
N PRO A 24 15.60 -10.38 0.78
CA PRO A 24 14.84 -11.49 1.33
C PRO A 24 14.98 -11.60 2.84
N GLY A 25 14.14 -10.88 3.58
CA GLY A 25 14.20 -10.91 5.03
C GLY A 25 14.28 -9.52 5.63
N GLY A 26 13.80 -8.53 4.89
CA GLY A 26 13.84 -7.16 5.37
C GLY A 26 12.52 -6.72 5.98
N THR A 27 12.27 -5.42 6.00
CA THR A 27 11.04 -4.87 6.55
C THR A 27 10.57 -3.66 5.76
N VAL A 28 9.41 -3.81 5.12
CA VAL A 28 8.85 -2.72 4.31
C VAL A 28 7.68 -2.05 5.05
N THR A 29 7.74 -0.73 5.14
CA THR A 29 6.70 0.03 5.82
C THR A 29 5.87 0.83 4.83
N LEU A 30 4.69 0.31 4.49
CA LEU A 30 3.80 0.97 3.55
C LEU A 30 2.96 2.04 4.24
N THR A 31 3.25 3.30 3.95
CA THR A 31 2.53 4.42 4.55
C THR A 31 1.35 4.84 3.66
N CYS A 32 0.17 4.95 4.27
CA CYS A 32 -1.03 5.35 3.55
C CYS A 32 -1.74 6.48 4.28
N GLU A 33 -0.97 7.43 4.80
CA GLU A 33 -1.53 8.57 5.51
C GLU A 33 -2.11 9.59 4.54
N VAL A 34 -2.60 10.70 5.08
CA VAL A 34 -3.19 11.76 4.26
C VAL A 34 -3.01 13.12 4.92
N PRO A 35 -2.31 14.03 4.22
CA PRO A 35 -2.06 15.39 4.71
C PRO A 35 -3.32 16.23 4.73
N ALA A 36 -4.01 16.31 3.60
CA ALA A 36 -5.24 17.08 3.49
C ALA A 36 -6.37 16.43 4.27
N GLN A 37 -6.84 15.30 3.78
CA GLN A 37 -7.93 14.57 4.43
C GLN A 37 -7.45 13.93 5.74
N PRO A 38 -8.41 13.57 6.59
CA PRO A 38 -8.12 12.95 7.90
C PRO A 38 -7.58 11.54 7.75
N SER A 39 -7.60 10.79 8.84
CA SER A 39 -7.09 9.41 8.84
C SER A 39 -8.24 8.42 8.92
N PRO A 40 -8.87 8.14 7.76
CA PRO A 40 -9.99 7.20 7.67
C PRO A 40 -9.56 5.76 7.89
N GLN A 41 -10.42 4.83 7.50
CA GLN A 41 -10.12 3.41 7.66
C GLN A 41 -9.15 2.93 6.59
N ILE A 42 -7.88 2.80 6.97
CA ILE A 42 -6.85 2.34 6.04
C ILE A 42 -6.75 0.83 6.02
N HIS A 43 -6.87 0.24 4.83
CA HIS A 43 -6.79 -1.21 4.68
C HIS A 43 -5.61 -1.58 3.79
N TRP A 44 -5.36 -2.89 3.68
CA TRP A 44 -4.26 -3.39 2.86
C TRP A 44 -4.65 -4.69 2.16
N MET A 45 -4.50 -4.71 0.84
CA MET A 45 -4.84 -5.88 0.04
C MET A 45 -3.67 -6.28 -0.85
N LYS A 46 -3.69 -7.53 -1.33
CA LYS A 46 -2.64 -8.03 -2.20
C LYS A 46 -3.24 -8.71 -3.43
N ASP A 47 -3.01 -8.12 -4.60
CA ASP A 47 -3.51 -8.67 -5.84
C ASP A 47 -5.04 -8.59 -5.89
N GLY A 48 -5.59 -7.48 -5.40
CA GLY A 48 -7.03 -7.31 -5.39
C GLY A 48 -7.72 -8.23 -4.40
N VAL A 49 -7.06 -8.50 -3.28
CA VAL A 49 -7.62 -9.37 -2.25
C VAL A 49 -7.24 -8.88 -0.86
N PRO A 50 -8.27 -8.74 0.00
CA PRO A 50 -8.08 -8.27 1.39
C PRO A 50 -7.36 -9.30 2.25
N LEU A 51 -6.19 -8.93 2.76
CA LEU A 51 -5.40 -9.82 3.60
C LEU A 51 -5.86 -9.75 5.05
N PRO A 52 -5.69 -10.86 5.79
CA PRO A 52 -6.07 -10.95 7.20
C PRO A 52 -5.19 -10.08 8.10
N LEU A 53 -5.48 -8.78 8.15
CA LEU A 53 -4.72 -7.85 8.96
C LEU A 53 -5.55 -6.63 9.33
N PRO A 54 -5.22 -6.02 10.47
CA PRO A 54 -5.92 -4.82 10.96
C PRO A 54 -5.66 -3.59 10.11
N PRO A 55 -6.72 -2.82 9.82
CA PRO A 55 -6.61 -1.61 9.01
C PRO A 55 -5.86 -0.48 9.72
N SER A 56 -4.76 -0.06 9.13
CA SER A 56 -3.94 1.00 9.72
C SER A 56 -3.24 1.80 8.64
N PRO A 57 -2.97 3.08 8.92
CA PRO A 57 -2.29 3.98 7.98
C PRO A 57 -0.82 3.61 7.79
N VAL A 58 -0.40 2.53 8.42
CA VAL A 58 0.98 2.07 8.31
C VAL A 58 1.07 0.55 8.42
N LEU A 59 1.69 -0.07 7.43
CA LEU A 59 1.85 -1.52 7.43
C LEU A 59 3.32 -1.92 7.42
N ILE A 60 3.75 -2.63 8.46
CA ILE A 60 5.13 -3.06 8.57
C ILE A 60 5.25 -4.56 8.33
N LEU A 61 5.99 -4.93 7.30
CA LEU A 61 6.18 -6.33 6.95
C LEU A 61 7.60 -6.79 7.30
N PRO A 62 7.84 -7.04 8.59
CA PRO A 62 9.15 -7.49 9.08
C PRO A 62 9.49 -8.91 8.63
N GLU A 63 10.76 -9.13 8.30
CA GLU A 63 11.21 -10.45 7.86
C GLU A 63 10.44 -10.89 6.61
N ILE A 64 10.48 -10.06 5.58
CA ILE A 64 9.78 -10.36 4.33
C ILE A 64 10.47 -11.51 3.60
N GLY A 65 9.70 -12.24 2.78
CA GLY A 65 10.24 -13.35 2.04
C GLY A 65 9.72 -13.40 0.61
N PRO A 66 9.83 -14.57 -0.02
CA PRO A 66 9.39 -14.78 -1.40
C PRO A 66 7.87 -14.74 -1.53
N GLN A 67 7.18 -15.10 -0.44
CA GLN A 67 5.72 -15.11 -0.44
C GLN A 67 5.17 -13.68 -0.40
N ASP A 68 5.91 -12.79 0.24
CA ASP A 68 5.50 -11.39 0.34
C ASP A 68 5.39 -10.74 -1.04
N GLN A 69 6.30 -11.13 -1.94
CA GLN A 69 6.30 -10.58 -3.28
C GLN A 69 4.89 -10.47 -3.83
N GLY A 70 4.62 -9.38 -4.55
CA GLY A 70 3.30 -9.16 -5.11
C GLY A 70 2.90 -7.70 -5.09
N THR A 71 1.65 -7.43 -5.48
CA THR A 71 1.14 -6.06 -5.50
C THR A 71 0.51 -5.69 -4.17
N TYR A 72 0.72 -4.45 -3.75
CA TYR A 72 0.18 -3.96 -2.48
C TYR A 72 -0.49 -2.60 -2.67
N SER A 73 -1.74 -2.51 -2.24
CA SER A 73 -2.50 -1.26 -2.36
C SER A 73 -3.31 -1.00 -1.09
N CYS A 74 -3.47 0.28 -0.76
CA CYS A 74 -4.20 0.67 0.43
C CYS A 74 -5.61 1.17 0.06
N VAL A 75 -6.56 0.96 0.96
CA VAL A 75 -7.94 1.39 0.73
C VAL A 75 -8.45 2.22 1.89
N ALA A 76 -8.85 3.45 1.60
CA ALA A 76 -9.37 4.36 2.63
C ALA A 76 -10.87 4.57 2.46
N THR A 77 -11.45 5.36 3.35
CA THR A 77 -12.88 5.65 3.29
C THR A 77 -13.27 6.69 4.34
N HIS A 78 -13.79 7.83 3.87
CA HIS A 78 -14.20 8.91 4.76
C HIS A 78 -15.48 9.57 4.25
N SER A 79 -16.20 10.20 5.16
CA SER A 79 -17.45 10.88 4.81
C SER A 79 -17.33 11.58 3.45
N SER A 80 -16.19 12.23 3.23
CA SER A 80 -15.94 12.93 1.99
C SER A 80 -16.18 12.03 0.79
N HIS A 81 -15.42 10.94 0.70
CA HIS A 81 -15.55 9.99 -0.39
C HIS A 81 -15.62 8.56 0.13
N GLY A 82 -16.35 7.71 -0.59
CA GLY A 82 -16.48 6.32 -0.18
C GLY A 82 -15.15 5.61 -0.08
N PRO A 83 -15.16 4.30 -0.36
CA PRO A 83 -13.95 3.47 -0.30
C PRO A 83 -12.97 3.81 -1.43
N GLN A 84 -12.00 4.67 -1.13
CA GLN A 84 -11.01 5.06 -2.12
C GLN A 84 -9.80 4.14 -2.07
N GLU A 85 -9.20 3.90 -3.24
CA GLU A 85 -8.04 3.03 -3.34
C GLU A 85 -6.86 3.76 -3.95
N SER A 86 -5.65 3.33 -3.60
CA SER A 86 -4.43 3.96 -4.12
C SER A 86 -3.82 3.11 -5.24
N ARG A 87 -2.73 3.62 -5.81
CA ARG A 87 -2.04 2.90 -6.89
C ARG A 87 -1.62 1.51 -6.44
N ALA A 88 -1.03 0.75 -7.36
CA ALA A 88 -0.58 -0.61 -7.06
C ALA A 88 0.94 -0.70 -7.12
N VAL A 89 1.55 -1.00 -5.98
CA VAL A 89 3.01 -1.12 -5.90
C VAL A 89 3.43 -2.59 -5.94
N SER A 90 4.41 -2.89 -6.80
CA SER A 90 4.91 -4.24 -6.94
C SER A 90 6.12 -4.48 -6.05
N ILE A 91 5.91 -5.21 -4.95
CA ILE A 91 6.99 -5.51 -4.02
C ILE A 91 7.76 -6.75 -4.45
N SER A 92 9.04 -6.56 -4.76
CA SER A 92 9.89 -7.66 -5.19
C SER A 92 11.13 -7.77 -4.30
N ILE A 93 11.80 -8.92 -4.36
CA ILE A 93 12.99 -9.14 -3.56
C ILE A 93 14.25 -8.77 -4.33
N ILE A 94 15.12 -8.00 -3.69
CA ILE A 94 16.37 -7.56 -4.30
C ILE A 94 17.48 -8.59 -4.08
N GLU A 95 18.31 -8.78 -5.10
CA GLU A 95 19.41 -9.73 -5.01
C GLU A 95 20.68 -9.05 -4.47
N PRO A 96 21.40 -9.76 -3.59
CA PRO A 96 22.64 -9.25 -2.99
C PRO A 96 23.77 -9.15 -3.99
N GLY A 1 -19.98 -2.90 -7.19
CA GLY A 1 -20.49 -2.37 -8.43
C GLY A 1 -19.40 -1.70 -9.26
N SER A 2 -19.47 -0.38 -9.36
CA SER A 2 -18.49 0.38 -10.13
C SER A 2 -18.17 1.70 -9.45
N SER A 3 -16.89 2.04 -9.41
CA SER A 3 -16.44 3.29 -8.78
C SER A 3 -15.34 3.94 -9.60
N GLY A 4 -15.17 5.25 -9.42
CA GLY A 4 -14.16 5.99 -10.15
C GLY A 4 -13.20 6.73 -9.23
N SER A 5 -12.40 7.60 -9.82
CA SER A 5 -11.43 8.38 -9.05
C SER A 5 -11.48 9.86 -9.44
N SER A 6 -11.69 10.72 -8.46
CA SER A 6 -11.77 12.16 -8.70
C SER A 6 -10.62 12.89 -8.01
N GLY A 7 -10.39 12.53 -6.75
CA GLY A 7 -9.32 13.17 -6.00
C GLY A 7 -7.97 13.03 -6.68
N LEU A 8 -7.36 14.16 -7.00
CA LEU A 8 -6.05 14.17 -7.65
C LEU A 8 -4.96 13.72 -6.69
N GLU A 9 -4.45 12.50 -6.92
CA GLU A 9 -3.40 11.95 -6.07
C GLU A 9 -3.67 12.25 -4.60
N GLU A 10 -4.93 12.10 -4.20
CA GLU A 10 -5.32 12.36 -2.81
C GLU A 10 -4.71 11.31 -1.87
N VAL A 11 -4.77 10.05 -2.27
CA VAL A 11 -4.23 8.96 -1.47
C VAL A 11 -2.96 8.40 -2.09
N GLN A 12 -1.81 8.82 -1.57
CA GLN A 12 -0.52 8.37 -2.07
C GLN A 12 0.12 7.38 -1.11
N LEU A 13 0.19 6.11 -1.52
CA LEU A 13 0.78 5.07 -0.69
C LEU A 13 2.30 5.23 -0.61
N VAL A 14 2.78 5.65 0.56
CA VAL A 14 4.21 5.85 0.76
C VAL A 14 4.86 4.57 1.29
N VAL A 15 5.65 3.92 0.43
CA VAL A 15 6.33 2.68 0.81
C VAL A 15 7.80 2.95 1.12
N GLU A 16 8.40 2.06 1.90
CA GLU A 16 9.81 2.19 2.29
C GLU A 16 10.52 0.86 2.20
N PRO A 17 11.57 0.79 1.37
CA PRO A 17 12.01 1.94 0.57
C PRO A 17 11.03 2.29 -0.54
N GLU A 18 11.03 3.56 -0.94
CA GLU A 18 10.13 4.03 -1.99
C GLU A 18 10.14 3.08 -3.18
N GLY A 19 11.32 2.84 -3.73
CA GLY A 19 11.45 1.94 -4.87
C GLY A 19 10.47 0.80 -4.82
N GLY A 20 10.28 0.24 -3.63
CA GLY A 20 9.36 -0.87 -3.46
C GLY A 20 10.04 -2.21 -3.61
N ALA A 21 11.30 -2.29 -3.18
CA ALA A 21 12.07 -3.52 -3.26
C ALA A 21 13.06 -3.63 -2.10
N VAL A 22 13.16 -4.83 -1.54
CA VAL A 22 14.08 -5.07 -0.42
C VAL A 22 14.64 -6.49 -0.46
N ALA A 23 15.69 -6.72 0.31
CA ALA A 23 16.32 -8.03 0.37
C ALA A 23 15.36 -9.07 0.97
N PRO A 24 15.65 -10.36 0.71
CA PRO A 24 14.83 -11.47 1.22
C PRO A 24 14.95 -11.64 2.73
N GLY A 25 14.17 -10.85 3.47
CA GLY A 25 14.21 -10.92 4.92
C GLY A 25 14.32 -9.56 5.57
N GLY A 26 13.84 -8.54 4.87
CA GLY A 26 13.91 -7.19 5.41
C GLY A 26 12.60 -6.75 6.03
N THR A 27 12.38 -5.45 6.07
CA THR A 27 11.15 -4.89 6.65
C THR A 27 10.67 -3.69 5.87
N VAL A 28 9.46 -3.81 5.29
CA VAL A 28 8.89 -2.73 4.50
C VAL A 28 7.77 -2.03 5.28
N THR A 29 7.79 -0.70 5.29
CA THR A 29 6.78 0.08 5.98
C THR A 29 5.88 0.82 5.00
N LEU A 30 4.65 0.35 4.87
CA LEU A 30 3.69 0.96 3.97
C LEU A 30 2.80 1.96 4.71
N THR A 31 3.04 3.24 4.45
CA THR A 31 2.26 4.30 5.09
C THR A 31 1.29 4.95 4.10
N CYS A 32 0.01 4.90 4.44
CA CYS A 32 -1.03 5.48 3.58
C CYS A 32 -1.84 6.53 4.34
N GLU A 33 -1.33 7.76 4.37
CA GLU A 33 -2.01 8.85 5.06
C GLU A 33 -2.83 9.68 4.08
N VAL A 34 -3.78 10.45 4.61
CA VAL A 34 -4.64 11.29 3.80
C VAL A 34 -4.60 12.74 4.27
N PRO A 35 -4.55 13.68 3.30
CA PRO A 35 -4.51 15.11 3.59
C PRO A 35 -5.82 15.63 4.17
N ALA A 36 -6.92 15.32 3.48
CA ALA A 36 -8.25 15.75 3.92
C ALA A 36 -8.66 15.02 5.19
N GLN A 37 -8.47 13.71 5.22
CA GLN A 37 -8.83 12.91 6.38
C GLN A 37 -7.59 12.58 7.21
N PRO A 38 -7.63 12.90 8.51
CA PRO A 38 -6.53 12.65 9.43
C PRO A 38 -6.35 11.16 9.72
N SER A 39 -7.44 10.50 10.10
CA SER A 39 -7.39 9.07 10.41
C SER A 39 -8.53 8.33 9.72
N PRO A 40 -8.52 8.35 8.38
CA PRO A 40 -9.55 7.69 7.57
C PRO A 40 -9.46 6.17 7.65
N GLN A 41 -10.38 5.49 6.98
CA GLN A 41 -10.40 4.03 6.97
C GLN A 41 -9.33 3.47 6.04
N ILE A 42 -8.19 3.09 6.61
CA ILE A 42 -7.10 2.53 5.82
C ILE A 42 -7.29 1.04 5.59
N HIS A 43 -6.86 0.57 4.42
CA HIS A 43 -6.99 -0.85 4.08
C HIS A 43 -5.73 -1.34 3.37
N TRP A 44 -5.60 -2.65 3.25
CA TRP A 44 -4.44 -3.25 2.59
C TRP A 44 -4.86 -4.43 1.73
N MET A 45 -4.70 -4.30 0.41
CA MET A 45 -5.06 -5.37 -0.51
C MET A 45 -3.81 -5.96 -1.17
N LYS A 46 -3.89 -7.23 -1.54
CA LYS A 46 -2.77 -7.91 -2.19
C LYS A 46 -3.25 -8.70 -3.41
N ASP A 47 -3.05 -8.12 -4.59
CA ASP A 47 -3.45 -8.77 -5.83
C ASP A 47 -4.97 -8.81 -5.96
N GLY A 48 -5.64 -7.82 -5.36
CA GLY A 48 -7.08 -7.76 -5.42
C GLY A 48 -7.74 -8.36 -4.19
N VAL A 49 -7.07 -9.34 -3.58
CA VAL A 49 -7.59 -10.00 -2.40
C VAL A 49 -6.99 -9.41 -1.13
N PRO A 50 -7.86 -9.09 -0.16
CA PRO A 50 -7.45 -8.51 1.13
C PRO A 50 -6.69 -9.51 2.00
N LEU A 51 -6.08 -9.01 3.06
CA LEU A 51 -5.33 -9.86 3.97
C LEU A 51 -5.88 -9.74 5.39
N PRO A 52 -5.77 -10.84 6.16
CA PRO A 52 -6.23 -10.89 7.55
C PRO A 52 -5.39 -10.04 8.48
N LEU A 53 -5.64 -8.73 8.48
CA LEU A 53 -4.90 -7.81 9.33
C LEU A 53 -5.73 -6.56 9.61
N PRO A 54 -5.48 -5.94 10.78
CA PRO A 54 -6.18 -4.73 11.20
C PRO A 54 -5.81 -3.51 10.36
N PRO A 55 -6.81 -2.71 9.99
CA PRO A 55 -6.61 -1.50 9.18
C PRO A 55 -5.90 -0.40 9.94
N SER A 56 -4.74 0.02 9.43
CA SER A 56 -3.96 1.07 10.06
C SER A 56 -3.21 1.91 9.02
N PRO A 57 -2.88 3.15 9.40
CA PRO A 57 -2.18 4.08 8.51
C PRO A 57 -0.73 3.66 8.27
N VAL A 58 -0.28 2.65 9.00
CA VAL A 58 1.08 2.15 8.87
C VAL A 58 1.13 0.63 8.98
N LEU A 59 1.67 -0.02 7.96
CA LEU A 59 1.77 -1.47 7.93
C LEU A 59 3.23 -1.91 7.81
N ILE A 60 3.72 -2.61 8.82
CA ILE A 60 5.09 -3.10 8.82
C ILE A 60 5.15 -4.58 8.47
N LEU A 61 5.90 -4.90 7.42
CA LEU A 61 6.04 -6.29 6.98
C LEU A 61 7.45 -6.80 7.28
N PRO A 62 7.71 -7.11 8.56
CA PRO A 62 9.01 -7.63 9.00
C PRO A 62 9.27 -9.05 8.50
N GLU A 63 10.53 -9.34 8.20
CA GLU A 63 10.91 -10.65 7.72
C GLU A 63 10.23 -10.98 6.39
N ILE A 64 10.42 -10.09 5.41
CA ILE A 64 9.82 -10.26 4.10
C ILE A 64 10.51 -11.39 3.33
N GLY A 65 9.75 -12.05 2.45
CA GLY A 65 10.31 -13.14 1.66
C GLY A 65 9.68 -13.23 0.28
N PRO A 66 9.74 -14.44 -0.30
CA PRO A 66 9.19 -14.68 -1.65
C PRO A 66 7.66 -14.65 -1.65
N GLN A 67 7.06 -15.08 -0.55
CA GLN A 67 5.60 -15.09 -0.43
C GLN A 67 5.06 -13.68 -0.27
N ASP A 68 5.88 -12.79 0.27
CA ASP A 68 5.48 -11.40 0.47
C ASP A 68 5.37 -10.66 -0.86
N GLN A 69 6.23 -11.03 -1.81
CA GLN A 69 6.23 -10.41 -3.12
C GLN A 69 4.82 -10.31 -3.68
N GLY A 70 4.48 -9.14 -4.22
CA GLY A 70 3.15 -8.93 -4.78
C GLY A 70 2.78 -7.47 -4.84
N THR A 71 1.52 -7.20 -5.21
CA THR A 71 1.03 -5.84 -5.31
C THR A 71 0.44 -5.35 -3.99
N TYR A 72 0.81 -4.16 -3.57
CA TYR A 72 0.32 -3.59 -2.33
C TYR A 72 -0.28 -2.20 -2.55
N SER A 73 -1.54 -2.04 -2.16
CA SER A 73 -2.23 -0.75 -2.33
C SER A 73 -3.25 -0.55 -1.21
N CYS A 74 -3.38 0.70 -0.77
CA CYS A 74 -4.32 1.03 0.29
C CYS A 74 -5.64 1.55 -0.30
N VAL A 75 -6.74 1.24 0.38
CA VAL A 75 -8.07 1.67 -0.07
C VAL A 75 -8.72 2.60 0.96
N ALA A 76 -8.52 3.89 0.78
CA ALA A 76 -9.09 4.89 1.68
C ALA A 76 -10.46 5.36 1.18
N THR A 77 -11.43 5.40 2.09
CA THR A 77 -12.78 5.83 1.75
C THR A 77 -13.39 6.68 2.86
N HIS A 78 -13.96 7.81 2.48
CA HIS A 78 -14.57 8.72 3.44
C HIS A 78 -15.66 9.56 2.78
N SER A 79 -16.34 10.38 3.58
CA SER A 79 -17.41 11.22 3.07
C SER A 79 -16.99 11.92 1.79
N SER A 80 -15.82 12.56 1.82
CA SER A 80 -15.31 13.27 0.66
C SER A 80 -15.32 12.38 -0.57
N HIS A 81 -14.50 11.34 -0.56
CA HIS A 81 -14.43 10.40 -1.68
C HIS A 81 -14.78 9.00 -1.24
N GLY A 82 -15.55 8.29 -2.06
CA GLY A 82 -15.95 6.94 -1.74
C GLY A 82 -14.79 5.98 -1.70
N PRO A 83 -14.96 4.81 -2.35
CA PRO A 83 -13.92 3.78 -2.41
C PRO A 83 -12.73 4.20 -3.29
N GLN A 84 -11.69 4.70 -2.65
CA GLN A 84 -10.50 5.14 -3.38
C GLN A 84 -9.38 4.10 -3.27
N GLU A 85 -8.52 4.06 -4.28
CA GLU A 85 -7.42 3.11 -4.31
C GLU A 85 -6.17 3.73 -4.95
N SER A 86 -5.06 3.73 -4.21
CA SER A 86 -3.83 4.29 -4.71
C SER A 86 -3.20 3.40 -5.77
N ARG A 87 -2.10 3.86 -6.36
CA ARG A 87 -1.41 3.09 -7.39
C ARG A 87 -1.07 1.70 -6.90
N ALA A 88 -0.53 0.86 -7.79
CA ALA A 88 -0.16 -0.50 -7.44
C ALA A 88 1.35 -0.62 -7.20
N VAL A 89 1.71 -1.00 -5.98
CA VAL A 89 3.12 -1.15 -5.63
C VAL A 89 3.54 -2.61 -5.67
N SER A 90 4.38 -2.96 -6.66
CA SER A 90 4.85 -4.32 -6.81
C SER A 90 6.12 -4.56 -5.98
N ILE A 91 5.96 -5.20 -4.84
CA ILE A 91 7.09 -5.49 -3.96
C ILE A 91 7.83 -6.73 -4.41
N SER A 92 9.12 -6.57 -4.71
CA SER A 92 9.95 -7.68 -5.17
C SER A 92 11.23 -7.78 -4.33
N ILE A 93 11.89 -8.92 -4.41
CA ILE A 93 13.12 -9.16 -3.66
C ILE A 93 14.35 -8.78 -4.49
N ILE A 94 15.29 -8.10 -3.87
CA ILE A 94 16.51 -7.69 -4.54
C ILE A 94 17.64 -8.68 -4.29
N GLU A 95 18.46 -8.92 -5.32
CA GLU A 95 19.57 -9.84 -5.20
C GLU A 95 20.88 -9.09 -4.97
N PRO A 96 21.67 -9.58 -4.00
CA PRO A 96 22.96 -8.97 -3.65
C PRO A 96 24.01 -9.16 -4.74
N GLY A 1 -6.97 -1.23 -10.53
CA GLY A 1 -7.74 -0.78 -11.67
C GLY A 1 -7.03 0.32 -12.46
N SER A 2 -7.80 1.20 -13.08
CA SER A 2 -7.24 2.28 -13.86
C SER A 2 -6.67 3.38 -12.96
N SER A 3 -5.56 3.97 -13.39
CA SER A 3 -4.91 5.04 -12.62
C SER A 3 -4.97 6.36 -13.38
N GLY A 4 -4.91 7.46 -12.63
CA GLY A 4 -4.95 8.78 -13.24
C GLY A 4 -6.36 9.27 -13.43
N SER A 5 -6.59 9.99 -14.53
CA SER A 5 -7.92 10.54 -14.83
C SER A 5 -8.63 10.96 -13.55
N SER A 6 -7.91 11.64 -12.68
CA SER A 6 -8.46 12.11 -11.42
C SER A 6 -8.30 13.61 -11.25
N GLY A 7 -7.09 14.10 -11.54
CA GLY A 7 -6.82 15.52 -11.43
C GLY A 7 -5.90 15.85 -10.26
N LEU A 8 -6.33 15.47 -9.06
CA LEU A 8 -5.53 15.73 -7.86
C LEU A 8 -5.21 14.42 -7.13
N GLU A 9 -4.00 14.34 -6.58
CA GLU A 9 -3.58 13.15 -5.85
C GLU A 9 -3.68 13.36 -4.34
N GLU A 10 -4.73 12.82 -3.75
CA GLU A 10 -4.96 12.96 -2.31
C GLU A 10 -4.23 11.86 -1.54
N VAL A 11 -4.43 10.61 -1.97
CA VAL A 11 -3.79 9.47 -1.33
C VAL A 11 -2.35 9.31 -1.79
N GLN A 12 -1.42 9.41 -0.85
CA GLN A 12 0.01 9.28 -1.17
C GLN A 12 0.60 8.04 -0.50
N LEU A 13 0.55 6.92 -1.21
CA LEU A 13 1.09 5.67 -0.69
C LEU A 13 2.61 5.73 -0.57
N VAL A 14 3.10 6.00 0.64
CA VAL A 14 4.54 6.09 0.88
C VAL A 14 5.08 4.76 1.39
N VAL A 15 5.89 4.10 0.59
CA VAL A 15 6.49 2.83 0.96
C VAL A 15 7.97 2.98 1.28
N GLU A 16 8.51 2.05 2.06
CA GLU A 16 9.92 2.08 2.43
C GLU A 16 10.57 0.71 2.23
N PRO A 17 11.57 0.67 1.35
CA PRO A 17 12.05 1.85 0.62
C PRO A 17 11.03 2.33 -0.42
N GLU A 18 11.26 3.54 -0.93
CA GLU A 18 10.36 4.12 -1.94
C GLU A 18 10.24 3.19 -3.15
N GLY A 19 11.39 2.85 -3.73
CA GLY A 19 11.40 1.97 -4.89
C GLY A 19 10.42 0.83 -4.77
N GLY A 20 10.27 0.32 -3.55
CA GLY A 20 9.36 -0.79 -3.31
C GLY A 20 10.04 -2.14 -3.45
N ALA A 21 11.30 -2.21 -3.05
CA ALA A 21 12.06 -3.45 -3.13
C ALA A 21 13.02 -3.58 -1.95
N VAL A 22 13.25 -4.81 -1.51
CA VAL A 22 14.15 -5.07 -0.39
C VAL A 22 14.68 -6.50 -0.44
N ALA A 23 15.83 -6.72 0.19
CA ALA A 23 16.44 -8.04 0.22
C ALA A 23 15.52 -9.06 0.89
N PRO A 24 15.81 -10.36 0.66
CA PRO A 24 15.03 -11.45 1.23
C PRO A 24 15.19 -11.57 2.74
N GLY A 25 14.35 -10.85 3.48
CA GLY A 25 14.42 -10.88 4.93
C GLY A 25 14.49 -9.50 5.54
N GLY A 26 14.06 -8.49 4.79
CA GLY A 26 14.08 -7.13 5.28
C GLY A 26 12.77 -6.71 5.90
N THR A 27 12.54 -5.41 5.96
CA THR A 27 11.31 -4.88 6.53
C THR A 27 10.82 -3.64 5.77
N VAL A 28 9.59 -3.70 5.28
CA VAL A 28 9.01 -2.59 4.53
C VAL A 28 7.87 -1.95 5.31
N THR A 29 7.85 -0.62 5.33
CA THR A 29 6.81 0.12 6.03
C THR A 29 5.93 0.89 5.05
N LEU A 30 4.70 0.44 4.88
CA LEU A 30 3.75 1.09 3.99
C LEU A 30 2.86 2.07 4.74
N THR A 31 3.06 3.36 4.48
CA THR A 31 2.28 4.40 5.13
C THR A 31 1.37 5.11 4.13
N CYS A 32 0.07 5.13 4.43
CA CYS A 32 -0.90 5.78 3.56
C CYS A 32 -1.82 6.68 4.36
N GLU A 33 -1.23 7.53 5.20
CA GLU A 33 -2.02 8.45 6.02
C GLU A 33 -2.76 9.46 5.16
N VAL A 34 -3.47 10.37 5.82
CA VAL A 34 -4.23 11.39 5.10
C VAL A 34 -4.11 12.75 5.79
N PRO A 35 -3.94 13.81 4.99
CA PRO A 35 -3.80 15.18 5.50
C PRO A 35 -5.11 15.70 6.09
N ALA A 36 -6.19 15.57 5.33
CA ALA A 36 -7.50 16.04 5.78
C ALA A 36 -8.02 15.18 6.93
N GLN A 37 -8.01 13.87 6.73
CA GLN A 37 -8.48 12.94 7.76
C GLN A 37 -7.34 12.51 8.67
N PRO A 38 -7.53 12.70 9.98
CA PRO A 38 -6.53 12.33 10.99
C PRO A 38 -6.36 10.82 11.12
N SER A 39 -7.48 10.12 11.30
CA SER A 39 -7.46 8.67 11.45
C SER A 39 -8.36 8.01 10.41
N PRO A 40 -7.94 8.08 9.14
CA PRO A 40 -8.69 7.49 8.02
C PRO A 40 -8.66 5.97 8.04
N GLN A 41 -9.65 5.36 7.40
CA GLN A 41 -9.74 3.90 7.35
C GLN A 41 -9.02 3.36 6.12
N ILE A 42 -7.76 2.96 6.30
CA ILE A 42 -6.96 2.42 5.21
C ILE A 42 -7.02 0.89 5.19
N HIS A 43 -7.33 0.34 4.02
CA HIS A 43 -7.42 -1.12 3.87
C HIS A 43 -6.32 -1.63 2.95
N TRP A 44 -5.65 -2.69 3.38
CA TRP A 44 -4.57 -3.28 2.59
C TRP A 44 -5.04 -4.53 1.86
N MET A 45 -4.97 -4.50 0.53
CA MET A 45 -5.39 -5.63 -0.29
C MET A 45 -4.20 -6.26 -1.00
N LYS A 46 -4.35 -7.52 -1.38
CA LYS A 46 -3.29 -8.24 -2.08
C LYS A 46 -3.83 -8.96 -3.31
N ASP A 47 -3.52 -8.41 -4.48
CA ASP A 47 -3.98 -9.00 -5.73
C ASP A 47 -5.50 -8.99 -5.82
N GLY A 48 -6.12 -8.02 -5.14
CA GLY A 48 -7.57 -7.92 -5.15
C GLY A 48 -8.20 -8.51 -3.91
N VAL A 49 -7.56 -9.53 -3.34
CA VAL A 49 -8.07 -10.18 -2.14
C VAL A 49 -7.51 -9.51 -0.88
N PRO A 50 -8.43 -8.97 -0.06
CA PRO A 50 -8.06 -8.30 1.19
C PRO A 50 -7.54 -9.26 2.25
N LEU A 51 -6.35 -8.98 2.77
CA LEU A 51 -5.74 -9.82 3.79
C LEU A 51 -6.39 -9.59 5.15
N PRO A 52 -6.47 -10.67 5.96
CA PRO A 52 -7.06 -10.60 7.30
C PRO A 52 -6.19 -9.81 8.28
N LEU A 53 -6.38 -8.49 8.29
CA LEU A 53 -5.62 -7.62 9.18
C LEU A 53 -6.37 -6.32 9.44
N PRO A 54 -6.07 -5.68 10.59
CA PRO A 54 -6.70 -4.43 10.98
C PRO A 54 -6.28 -3.25 10.10
N PRO A 55 -7.25 -2.40 9.73
CA PRO A 55 -7.00 -1.24 8.88
C PRO A 55 -6.20 -0.16 9.60
N SER A 56 -4.95 0.03 9.19
CA SER A 56 -4.08 1.02 9.80
C SER A 56 -3.30 1.79 8.73
N PRO A 57 -3.08 3.08 8.99
CA PRO A 57 -2.35 3.96 8.06
C PRO A 57 -0.86 3.61 8.00
N VAL A 58 -0.45 2.62 8.78
CA VAL A 58 0.94 2.20 8.81
C VAL A 58 1.05 0.69 8.92
N LEU A 59 1.44 0.05 7.82
CA LEU A 59 1.59 -1.40 7.78
C LEU A 59 3.06 -1.79 7.64
N ILE A 60 3.50 -2.70 8.50
CA ILE A 60 4.88 -3.18 8.47
C ILE A 60 4.95 -4.66 8.13
N LEU A 61 5.92 -5.02 7.29
CA LEU A 61 6.09 -6.41 6.88
C LEU A 61 7.50 -6.89 7.20
N PRO A 62 7.76 -7.17 8.49
CA PRO A 62 9.06 -7.65 8.95
C PRO A 62 9.36 -9.07 8.48
N GLU A 63 10.63 -9.33 8.17
CA GLU A 63 11.04 -10.65 7.72
C GLU A 63 10.37 -11.00 6.39
N ILE A 64 10.54 -10.13 5.40
CA ILE A 64 9.96 -10.34 4.09
C ILE A 64 10.68 -11.46 3.34
N GLY A 65 9.93 -12.19 2.51
CA GLY A 65 10.52 -13.28 1.75
C GLY A 65 10.00 -13.34 0.33
N PRO A 66 10.16 -14.51 -0.32
CA PRO A 66 9.71 -14.71 -1.70
C PRO A 66 8.18 -14.77 -1.81
N GLN A 67 7.54 -15.28 -0.77
CA GLN A 67 6.09 -15.38 -0.74
C GLN A 67 5.45 -14.01 -0.56
N ASP A 68 6.11 -13.15 0.19
CA ASP A 68 5.62 -11.81 0.46
C ASP A 68 5.46 -11.02 -0.84
N GLN A 69 6.37 -11.26 -1.78
CA GLN A 69 6.34 -10.58 -3.07
C GLN A 69 4.92 -10.56 -3.63
N GLY A 70 4.44 -9.36 -3.98
CA GLY A 70 3.11 -9.22 -4.53
C GLY A 70 2.69 -7.78 -4.70
N THR A 71 1.40 -7.55 -4.86
CA THR A 71 0.87 -6.20 -5.04
C THR A 71 0.27 -5.67 -3.74
N TYR A 72 0.64 -4.44 -3.39
CA TYR A 72 0.14 -3.81 -2.17
C TYR A 72 -0.45 -2.43 -2.47
N SER A 73 -1.74 -2.27 -2.19
CA SER A 73 -2.42 -0.99 -2.43
C SER A 73 -3.20 -0.57 -1.20
N CYS A 74 -3.09 0.71 -0.85
CA CYS A 74 -3.80 1.26 0.30
C CYS A 74 -5.13 1.86 -0.10
N VAL A 75 -6.21 1.33 0.45
CA VAL A 75 -7.56 1.82 0.14
C VAL A 75 -8.12 2.63 1.29
N ALA A 76 -8.17 3.95 1.11
CA ALA A 76 -8.69 4.84 2.14
C ALA A 76 -10.18 5.08 1.95
N THR A 77 -10.96 4.77 2.98
CA THR A 77 -12.41 4.94 2.93
C THR A 77 -12.89 5.84 4.06
N HIS A 78 -13.28 7.06 3.72
CA HIS A 78 -13.76 8.03 4.71
C HIS A 78 -14.71 9.03 4.07
N SER A 79 -15.28 9.90 4.90
CA SER A 79 -16.22 10.91 4.42
C SER A 79 -15.62 11.71 3.27
N SER A 80 -14.67 12.57 3.59
CA SER A 80 -14.01 13.40 2.58
C SER A 80 -13.85 12.62 1.27
N HIS A 81 -13.16 11.49 1.34
CA HIS A 81 -12.92 10.66 0.18
C HIS A 81 -13.45 9.24 0.40
N GLY A 82 -14.32 8.78 -0.50
CA GLY A 82 -14.88 7.45 -0.38
C GLY A 82 -13.84 6.36 -0.57
N PRO A 83 -14.27 5.23 -1.17
CA PRO A 83 -13.38 4.10 -1.43
C PRO A 83 -12.36 4.40 -2.53
N GLN A 84 -11.22 4.96 -2.13
CA GLN A 84 -10.16 5.29 -3.07
C GLN A 84 -9.00 4.31 -2.96
N GLU A 85 -8.56 3.80 -4.11
CA GLU A 85 -7.45 2.84 -4.14
C GLU A 85 -6.21 3.47 -4.77
N SER A 86 -5.09 3.37 -4.07
CA SER A 86 -3.83 3.95 -4.56
C SER A 86 -3.18 3.01 -5.57
N ARG A 87 -2.20 3.53 -6.31
CA ARG A 87 -1.50 2.75 -7.31
C ARG A 87 -1.02 1.42 -6.72
N ALA A 88 -0.97 0.39 -7.56
CA ALA A 88 -0.54 -0.94 -7.13
C ALA A 88 0.98 -1.04 -7.16
N VAL A 89 1.57 -1.26 -5.99
CA VAL A 89 3.02 -1.39 -5.87
C VAL A 89 3.45 -2.85 -5.80
N SER A 90 4.34 -3.26 -6.69
CA SER A 90 4.82 -4.64 -6.72
C SER A 90 6.12 -4.78 -5.93
N ILE A 91 6.00 -5.37 -4.75
CA ILE A 91 7.16 -5.58 -3.88
C ILE A 91 7.98 -6.79 -4.34
N SER A 92 9.21 -6.52 -4.80
CA SER A 92 10.09 -7.58 -5.27
C SER A 92 11.36 -7.65 -4.42
N ILE A 93 12.06 -8.77 -4.50
CA ILE A 93 13.29 -8.96 -3.74
C ILE A 93 14.51 -8.57 -4.56
N ILE A 94 15.40 -7.80 -3.94
CA ILE A 94 16.61 -7.35 -4.62
C ILE A 94 17.72 -8.39 -4.51
N GLU A 95 18.44 -8.61 -5.60
CA GLU A 95 19.53 -9.58 -5.63
C GLU A 95 20.70 -9.10 -4.77
N PRO A 96 21.06 -9.91 -3.76
CA PRO A 96 22.16 -9.60 -2.86
C PRO A 96 23.53 -9.68 -3.54
N GLY A 1 -12.76 1.42 -12.92
CA GLY A 1 -12.23 2.77 -12.82
C GLY A 1 -10.76 2.83 -13.18
N SER A 2 -10.44 3.59 -14.23
CA SER A 2 -9.07 3.73 -14.69
C SER A 2 -8.17 4.19 -13.54
N SER A 3 -6.95 3.66 -13.49
CA SER A 3 -6.00 4.02 -12.45
C SER A 3 -4.81 4.76 -13.04
N GLY A 4 -4.47 5.89 -12.41
CA GLY A 4 -3.35 6.69 -12.88
C GLY A 4 -3.53 8.16 -12.60
N SER A 5 -2.77 9.01 -13.31
CA SER A 5 -2.86 10.45 -13.13
C SER A 5 -3.99 11.04 -13.96
N SER A 6 -5.18 10.45 -13.84
CA SER A 6 -6.35 10.91 -14.57
C SER A 6 -6.49 12.43 -14.47
N GLY A 7 -6.46 12.93 -13.24
CA GLY A 7 -6.59 14.36 -13.02
C GLY A 7 -5.99 14.80 -11.70
N LEU A 8 -6.62 14.39 -10.60
CA LEU A 8 -6.15 14.74 -9.27
C LEU A 8 -5.93 13.50 -8.41
N GLU A 9 -5.36 13.69 -7.23
CA GLU A 9 -5.09 12.58 -6.32
C GLU A 9 -5.16 13.04 -4.87
N GLU A 10 -5.89 12.27 -4.05
CA GLU A 10 -6.05 12.60 -2.64
C GLU A 10 -5.08 11.81 -1.79
N VAL A 11 -5.16 10.48 -1.87
CA VAL A 11 -4.29 9.61 -1.11
C VAL A 11 -2.84 9.74 -1.56
N GLN A 12 -1.92 9.72 -0.60
CA GLN A 12 -0.50 9.84 -0.91
C GLN A 12 0.29 8.72 -0.26
N LEU A 13 0.18 7.51 -0.82
CA LEU A 13 0.89 6.35 -0.30
C LEU A 13 2.39 6.59 -0.30
N VAL A 14 3.05 6.15 0.77
CA VAL A 14 4.50 6.31 0.90
C VAL A 14 5.17 4.98 1.24
N VAL A 15 5.67 4.29 0.22
CA VAL A 15 6.33 3.00 0.42
C VAL A 15 7.75 3.21 0.94
N GLU A 16 8.21 2.27 1.76
CA GLU A 16 9.55 2.34 2.33
C GLU A 16 10.23 0.97 2.30
N PRO A 17 11.35 0.89 1.56
CA PRO A 17 11.91 2.04 0.84
C PRO A 17 11.05 2.44 -0.35
N GLU A 18 11.20 3.70 -0.79
CA GLU A 18 10.43 4.21 -1.91
C GLU A 18 10.79 3.46 -3.19
N GLY A 19 11.79 2.60 -3.11
CA GLY A 19 12.22 1.84 -4.27
C GLY A 19 11.27 0.71 -4.61
N GLY A 20 10.64 0.15 -3.58
CA GLY A 20 9.70 -0.94 -3.79
C GLY A 20 10.40 -2.29 -3.88
N ALA A 21 11.62 -2.36 -3.37
CA ALA A 21 12.39 -3.59 -3.39
C ALA A 21 13.28 -3.71 -2.16
N VAL A 22 13.29 -4.90 -1.56
CA VAL A 22 14.10 -5.15 -0.37
C VAL A 22 14.65 -6.57 -0.36
N ALA A 23 15.81 -6.75 0.25
CA ALA A 23 16.43 -8.06 0.33
C ALA A 23 15.47 -9.10 0.89
N PRO A 24 15.80 -10.39 0.68
CA PRO A 24 14.97 -11.50 1.15
C PRO A 24 14.99 -11.63 2.67
N GLY A 25 14.13 -10.87 3.34
CA GLY A 25 14.07 -10.92 4.79
C GLY A 25 14.18 -9.54 5.42
N GLY A 26 13.74 -8.52 4.70
CA GLY A 26 13.80 -7.17 5.21
C GLY A 26 12.50 -6.74 5.88
N THR A 27 12.27 -5.43 5.93
CA THR A 27 11.07 -4.90 6.54
C THR A 27 10.57 -3.67 5.79
N VAL A 28 9.41 -3.81 5.15
CA VAL A 28 8.82 -2.72 4.38
C VAL A 28 7.77 -1.99 5.21
N THR A 29 7.78 -0.66 5.12
CA THR A 29 6.82 0.17 5.86
C THR A 29 5.89 0.91 4.91
N LEU A 30 4.68 0.38 4.74
CA LEU A 30 3.70 1.01 3.86
C LEU A 30 2.82 1.98 4.63
N THR A 31 3.08 3.27 4.43
CA THR A 31 2.31 4.32 5.11
C THR A 31 1.46 5.10 4.12
N CYS A 32 0.14 4.91 4.22
CA CYS A 32 -0.80 5.60 3.33
C CYS A 32 -1.59 6.66 4.10
N GLU A 33 -0.96 7.24 5.12
CA GLU A 33 -1.61 8.26 5.92
C GLU A 33 -2.02 9.45 5.05
N VAL A 34 -2.77 10.38 5.64
CA VAL A 34 -3.23 11.57 4.94
C VAL A 34 -3.02 12.83 5.76
N PRO A 35 -2.38 13.83 5.16
CA PRO A 35 -2.10 15.11 5.82
C PRO A 35 -3.36 15.93 6.06
N ALA A 36 -4.13 16.14 5.00
CA ALA A 36 -5.37 16.91 5.10
C ALA A 36 -6.45 16.12 5.84
N GLN A 37 -6.90 15.02 5.23
CA GLN A 37 -7.93 14.19 5.84
C GLN A 37 -7.36 13.35 6.97
N PRO A 38 -8.15 13.17 8.03
CA PRO A 38 -7.75 12.39 9.20
C PRO A 38 -7.63 10.89 8.90
N SER A 39 -6.55 10.28 9.37
CA SER A 39 -6.32 8.86 9.15
C SER A 39 -7.64 8.13 8.91
N PRO A 40 -8.06 8.05 7.64
CA PRO A 40 -9.30 7.38 7.25
C PRO A 40 -9.21 5.87 7.42
N GLN A 41 -10.16 5.15 6.80
CA GLN A 41 -10.19 3.70 6.89
C GLN A 41 -9.40 3.07 5.74
N ILE A 42 -8.14 2.76 6.00
CA ILE A 42 -7.28 2.15 5.00
C ILE A 42 -7.24 0.63 5.14
N HIS A 43 -7.41 -0.07 4.02
CA HIS A 43 -7.39 -1.53 4.03
C HIS A 43 -6.26 -2.06 3.15
N TRP A 44 -5.46 -2.97 3.71
CA TRP A 44 -4.35 -3.55 2.99
C TRP A 44 -4.77 -4.83 2.28
N MET A 45 -4.65 -4.85 0.95
CA MET A 45 -5.03 -6.01 0.16
C MET A 45 -3.80 -6.59 -0.55
N LYS A 46 -3.90 -7.86 -0.95
CA LYS A 46 -2.81 -8.54 -1.64
C LYS A 46 -3.31 -9.19 -2.94
N ASP A 47 -3.03 -8.53 -4.06
CA ASP A 47 -3.46 -9.06 -5.36
C ASP A 47 -4.97 -8.94 -5.53
N GLY A 48 -5.55 -7.92 -4.92
CA GLY A 48 -6.99 -7.73 -5.02
C GLY A 48 -7.76 -8.59 -4.04
N VAL A 49 -7.12 -8.93 -2.93
CA VAL A 49 -7.76 -9.76 -1.91
C VAL A 49 -7.58 -9.15 -0.52
N PRO A 50 -8.69 -9.03 0.22
CA PRO A 50 -8.68 -8.47 1.58
C PRO A 50 -8.01 -9.41 2.58
N LEU A 51 -6.85 -8.99 3.08
CA LEU A 51 -6.11 -9.79 4.05
C LEU A 51 -6.64 -9.56 5.46
N PRO A 52 -6.63 -10.62 6.28
CA PRO A 52 -7.10 -10.56 7.66
C PRO A 52 -6.18 -9.74 8.55
N LEU A 53 -6.40 -8.44 8.60
CA LEU A 53 -5.58 -7.54 9.41
C LEU A 53 -6.34 -6.26 9.74
N PRO A 54 -5.95 -5.61 10.85
CA PRO A 54 -6.58 -4.36 11.29
C PRO A 54 -6.25 -3.19 10.37
N PRO A 55 -7.26 -2.36 10.07
CA PRO A 55 -7.10 -1.19 9.21
C PRO A 55 -6.27 -0.09 9.86
N SER A 56 -5.16 0.26 9.22
CA SER A 56 -4.28 1.30 9.74
C SER A 56 -3.52 1.99 8.60
N PRO A 57 -3.20 3.28 8.81
CA PRO A 57 -2.48 4.08 7.81
C PRO A 57 -1.02 3.63 7.65
N VAL A 58 -0.61 2.66 8.46
CA VAL A 58 0.75 2.15 8.42
C VAL A 58 0.76 0.62 8.49
N LEU A 59 1.47 0.00 7.56
CA LEU A 59 1.58 -1.45 7.52
C LEU A 59 3.02 -1.90 7.33
N ILE A 60 3.57 -2.56 8.35
CA ILE A 60 4.94 -3.04 8.30
C ILE A 60 4.99 -4.53 8.00
N LEU A 61 5.90 -4.93 7.11
CA LEU A 61 6.05 -6.33 6.74
C LEU A 61 7.48 -6.80 6.95
N PRO A 62 7.86 -6.99 8.22
CA PRO A 62 9.21 -7.44 8.58
C PRO A 62 9.46 -8.90 8.18
N GLU A 63 10.71 -9.21 7.87
CA GLU A 63 11.09 -10.56 7.46
C GLU A 63 10.36 -10.96 6.19
N ILE A 64 10.51 -10.16 5.15
CA ILE A 64 9.88 -10.43 3.86
C ILE A 64 10.57 -11.57 3.14
N GLY A 65 9.81 -12.33 2.35
CA GLY A 65 10.36 -13.44 1.62
C GLY A 65 9.90 -13.48 0.17
N PRO A 66 10.10 -14.62 -0.49
CA PRO A 66 9.71 -14.81 -1.89
C PRO A 66 8.20 -14.87 -2.06
N GLN A 67 7.51 -15.34 -1.02
CA GLN A 67 6.06 -15.45 -1.05
C GLN A 67 5.40 -14.08 -0.90
N ASP A 68 5.99 -13.23 -0.07
CA ASP A 68 5.47 -11.90 0.16
C ASP A 68 5.42 -11.10 -1.14
N GLN A 69 6.35 -11.40 -2.05
CA GLN A 69 6.40 -10.71 -3.33
C GLN A 69 5.04 -10.67 -4.00
N GLY A 70 4.56 -9.47 -4.29
CA GLY A 70 3.26 -9.33 -4.92
C GLY A 70 2.82 -7.88 -5.03
N THR A 71 1.51 -7.66 -5.06
CA THR A 71 0.96 -6.31 -5.15
C THR A 71 0.38 -5.85 -3.82
N TYR A 72 0.68 -4.62 -3.45
CA TYR A 72 0.20 -4.07 -2.19
C TYR A 72 -0.28 -2.63 -2.38
N SER A 73 -1.53 -2.37 -2.04
CA SER A 73 -2.11 -1.04 -2.17
C SER A 73 -3.05 -0.73 -1.01
N CYS A 74 -3.21 0.55 -0.72
CA CYS A 74 -4.07 0.99 0.37
C CYS A 74 -5.45 1.39 -0.15
N VAL A 75 -6.48 1.05 0.62
CA VAL A 75 -7.85 1.37 0.23
C VAL A 75 -8.50 2.32 1.24
N ALA A 76 -8.55 3.60 0.91
CA ALA A 76 -9.14 4.60 1.79
C ALA A 76 -10.57 4.91 1.37
N THR A 77 -11.51 4.73 2.30
CA THR A 77 -12.91 4.99 2.03
C THR A 77 -13.54 5.84 3.12
N HIS A 78 -14.39 6.78 2.73
CA HIS A 78 -15.06 7.67 3.68
C HIS A 78 -16.16 8.46 3.00
N SER A 79 -16.92 9.21 3.79
CA SER A 79 -18.01 10.02 3.27
C SER A 79 -17.55 10.85 2.08
N SER A 80 -16.60 11.75 2.33
CA SER A 80 -16.07 12.62 1.27
C SER A 80 -15.84 11.83 -0.01
N HIS A 81 -14.92 10.88 0.04
CA HIS A 81 -14.60 10.04 -1.12
C HIS A 81 -14.91 8.58 -0.84
N GLY A 82 -15.61 7.93 -1.77
CA GLY A 82 -15.96 6.54 -1.61
C GLY A 82 -14.74 5.65 -1.45
N PRO A 83 -14.88 4.38 -1.84
CA PRO A 83 -13.78 3.39 -1.75
C PRO A 83 -12.66 3.68 -2.74
N GLN A 84 -11.64 4.41 -2.29
CA GLN A 84 -10.52 4.75 -3.14
C GLN A 84 -9.36 3.79 -2.92
N GLU A 85 -8.56 3.58 -3.97
CA GLU A 85 -7.41 2.69 -3.89
C GLU A 85 -6.18 3.32 -4.52
N SER A 86 -5.16 3.56 -3.70
CA SER A 86 -3.93 4.17 -4.18
C SER A 86 -3.28 3.32 -5.27
N ARG A 87 -2.14 3.76 -5.76
CA ARG A 87 -1.42 3.04 -6.81
C ARG A 87 -1.04 1.64 -6.34
N ALA A 88 -0.50 0.83 -7.25
CA ALA A 88 -0.08 -0.53 -6.93
C ALA A 88 1.42 -0.59 -6.67
N VAL A 89 1.78 -1.15 -5.51
CA VAL A 89 3.18 -1.27 -5.14
C VAL A 89 3.66 -2.71 -5.26
N SER A 90 4.59 -2.95 -6.18
CA SER A 90 5.13 -4.29 -6.41
C SER A 90 6.36 -4.52 -5.55
N ILE A 91 6.19 -5.21 -4.42
CA ILE A 91 7.29 -5.49 -3.53
C ILE A 91 8.11 -6.69 -4.02
N SER A 92 9.24 -6.40 -4.64
CA SER A 92 10.12 -7.44 -5.17
C SER A 92 11.35 -7.62 -4.29
N ILE A 93 12.04 -8.74 -4.47
CA ILE A 93 13.24 -9.02 -3.69
C ILE A 93 14.50 -8.65 -4.47
N ILE A 94 15.48 -8.09 -3.75
CA ILE A 94 16.73 -7.68 -4.37
C ILE A 94 17.80 -8.76 -4.21
N GLU A 95 18.60 -8.96 -5.26
CA GLU A 95 19.66 -9.96 -5.21
C GLU A 95 20.95 -9.37 -4.66
N PRO A 96 21.69 -10.18 -3.90
CA PRO A 96 22.97 -9.75 -3.30
C PRO A 96 24.07 -9.56 -4.33
N GLY A 1 -3.54 -2.91 -15.29
CA GLY A 1 -4.96 -2.91 -15.64
C GLY A 1 -5.48 -1.54 -15.99
N SER A 2 -6.76 -1.44 -16.28
CA SER A 2 -7.38 -0.18 -16.63
C SER A 2 -8.90 -0.28 -16.64
N SER A 3 -9.58 0.84 -16.42
CA SER A 3 -11.03 0.87 -16.39
C SER A 3 -11.57 2.01 -17.24
N GLY A 4 -10.98 3.19 -17.08
CA GLY A 4 -11.41 4.34 -17.84
C GLY A 4 -10.34 5.41 -17.94
N SER A 5 -10.75 6.67 -17.85
CA SER A 5 -9.81 7.79 -17.94
C SER A 5 -9.89 8.66 -16.69
N SER A 6 -9.03 8.36 -15.72
CA SER A 6 -9.00 9.11 -14.47
C SER A 6 -7.58 9.55 -14.13
N GLY A 7 -7.25 10.79 -14.47
CA GLY A 7 -5.91 11.30 -14.19
C GLY A 7 -5.92 12.37 -13.12
N LEU A 8 -5.88 11.93 -11.86
CA LEU A 8 -5.87 12.86 -10.73
C LEU A 8 -4.98 12.36 -9.61
N GLU A 9 -4.42 13.29 -8.83
CA GLU A 9 -3.54 12.94 -7.74
C GLU A 9 -4.13 13.40 -6.40
N GLU A 10 -5.04 12.62 -5.86
CA GLU A 10 -5.68 12.95 -4.59
C GLU A 10 -5.04 12.18 -3.44
N VAL A 11 -4.98 10.86 -3.58
CA VAL A 11 -4.38 10.00 -2.56
C VAL A 11 -2.87 9.93 -2.71
N GLN A 12 -2.17 9.92 -1.57
CA GLN A 12 -0.72 9.85 -1.57
C GLN A 12 -0.23 8.65 -0.78
N LEU A 13 0.67 7.87 -1.38
CA LEU A 13 1.21 6.69 -0.71
C LEU A 13 2.73 6.79 -0.59
N VAL A 14 3.27 6.23 0.48
CA VAL A 14 4.72 6.25 0.72
C VAL A 14 5.20 4.91 1.26
N VAL A 15 5.86 4.14 0.41
CA VAL A 15 6.39 2.84 0.81
C VAL A 15 7.83 2.95 1.29
N GLU A 16 8.26 1.97 2.08
CA GLU A 16 9.61 1.97 2.61
C GLU A 16 10.31 0.63 2.30
N PRO A 17 11.33 0.70 1.43
CA PRO A 17 11.76 1.95 0.80
C PRO A 17 10.74 2.48 -0.21
N GLU A 18 10.97 3.70 -0.67
CA GLU A 18 10.06 4.33 -1.63
C GLU A 18 9.96 3.49 -2.91
N GLY A 19 11.12 3.03 -3.40
CA GLY A 19 11.13 2.22 -4.60
C GLY A 19 10.13 1.08 -4.56
N GLY A 20 10.11 0.35 -3.44
CA GLY A 20 9.18 -0.75 -3.30
C GLY A 20 9.87 -2.09 -3.44
N ALA A 21 11.13 -2.16 -3.02
CA ALA A 21 11.90 -3.40 -3.10
C ALA A 21 12.83 -3.54 -1.90
N VAL A 22 13.07 -4.78 -1.48
CA VAL A 22 13.95 -5.05 -0.35
C VAL A 22 14.53 -6.45 -0.43
N ALA A 23 15.69 -6.65 0.21
CA ALA A 23 16.35 -7.95 0.21
C ALA A 23 15.46 -9.01 0.85
N PRO A 24 15.79 -10.29 0.60
CA PRO A 24 15.03 -11.42 1.14
C PRO A 24 15.21 -11.56 2.66
N GLY A 25 14.40 -10.83 3.42
CA GLY A 25 14.49 -10.89 4.86
C GLY A 25 14.56 -9.52 5.49
N GLY A 26 14.06 -8.51 4.79
CA GLY A 26 14.08 -7.15 5.30
C GLY A 26 12.77 -6.75 5.94
N THR A 27 12.51 -5.46 5.98
CA THR A 27 11.27 -4.94 6.57
C THR A 27 10.75 -3.74 5.80
N VAL A 28 9.57 -3.90 5.22
CA VAL A 28 8.95 -2.83 4.45
C VAL A 28 7.85 -2.13 5.25
N THR A 29 7.81 -0.81 5.16
CA THR A 29 6.82 -0.02 5.87
C THR A 29 5.94 0.76 4.92
N LEU A 30 4.70 0.32 4.76
CA LEU A 30 3.74 0.98 3.87
C LEU A 30 2.97 2.07 4.60
N THR A 31 3.23 3.32 4.25
CA THR A 31 2.56 4.45 4.87
C THR A 31 1.66 5.18 3.87
N CYS A 32 0.36 5.16 4.14
CA CYS A 32 -0.60 5.83 3.27
C CYS A 32 -1.59 6.66 4.08
N GLU A 33 -1.19 7.90 4.39
CA GLU A 33 -2.03 8.81 5.15
C GLU A 33 -2.75 9.78 4.24
N VAL A 34 -3.66 10.57 4.82
CA VAL A 34 -4.41 11.55 4.05
C VAL A 34 -4.37 12.92 4.72
N PRO A 35 -4.22 13.97 3.90
CA PRO A 35 -4.16 15.36 4.40
C PRO A 35 -5.50 15.84 4.93
N ALA A 36 -6.55 15.66 4.13
CA ALA A 36 -7.89 16.09 4.54
C ALA A 36 -8.40 15.24 5.70
N GLN A 37 -8.02 13.96 5.71
CA GLN A 37 -8.45 13.06 6.77
C GLN A 37 -7.26 12.61 7.60
N PRO A 38 -7.32 12.88 8.91
CA PRO A 38 -6.25 12.51 9.86
C PRO A 38 -6.17 10.99 10.08
N SER A 39 -7.32 10.39 10.39
CA SER A 39 -7.38 8.96 10.63
C SER A 39 -8.47 8.31 9.78
N PRO A 40 -8.28 8.33 8.45
CA PRO A 40 -9.23 7.76 7.50
C PRO A 40 -9.25 6.23 7.57
N GLN A 41 -10.02 5.62 6.67
CA GLN A 41 -10.14 4.16 6.62
C GLN A 41 -9.08 3.57 5.71
N ILE A 42 -7.97 3.14 6.30
CA ILE A 42 -6.87 2.55 5.53
C ILE A 42 -7.09 1.05 5.34
N HIS A 43 -6.81 0.57 4.14
CA HIS A 43 -6.96 -0.85 3.83
C HIS A 43 -5.76 -1.38 3.06
N TRP A 44 -5.60 -2.69 3.03
CA TRP A 44 -4.49 -3.32 2.33
C TRP A 44 -4.96 -4.51 1.50
N MET A 45 -4.72 -4.44 0.19
CA MET A 45 -5.12 -5.50 -0.71
C MET A 45 -3.93 -6.38 -1.10
N LYS A 46 -4.21 -7.60 -1.54
CA LYS A 46 -3.17 -8.53 -1.93
C LYS A 46 -3.67 -9.48 -3.03
N ASP A 47 -3.20 -9.24 -4.25
CA ASP A 47 -3.60 -10.08 -5.38
C ASP A 47 -5.08 -9.87 -5.72
N GLY A 48 -5.57 -8.66 -5.47
CA GLY A 48 -6.96 -8.36 -5.75
C GLY A 48 -7.86 -8.62 -4.56
N VAL A 49 -7.42 -9.49 -3.66
CA VAL A 49 -8.19 -9.83 -2.47
C VAL A 49 -7.52 -9.29 -1.21
N PRO A 50 -8.32 -8.68 -0.32
CA PRO A 50 -7.83 -8.12 0.93
C PRO A 50 -7.40 -9.19 1.92
N LEU A 51 -6.56 -8.81 2.87
CA LEU A 51 -6.06 -9.74 3.88
C LEU A 51 -6.69 -9.46 5.24
N PRO A 52 -6.88 -10.52 6.04
CA PRO A 52 -7.47 -10.42 7.37
C PRO A 52 -6.56 -9.70 8.36
N LEU A 53 -6.65 -8.38 8.41
CA LEU A 53 -5.82 -7.58 9.31
C LEU A 53 -6.48 -6.24 9.61
N PRO A 54 -6.10 -5.63 10.74
CA PRO A 54 -6.64 -4.34 11.17
C PRO A 54 -6.17 -3.20 10.27
N PRO A 55 -7.08 -2.28 9.94
CA PRO A 55 -6.77 -1.12 9.09
C PRO A 55 -5.88 -0.11 9.80
N SER A 56 -4.61 -0.07 9.41
CA SER A 56 -3.65 0.85 10.01
C SER A 56 -2.95 1.68 8.95
N PRO A 57 -2.69 2.95 9.25
CA PRO A 57 -2.02 3.87 8.33
C PRO A 57 -0.54 3.52 8.14
N VAL A 58 -0.13 2.37 8.68
CA VAL A 58 1.25 1.93 8.57
C VAL A 58 1.34 0.41 8.71
N LEU A 59 1.56 -0.27 7.59
CA LEU A 59 1.68 -1.73 7.59
C LEU A 59 3.13 -2.16 7.39
N ILE A 60 3.71 -2.75 8.43
CA ILE A 60 5.09 -3.21 8.36
C ILE A 60 5.16 -4.71 8.09
N LEU A 61 5.91 -5.09 7.05
CA LEU A 61 6.06 -6.49 6.69
C LEU A 61 7.47 -6.99 7.01
N PRO A 62 7.70 -7.30 8.29
CA PRO A 62 9.00 -7.79 8.76
C PRO A 62 9.29 -9.21 8.28
N GLU A 63 10.57 -9.50 8.07
CA GLU A 63 10.97 -10.82 7.60
C GLU A 63 10.35 -11.14 6.24
N ILE A 64 10.58 -10.25 5.28
CA ILE A 64 10.04 -10.43 3.94
C ILE A 64 10.80 -11.52 3.18
N GLY A 65 10.09 -12.24 2.33
CA GLY A 65 10.71 -13.31 1.56
C GLY A 65 10.09 -13.47 0.18
N PRO A 66 10.23 -14.66 -0.41
CA PRO A 66 9.69 -14.96 -1.73
C PRO A 66 8.17 -15.03 -1.74
N GLN A 67 7.59 -15.50 -0.64
CA GLN A 67 6.14 -15.62 -0.53
C GLN A 67 5.51 -14.25 -0.25
N ASP A 68 6.24 -13.41 0.46
CA ASP A 68 5.76 -12.07 0.80
C ASP A 68 5.50 -11.26 -0.47
N GLN A 69 6.38 -11.40 -1.44
CA GLN A 69 6.25 -10.68 -2.71
C GLN A 69 4.79 -10.62 -3.15
N GLY A 70 4.40 -9.52 -3.79
CA GLY A 70 3.04 -9.37 -4.26
C GLY A 70 2.73 -7.95 -4.70
N THR A 71 1.49 -7.53 -4.53
CA THR A 71 1.06 -6.19 -4.91
C THR A 71 0.09 -5.61 -3.88
N TYR A 72 0.54 -4.60 -3.16
CA TYR A 72 -0.29 -3.95 -2.15
C TYR A 72 -0.78 -2.59 -2.64
N SER A 73 -1.76 -2.04 -1.93
CA SER A 73 -2.33 -0.75 -2.29
C SER A 73 -3.35 -0.29 -1.25
N CYS A 74 -3.24 0.97 -0.83
CA CYS A 74 -4.14 1.52 0.16
C CYS A 74 -5.45 1.97 -0.49
N VAL A 75 -6.56 1.44 0.01
CA VAL A 75 -7.88 1.79 -0.52
C VAL A 75 -8.66 2.65 0.47
N ALA A 76 -8.48 3.96 0.36
CA ALA A 76 -9.17 4.89 1.25
C ALA A 76 -10.60 5.15 0.77
N THR A 77 -11.39 5.82 1.61
CA THR A 77 -12.77 6.13 1.26
C THR A 77 -13.36 7.16 2.23
N HIS A 78 -13.78 8.30 1.70
CA HIS A 78 -14.36 9.36 2.51
C HIS A 78 -15.34 10.19 1.70
N SER A 79 -16.26 10.85 2.39
CA SER A 79 -17.26 11.69 1.73
C SER A 79 -16.68 12.37 0.50
N SER A 80 -15.52 13.00 0.67
CA SER A 80 -14.85 13.70 -0.42
C SER A 80 -14.77 12.81 -1.65
N HIS A 81 -14.39 11.55 -1.45
CA HIS A 81 -14.26 10.59 -2.54
C HIS A 81 -14.55 9.17 -2.06
N GLY A 82 -15.32 8.44 -2.84
CA GLY A 82 -15.65 7.07 -2.48
C GLY A 82 -14.43 6.19 -2.32
N PRO A 83 -14.54 4.92 -2.73
CA PRO A 83 -13.44 3.95 -2.64
C PRO A 83 -12.32 4.26 -3.63
N GLN A 84 -11.25 4.88 -3.12
CA GLN A 84 -10.11 5.24 -3.96
C GLN A 84 -8.98 4.23 -3.78
N GLU A 85 -7.97 4.33 -4.63
CA GLU A 85 -6.82 3.42 -4.58
C GLU A 85 -5.56 4.11 -5.10
N SER A 86 -4.48 4.01 -4.34
CA SER A 86 -3.21 4.62 -4.72
C SER A 86 -2.49 3.76 -5.75
N ARG A 87 -1.27 4.17 -6.09
CA ARG A 87 -0.47 3.44 -7.07
C ARG A 87 -0.04 2.08 -6.52
N ALA A 88 -0.52 1.02 -7.15
CA ALA A 88 -0.19 -0.34 -6.72
C ALA A 88 1.31 -0.49 -6.51
N VAL A 89 1.69 -0.98 -5.33
CA VAL A 89 3.10 -1.16 -5.00
C VAL A 89 3.48 -2.64 -5.06
N SER A 90 4.40 -2.98 -5.97
CA SER A 90 4.84 -4.36 -6.14
C SER A 90 6.11 -4.62 -5.33
N ILE A 91 5.95 -5.25 -4.17
CA ILE A 91 7.08 -5.55 -3.30
C ILE A 91 7.82 -6.80 -3.79
N SER A 92 9.02 -6.59 -4.33
CA SER A 92 9.83 -7.68 -4.84
C SER A 92 11.14 -7.78 -4.06
N ILE A 93 11.86 -8.88 -4.28
CA ILE A 93 13.14 -9.10 -3.60
C ILE A 93 14.30 -8.59 -4.44
N ILE A 94 15.21 -7.87 -3.80
CA ILE A 94 16.37 -7.32 -4.50
C ILE A 94 17.52 -8.32 -4.52
N GLU A 95 18.20 -8.41 -5.67
CA GLU A 95 19.31 -9.33 -5.82
C GLU A 95 20.59 -8.75 -5.21
N PRO A 96 21.36 -9.61 -4.53
CA PRO A 96 22.62 -9.22 -3.88
C PRO A 96 23.71 -8.86 -4.89
N GLY A 1 10.99 3.22 -15.31
CA GLY A 1 11.14 1.83 -14.92
C GLY A 1 9.89 1.02 -15.18
N SER A 2 9.32 0.46 -14.12
CA SER A 2 8.11 -0.35 -14.24
C SER A 2 6.91 0.51 -14.62
N SER A 3 5.88 -0.13 -15.19
CA SER A 3 4.68 0.58 -15.60
C SER A 3 3.46 0.11 -14.80
N GLY A 4 2.71 1.06 -14.27
CA GLY A 4 1.53 0.73 -13.50
C GLY A 4 0.39 1.68 -13.74
N SER A 5 0.40 2.81 -13.05
CA SER A 5 -0.65 3.82 -13.18
C SER A 5 -0.06 5.23 -13.25
N SER A 6 -0.69 6.08 -14.04
CA SER A 6 -0.23 7.46 -14.20
C SER A 6 -1.40 8.42 -14.28
N GLY A 7 -1.09 9.72 -14.31
CA GLY A 7 -2.14 10.73 -14.39
C GLY A 7 -2.72 11.07 -13.04
N LEU A 8 -4.04 11.24 -12.98
CA LEU A 8 -4.71 11.58 -11.74
C LEU A 8 -4.10 10.82 -10.56
N GLU A 9 -3.67 11.57 -9.55
CA GLU A 9 -3.07 10.97 -8.37
C GLU A 9 -3.18 11.91 -7.17
N GLU A 10 -3.79 11.43 -6.10
CA GLU A 10 -3.97 12.23 -4.89
C GLU A 10 -3.55 11.43 -3.65
N VAL A 11 -3.91 10.15 -3.63
CA VAL A 11 -3.57 9.28 -2.50
C VAL A 11 -2.15 9.53 -2.02
N GLN A 12 -1.87 9.15 -0.78
CA GLN A 12 -0.55 9.33 -0.20
C GLN A 12 0.06 7.99 0.21
N LEU A 13 0.55 7.25 -0.78
CA LEU A 13 1.16 5.95 -0.53
C LEU A 13 2.68 6.04 -0.57
N VAL A 14 3.30 6.24 0.59
CA VAL A 14 4.74 6.34 0.68
C VAL A 14 5.35 5.04 1.19
N VAL A 15 5.85 4.23 0.27
CA VAL A 15 6.46 2.96 0.62
C VAL A 15 7.90 3.15 1.10
N GLU A 16 8.30 2.35 2.09
CA GLU A 16 9.65 2.45 2.64
C GLU A 16 10.33 1.08 2.63
N PRO A 17 11.30 0.92 1.72
CA PRO A 17 11.70 1.97 0.78
C PRO A 17 10.62 2.24 -0.27
N GLU A 18 10.74 3.39 -0.93
CA GLU A 18 9.78 3.78 -1.96
C GLU A 18 9.97 2.95 -3.22
N GLY A 19 11.18 2.41 -3.39
CA GLY A 19 11.48 1.60 -4.56
C GLY A 19 10.60 0.36 -4.65
N GLY A 20 10.20 -0.16 -3.50
CA GLY A 20 9.36 -1.34 -3.46
C GLY A 20 10.16 -2.62 -3.60
N ALA A 21 11.45 -2.55 -3.30
CA ALA A 21 12.33 -3.71 -3.38
C ALA A 21 13.27 -3.78 -2.19
N VAL A 22 13.39 -4.96 -1.60
CA VAL A 22 14.26 -5.17 -0.45
C VAL A 22 14.79 -6.60 -0.40
N ALA A 23 15.90 -6.79 0.31
CA ALA A 23 16.50 -8.10 0.43
C ALA A 23 15.54 -9.10 1.08
N PRO A 24 15.81 -10.40 0.89
CA PRO A 24 14.97 -11.47 1.43
C PRO A 24 15.09 -11.57 2.95
N GLY A 25 14.24 -10.83 3.65
CA GLY A 25 14.26 -10.85 5.10
C GLY A 25 14.37 -9.47 5.71
N GLY A 26 13.92 -8.46 4.94
CA GLY A 26 13.97 -7.09 5.43
C GLY A 26 12.65 -6.63 6.01
N THR A 27 12.44 -5.33 6.02
CA THR A 27 11.21 -4.76 6.56
C THR A 27 10.75 -3.56 5.73
N VAL A 28 9.54 -3.66 5.19
CA VAL A 28 8.98 -2.59 4.36
C VAL A 28 7.78 -1.96 5.04
N THR A 29 7.78 -0.64 5.15
CA THR A 29 6.68 0.08 5.78
C THR A 29 5.91 0.90 4.76
N LEU A 30 4.63 0.56 4.58
CA LEU A 30 3.78 1.27 3.62
C LEU A 30 2.79 2.17 4.35
N THR A 31 2.94 3.48 4.14
CA THR A 31 2.05 4.46 4.77
C THR A 31 0.95 4.89 3.83
N CYS A 32 -0.25 5.10 4.37
CA CYS A 32 -1.39 5.51 3.57
C CYS A 32 -2.27 6.49 4.35
N GLU A 33 -2.40 7.71 3.83
CA GLU A 33 -3.20 8.74 4.47
C GLU A 33 -4.04 9.49 3.44
N VAL A 34 -5.18 10.02 3.89
CA VAL A 34 -6.07 10.77 3.00
C VAL A 34 -6.21 12.21 3.46
N PRO A 35 -6.05 13.15 2.52
CA PRO A 35 -6.16 14.58 2.80
C PRO A 35 -7.59 15.01 3.12
N ALA A 36 -8.55 14.40 2.44
CA ALA A 36 -9.96 14.71 2.66
C ALA A 36 -10.49 13.98 3.89
N GLN A 37 -9.80 12.93 4.30
CA GLN A 37 -10.21 12.15 5.46
C GLN A 37 -9.10 12.08 6.50
N PRO A 38 -9.40 12.55 7.72
CA PRO A 38 -8.44 12.55 8.83
C PRO A 38 -8.13 11.15 9.33
N SER A 39 -9.17 10.39 9.62
CA SER A 39 -9.01 9.02 10.12
C SER A 39 -9.97 8.07 9.41
N PRO A 40 -9.80 7.94 8.09
CA PRO A 40 -10.64 7.07 7.26
C PRO A 40 -10.36 5.59 7.53
N GLN A 41 -11.02 4.72 6.77
CA GLN A 41 -10.85 3.28 6.93
C GLN A 41 -9.74 2.77 6.03
N ILE A 42 -8.54 2.64 6.59
CA ILE A 42 -7.39 2.15 5.84
C ILE A 42 -7.43 0.64 5.70
N HIS A 43 -7.37 0.16 4.47
CA HIS A 43 -7.38 -1.28 4.20
C HIS A 43 -6.19 -1.70 3.35
N TRP A 44 -5.81 -2.96 3.45
CA TRP A 44 -4.68 -3.48 2.69
C TRP A 44 -5.10 -4.70 1.86
N MET A 45 -4.96 -4.59 0.54
CA MET A 45 -5.32 -5.67 -0.36
C MET A 45 -4.12 -6.12 -1.19
N LYS A 46 -4.07 -7.40 -1.51
CA LYS A 46 -2.98 -7.95 -2.30
C LYS A 46 -3.50 -8.69 -3.53
N ASP A 47 -3.21 -8.15 -4.71
CA ASP A 47 -3.65 -8.76 -5.96
C ASP A 47 -5.17 -8.74 -6.06
N GLY A 48 -5.79 -7.70 -5.51
CA GLY A 48 -7.24 -7.59 -5.54
C GLY A 48 -7.92 -8.51 -4.54
N VAL A 49 -7.24 -8.76 -3.43
CA VAL A 49 -7.78 -9.63 -2.39
C VAL A 49 -7.47 -9.09 -1.00
N PRO A 50 -8.50 -9.01 -0.15
CA PRO A 50 -8.36 -8.51 1.22
C PRO A 50 -7.59 -9.47 2.11
N LEU A 51 -6.54 -8.96 2.76
CA LEU A 51 -5.71 -9.77 3.64
C LEU A 51 -6.11 -9.56 5.10
N PRO A 52 -6.04 -10.64 5.90
CA PRO A 52 -6.37 -10.60 7.33
C PRO A 52 -5.35 -9.82 8.14
N LEU A 53 -5.59 -8.52 8.28
CA LEU A 53 -4.68 -7.65 9.04
C LEU A 53 -5.44 -6.46 9.62
N PRO A 54 -4.90 -5.91 10.72
CA PRO A 54 -5.50 -4.75 11.39
C PRO A 54 -5.39 -3.47 10.57
N PRO A 55 -6.48 -2.69 10.53
CA PRO A 55 -6.52 -1.43 9.78
C PRO A 55 -5.65 -0.35 10.41
N SER A 56 -4.67 0.13 9.66
CA SER A 56 -3.76 1.17 10.14
C SER A 56 -3.12 1.91 8.97
N PRO A 57 -2.90 3.22 9.17
CA PRO A 57 -2.29 4.07 8.15
C PRO A 57 -0.81 3.75 7.93
N VAL A 58 -0.32 2.74 8.64
CA VAL A 58 1.08 2.34 8.53
C VAL A 58 1.22 0.82 8.60
N LEU A 59 1.47 0.20 7.45
CA LEU A 59 1.63 -1.25 7.38
C LEU A 59 3.11 -1.64 7.38
N ILE A 60 3.47 -2.56 8.26
CA ILE A 60 4.85 -3.02 8.36
C ILE A 60 4.97 -4.50 8.02
N LEU A 61 5.73 -4.80 6.98
CA LEU A 61 5.92 -6.18 6.54
C LEU A 61 7.32 -6.67 6.90
N PRO A 62 7.56 -6.91 8.19
CA PRO A 62 8.85 -7.39 8.69
C PRO A 62 9.14 -8.83 8.28
N GLU A 63 10.41 -9.15 8.11
CA GLU A 63 10.82 -10.49 7.72
C GLU A 63 10.20 -10.88 6.37
N ILE A 64 10.43 -10.05 5.36
CA ILE A 64 9.89 -10.30 4.03
C ILE A 64 10.64 -11.44 3.34
N GLY A 65 9.92 -12.18 2.51
CA GLY A 65 10.53 -13.29 1.80
C GLY A 65 9.97 -13.46 0.39
N PRO A 66 10.13 -14.67 -0.17
CA PRO A 66 9.64 -14.98 -1.51
C PRO A 66 8.13 -15.03 -1.59
N GLN A 67 7.49 -15.38 -0.47
CA GLN A 67 6.04 -15.47 -0.42
C GLN A 67 5.44 -14.15 0.07
N ASP A 68 6.18 -13.06 -0.10
CA ASP A 68 5.72 -11.75 0.32
C ASP A 68 5.52 -10.83 -0.88
N GLN A 69 6.28 -11.06 -1.93
CA GLN A 69 6.19 -10.25 -3.14
C GLN A 69 4.75 -10.17 -3.63
N GLY A 70 4.48 -9.19 -4.49
CA GLY A 70 3.14 -9.03 -5.02
C GLY A 70 2.69 -7.58 -5.03
N THR A 71 1.46 -7.34 -5.46
CA THR A 71 0.92 -5.99 -5.52
C THR A 71 0.30 -5.58 -4.19
N TYR A 72 0.67 -4.40 -3.70
CA TYR A 72 0.15 -3.89 -2.44
C TYR A 72 -0.49 -2.51 -2.63
N SER A 73 -1.77 -2.42 -2.29
CA SER A 73 -2.50 -1.17 -2.42
C SER A 73 -3.33 -0.89 -1.17
N CYS A 74 -3.55 0.38 -0.87
CA CYS A 74 -4.33 0.78 0.29
C CYS A 74 -5.66 1.42 -0.13
N VAL A 75 -6.75 0.96 0.49
CA VAL A 75 -8.07 1.48 0.18
C VAL A 75 -8.55 2.43 1.27
N ALA A 76 -9.28 3.47 0.86
CA ALA A 76 -9.80 4.45 1.80
C ALA A 76 -11.32 4.56 1.68
N THR A 77 -12.03 3.73 2.42
CA THR A 77 -13.49 3.73 2.39
C THR A 77 -14.04 4.69 3.44
N HIS A 78 -15.28 5.13 3.22
CA HIS A 78 -15.94 6.06 4.14
C HIS A 78 -17.45 6.04 3.95
N SER A 79 -18.15 6.92 4.67
CA SER A 79 -19.60 7.00 4.57
C SER A 79 -20.05 6.90 3.12
N SER A 80 -19.43 7.70 2.25
CA SER A 80 -19.77 7.70 0.83
C SER A 80 -19.07 6.56 0.11
N HIS A 81 -18.80 5.48 0.82
CA HIS A 81 -18.13 4.32 0.24
C HIS A 81 -17.22 4.74 -0.91
N GLY A 82 -16.31 5.67 -0.63
CA GLY A 82 -15.39 6.14 -1.64
C GLY A 82 -13.98 5.63 -1.43
N PRO A 83 -13.74 4.37 -1.80
CA PRO A 83 -12.42 3.74 -1.65
C PRO A 83 -11.38 4.32 -2.61
N GLN A 84 -10.55 5.21 -2.11
CA GLN A 84 -9.52 5.84 -2.91
C GLN A 84 -8.34 4.89 -3.13
N GLU A 85 -8.64 3.65 -3.47
CA GLU A 85 -7.60 2.65 -3.69
C GLU A 85 -6.36 3.28 -4.31
N SER A 86 -5.29 3.36 -3.53
CA SER A 86 -4.04 3.95 -4.00
C SER A 86 -3.44 3.13 -5.14
N ARG A 87 -2.37 3.64 -5.74
CA ARG A 87 -1.72 2.96 -6.84
C ARG A 87 -1.35 1.53 -6.45
N ALA A 88 -0.82 0.78 -7.41
CA ALA A 88 -0.43 -0.61 -7.17
C ALA A 88 1.09 -0.76 -7.19
N VAL A 89 1.65 -1.07 -6.02
CA VAL A 89 3.10 -1.24 -5.89
C VAL A 89 3.47 -2.72 -5.90
N SER A 90 4.47 -3.07 -6.71
CA SER A 90 4.92 -4.45 -6.82
C SER A 90 6.17 -4.67 -5.97
N ILE A 91 6.04 -5.46 -4.91
CA ILE A 91 7.15 -5.76 -4.02
C ILE A 91 7.98 -6.92 -4.55
N SER A 92 9.28 -6.69 -4.71
CA SER A 92 10.18 -7.73 -5.20
C SER A 92 11.42 -7.83 -4.33
N ILE A 93 12.09 -8.99 -4.39
CA ILE A 93 13.29 -9.21 -3.60
C ILE A 93 14.54 -8.83 -4.39
N ILE A 94 15.49 -8.19 -3.72
CA ILE A 94 16.74 -7.78 -4.35
C ILE A 94 17.83 -8.82 -4.16
N GLU A 95 18.67 -8.99 -5.17
CA GLU A 95 19.76 -9.96 -5.10
C GLU A 95 21.09 -9.26 -4.82
N PRO A 96 21.97 -9.94 -4.07
CA PRO A 96 23.29 -9.40 -3.72
C PRO A 96 24.22 -9.33 -4.93
N GLY A 1 3.16 30.90 -12.37
CA GLY A 1 4.06 29.86 -11.89
C GLY A 1 4.09 28.66 -12.81
N SER A 2 3.73 27.50 -12.29
CA SER A 2 3.74 26.26 -13.07
C SER A 2 2.44 26.11 -13.85
N SER A 3 2.49 25.38 -14.96
CA SER A 3 1.33 25.17 -15.80
C SER A 3 0.24 24.43 -15.02
N GLY A 4 0.63 23.36 -14.33
CA GLY A 4 -0.33 22.59 -13.56
C GLY A 4 0.09 21.13 -13.43
N SER A 5 1.09 20.88 -12.60
CA SER A 5 1.58 19.52 -12.37
C SER A 5 0.95 18.90 -11.14
N SER A 6 1.19 19.52 -9.98
CA SER A 6 0.64 19.03 -8.72
C SER A 6 -0.87 18.84 -8.82
N GLY A 7 -1.56 19.92 -9.15
CA GLY A 7 -3.02 19.86 -9.27
C GLY A 7 -3.69 19.50 -7.96
N LEU A 8 -3.98 18.21 -7.79
CA LEU A 8 -4.64 17.74 -6.57
C LEU A 8 -3.98 16.46 -6.06
N GLU A 9 -3.83 16.36 -4.75
CA GLU A 9 -3.22 15.19 -4.14
C GLU A 9 -4.23 14.05 -3.98
N GLU A 10 -4.49 13.35 -5.09
CA GLU A 10 -5.45 12.25 -5.08
C GLU A 10 -5.21 11.33 -3.87
N VAL A 11 -3.99 10.81 -3.77
CA VAL A 11 -3.63 9.92 -2.67
C VAL A 11 -2.19 10.14 -2.23
N GLN A 12 -1.88 9.71 -1.01
CA GLN A 12 -0.54 9.86 -0.47
C GLN A 12 0.03 8.51 -0.04
N LEU A 13 0.47 7.72 -1.01
CA LEU A 13 1.04 6.41 -0.73
C LEU A 13 2.57 6.43 -0.82
N VAL A 14 3.22 6.38 0.34
CA VAL A 14 4.68 6.40 0.38
C VAL A 14 5.22 5.10 0.97
N VAL A 15 5.91 4.32 0.14
CA VAL A 15 6.48 3.06 0.57
C VAL A 15 7.89 3.25 1.14
N GLU A 16 8.36 2.26 1.88
CA GLU A 16 9.68 2.32 2.48
C GLU A 16 10.41 0.98 2.37
N PRO A 17 11.50 0.96 1.60
CA PRO A 17 12.00 2.15 0.90
C PRO A 17 11.09 2.57 -0.24
N GLU A 18 11.25 3.81 -0.70
CA GLU A 18 10.44 4.34 -1.79
C GLU A 18 10.57 3.46 -3.04
N GLY A 19 11.75 2.89 -3.23
CA GLY A 19 11.98 2.04 -4.39
C GLY A 19 10.97 0.92 -4.48
N GLY A 20 10.64 0.32 -3.35
CA GLY A 20 9.68 -0.77 -3.34
C GLY A 20 10.34 -2.13 -3.48
N ALA A 21 11.55 -2.25 -2.97
CA ALA A 21 12.30 -3.50 -3.03
C ALA A 21 13.23 -3.64 -1.84
N VAL A 22 13.26 -4.85 -1.26
CA VAL A 22 14.12 -5.12 -0.12
C VAL A 22 14.70 -6.53 -0.18
N ALA A 23 15.81 -6.74 0.52
CA ALA A 23 16.47 -8.04 0.54
C ALA A 23 15.53 -9.11 1.09
N PRO A 24 15.88 -10.38 0.85
CA PRO A 24 15.09 -11.52 1.32
C PRO A 24 15.14 -11.70 2.83
N GLY A 25 14.30 -10.95 3.54
CA GLY A 25 14.27 -11.03 4.99
C GLY A 25 14.34 -9.67 5.65
N GLY A 26 13.88 -8.65 4.94
CA GLY A 26 13.90 -7.30 5.48
C GLY A 26 12.57 -6.89 6.06
N THR A 27 12.33 -5.58 6.12
CA THR A 27 11.09 -5.05 6.66
C THR A 27 10.62 -3.82 5.90
N VAL A 28 9.50 -3.94 5.20
CA VAL A 28 8.96 -2.83 4.42
C VAL A 28 7.84 -2.13 5.19
N THR A 29 7.76 -0.81 5.00
CA THR A 29 6.73 -0.01 5.68
C THR A 29 5.91 0.78 4.68
N LEU A 30 4.63 0.47 4.58
CA LEU A 30 3.74 1.16 3.66
C LEU A 30 2.91 2.22 4.40
N THR A 31 3.12 3.49 4.04
CA THR A 31 2.40 4.59 4.66
C THR A 31 1.36 5.17 3.71
N CYS A 32 0.12 5.28 4.18
CA CYS A 32 -0.97 5.83 3.37
C CYS A 32 -1.71 6.93 4.14
N GLU A 33 -1.98 8.03 3.44
CA GLU A 33 -2.69 9.15 4.04
C GLU A 33 -3.72 9.74 3.08
N VAL A 34 -4.71 10.43 3.62
CA VAL A 34 -5.76 11.04 2.81
C VAL A 34 -5.87 12.53 3.08
N PRO A 35 -6.04 13.33 2.02
CA PRO A 35 -6.17 14.78 2.12
C PRO A 35 -7.49 15.20 2.78
N ALA A 36 -8.60 14.67 2.27
CA ALA A 36 -9.91 14.98 2.81
C ALA A 36 -10.10 14.38 4.19
N GLN A 37 -9.87 13.07 4.30
CA GLN A 37 -10.02 12.37 5.57
C GLN A 37 -8.68 12.31 6.32
N PRO A 38 -8.69 12.77 7.57
CA PRO A 38 -7.50 12.78 8.42
C PRO A 38 -7.07 11.37 8.84
N SER A 39 -8.02 10.61 9.36
CA SER A 39 -7.74 9.24 9.81
C SER A 39 -8.83 8.28 9.34
N PRO A 40 -8.96 8.14 8.01
CA PRO A 40 -9.96 7.26 7.40
C PRO A 40 -9.65 5.79 7.63
N GLN A 41 -10.54 4.91 7.16
CA GLN A 41 -10.35 3.48 7.31
C GLN A 41 -9.36 2.95 6.28
N ILE A 42 -8.10 2.84 6.67
CA ILE A 42 -7.06 2.33 5.78
C ILE A 42 -7.10 0.81 5.69
N HIS A 43 -7.21 0.31 4.46
CA HIS A 43 -7.25 -1.14 4.24
C HIS A 43 -6.04 -1.60 3.46
N TRP A 44 -5.86 -2.91 3.37
CA TRP A 44 -4.72 -3.49 2.64
C TRP A 44 -5.14 -4.74 1.88
N MET A 45 -4.94 -4.72 0.57
CA MET A 45 -5.30 -5.85 -0.28
C MET A 45 -4.07 -6.37 -1.04
N LYS A 46 -4.01 -7.69 -1.20
CA LYS A 46 -2.89 -8.31 -1.91
C LYS A 46 -3.39 -9.11 -3.10
N ASP A 47 -3.33 -8.50 -4.28
CA ASP A 47 -3.77 -9.15 -5.51
C ASP A 47 -5.29 -9.20 -5.59
N GLY A 48 -5.93 -8.12 -5.15
CA GLY A 48 -7.38 -8.07 -5.16
C GLY A 48 -8.02 -9.03 -4.17
N VAL A 49 -7.39 -9.18 -3.01
CA VAL A 49 -7.90 -10.08 -1.98
C VAL A 49 -7.67 -9.50 -0.59
N PRO A 50 -8.76 -9.38 0.19
CA PRO A 50 -8.70 -8.85 1.55
C PRO A 50 -7.99 -9.78 2.51
N LEU A 51 -7.10 -9.23 3.33
CA LEU A 51 -6.35 -10.02 4.29
C LEU A 51 -6.80 -9.72 5.71
N PRO A 52 -6.82 -10.75 6.57
CA PRO A 52 -7.23 -10.61 7.97
C PRO A 52 -6.22 -9.83 8.79
N LEU A 53 -6.36 -8.50 8.79
CA LEU A 53 -5.46 -7.64 9.54
C LEU A 53 -6.13 -6.32 9.89
N PRO A 54 -5.69 -5.69 10.99
CA PRO A 54 -6.23 -4.41 11.46
C PRO A 54 -5.86 -3.26 10.54
N PRO A 55 -6.84 -2.37 10.28
CA PRO A 55 -6.64 -1.20 9.41
C PRO A 55 -5.73 -0.17 10.04
N SER A 56 -4.77 0.33 9.26
CA SER A 56 -3.83 1.34 9.74
C SER A 56 -3.10 2.00 8.58
N PRO A 57 -2.83 3.31 8.72
CA PRO A 57 -2.13 4.09 7.69
C PRO A 57 -0.66 3.69 7.57
N VAL A 58 -0.25 2.71 8.36
CA VAL A 58 1.13 2.25 8.33
C VAL A 58 1.20 0.73 8.47
N LEU A 59 1.48 0.06 7.35
CA LEU A 59 1.57 -1.40 7.34
C LEU A 59 3.02 -1.86 7.28
N ILE A 60 3.44 -2.65 8.25
CA ILE A 60 4.80 -3.16 8.30
C ILE A 60 4.86 -4.62 7.88
N LEU A 61 5.59 -4.89 6.80
CA LEU A 61 5.73 -6.26 6.29
C LEU A 61 7.12 -6.79 6.58
N PRO A 62 7.39 -7.09 7.86
CA PRO A 62 8.69 -7.63 8.29
C PRO A 62 8.91 -9.05 7.81
N GLU A 63 10.16 -9.50 7.84
CA GLU A 63 10.51 -10.84 7.42
C GLU A 63 9.96 -11.14 6.03
N ILE A 64 10.28 -10.27 5.07
CA ILE A 64 9.82 -10.43 3.70
C ILE A 64 10.57 -11.54 2.98
N GLY A 65 9.88 -12.27 2.11
CA GLY A 65 10.51 -13.34 1.37
C GLY A 65 10.01 -13.44 -0.05
N PRO A 66 10.16 -14.63 -0.66
CA PRO A 66 9.72 -14.89 -2.03
C PRO A 66 8.20 -14.92 -2.15
N GLN A 67 7.53 -15.40 -1.10
CA GLN A 67 6.08 -15.48 -1.09
C GLN A 67 5.45 -14.11 -0.82
N ASP A 68 6.12 -13.33 0.02
CA ASP A 68 5.63 -12.00 0.36
C ASP A 68 5.48 -11.13 -0.89
N GLN A 69 6.38 -11.31 -1.84
CA GLN A 69 6.34 -10.54 -3.08
C GLN A 69 4.94 -10.53 -3.66
N GLY A 70 4.48 -9.34 -4.06
CA GLY A 70 3.16 -9.21 -4.64
C GLY A 70 2.70 -7.77 -4.72
N THR A 71 1.42 -7.57 -5.04
CA THR A 71 0.86 -6.23 -5.14
C THR A 71 0.24 -5.79 -3.81
N TYR A 72 0.60 -4.59 -3.37
CA TYR A 72 0.09 -4.05 -2.12
C TYR A 72 -0.43 -2.64 -2.31
N SER A 73 -1.71 -2.43 -2.00
CA SER A 73 -2.33 -1.12 -2.14
C SER A 73 -3.10 -0.74 -0.88
N CYS A 74 -3.39 0.54 -0.73
CA CYS A 74 -4.12 1.04 0.44
C CYS A 74 -5.45 1.65 0.02
N VAL A 75 -6.53 1.21 0.66
CA VAL A 75 -7.86 1.72 0.37
C VAL A 75 -8.45 2.45 1.57
N ALA A 76 -9.10 3.58 1.30
CA ALA A 76 -9.72 4.38 2.36
C ALA A 76 -11.14 4.76 1.99
N THR A 77 -12.11 4.14 2.67
CA THR A 77 -13.51 4.42 2.42
C THR A 77 -14.08 5.38 3.46
N HIS A 78 -15.36 5.72 3.32
CA HIS A 78 -16.03 6.61 4.25
C HIS A 78 -17.52 6.70 3.96
N SER A 79 -18.21 7.56 4.68
CA SER A 79 -19.65 7.73 4.51
C SER A 79 -20.01 7.80 3.03
N SER A 80 -19.36 8.69 2.31
CA SER A 80 -19.61 8.85 0.88
C SER A 80 -19.10 7.65 0.09
N HIS A 81 -18.32 6.80 0.76
CA HIS A 81 -17.78 5.61 0.12
C HIS A 81 -16.82 5.99 -1.01
N GLY A 82 -15.82 6.79 -0.68
CA GLY A 82 -14.85 7.22 -1.67
C GLY A 82 -13.49 6.58 -1.47
N PRO A 83 -13.34 5.33 -1.93
CA PRO A 83 -12.08 4.58 -1.80
C PRO A 83 -10.98 5.15 -2.68
N GLN A 84 -10.02 5.83 -2.08
CA GLN A 84 -8.91 6.42 -2.82
C GLN A 84 -7.84 5.37 -3.11
N GLU A 85 -8.28 4.17 -3.48
CA GLU A 85 -7.36 3.08 -3.80
C GLU A 85 -6.19 3.59 -4.64
N SER A 86 -5.00 3.57 -4.06
CA SER A 86 -3.80 4.03 -4.75
C SER A 86 -3.31 2.97 -5.75
N ARG A 87 -2.18 3.25 -6.36
CA ARG A 87 -1.60 2.33 -7.35
C ARG A 87 -1.08 1.07 -6.66
N ALA A 88 -1.05 -0.04 -7.39
CA ALA A 88 -0.57 -1.30 -6.86
C ALA A 88 0.95 -1.30 -6.72
N VAL A 89 1.43 -1.62 -5.52
CA VAL A 89 2.87 -1.64 -5.25
C VAL A 89 3.40 -3.07 -5.30
N SER A 90 4.23 -3.35 -6.30
CA SER A 90 4.82 -4.69 -6.46
C SER A 90 6.11 -4.81 -5.65
N ILE A 91 6.02 -5.48 -4.51
CA ILE A 91 7.18 -5.67 -3.64
C ILE A 91 8.03 -6.84 -4.13
N SER A 92 9.24 -6.53 -4.56
CA SER A 92 10.16 -7.56 -5.06
C SER A 92 11.40 -7.65 -4.17
N ILE A 93 12.16 -8.74 -4.31
CA ILE A 93 13.36 -8.94 -3.53
C ILE A 93 14.60 -8.45 -4.28
N ILE A 94 15.56 -7.90 -3.55
CA ILE A 94 16.78 -7.39 -4.15
C ILE A 94 17.88 -8.45 -4.15
N GLU A 95 18.65 -8.51 -5.23
CA GLU A 95 19.72 -9.47 -5.35
C GLU A 95 21.06 -8.85 -4.97
N PRO A 96 21.91 -9.64 -4.28
CA PRO A 96 23.23 -9.18 -3.84
C PRO A 96 24.20 -8.99 -5.01
N GLY A 1 13.38 5.84 -22.47
CA GLY A 1 12.02 5.37 -22.30
C GLY A 1 11.67 5.14 -20.84
N SER A 2 11.77 6.20 -20.04
CA SER A 2 11.47 6.11 -18.62
C SER A 2 9.97 6.34 -18.37
N SER A 3 9.35 5.41 -17.65
CA SER A 3 7.94 5.51 -17.34
C SER A 3 7.71 6.26 -16.03
N GLY A 4 6.53 6.86 -15.90
CA GLY A 4 6.21 7.61 -14.69
C GLY A 4 4.82 8.21 -14.73
N SER A 5 4.37 8.73 -13.60
CA SER A 5 3.05 9.34 -13.50
C SER A 5 3.08 10.79 -13.96
N SER A 6 3.93 11.58 -13.32
CA SER A 6 4.06 13.00 -13.66
C SER A 6 2.71 13.71 -13.55
N GLY A 7 1.96 13.39 -12.50
CA GLY A 7 0.65 13.99 -12.30
C GLY A 7 0.40 14.33 -10.84
N LEU A 8 -0.63 13.72 -10.28
CA LEU A 8 -0.99 13.96 -8.88
C LEU A 8 -1.94 12.87 -8.37
N GLU A 9 -1.80 12.53 -7.09
CA GLU A 9 -2.64 11.52 -6.48
C GLU A 9 -3.04 11.91 -5.06
N GLU A 10 -4.33 11.88 -4.78
CA GLU A 10 -4.84 12.23 -3.46
C GLU A 10 -4.17 11.40 -2.37
N VAL A 11 -4.17 10.09 -2.55
CA VAL A 11 -3.56 9.18 -1.59
C VAL A 11 -2.06 9.41 -1.50
N GLN A 12 -1.49 9.13 -0.33
CA GLN A 12 -0.06 9.31 -0.11
C GLN A 12 0.59 7.98 0.25
N LEU A 13 0.85 7.16 -0.78
CA LEU A 13 1.48 5.86 -0.57
C LEU A 13 3.00 6.00 -0.56
N VAL A 14 3.57 6.18 0.62
CA VAL A 14 5.01 6.31 0.77
C VAL A 14 5.64 5.01 1.22
N VAL A 15 6.15 4.24 0.26
CA VAL A 15 6.79 2.96 0.55
C VAL A 15 8.17 3.17 1.16
N GLU A 16 8.54 2.27 2.06
CA GLU A 16 9.84 2.34 2.72
C GLU A 16 10.58 1.00 2.63
N PRO A 17 11.60 0.95 1.77
CA PRO A 17 12.01 2.10 0.94
C PRO A 17 10.97 2.42 -0.13
N GLU A 18 11.04 3.64 -0.68
CA GLU A 18 10.12 4.07 -1.71
C GLU A 18 10.33 3.27 -2.99
N GLY A 19 11.57 2.87 -3.25
CA GLY A 19 11.88 2.11 -4.44
C GLY A 19 10.97 0.90 -4.60
N GLY A 20 10.70 0.21 -3.50
CA GLY A 20 9.85 -0.96 -3.55
C GLY A 20 10.64 -2.24 -3.73
N ALA A 21 11.84 -2.28 -3.19
CA ALA A 21 12.70 -3.46 -3.29
C ALA A 21 13.57 -3.61 -2.06
N VAL A 22 13.54 -4.80 -1.46
CA VAL A 22 14.34 -5.08 -0.28
C VAL A 22 14.87 -6.51 -0.28
N ALA A 23 15.93 -6.75 0.49
CA ALA A 23 16.52 -8.08 0.57
C ALA A 23 15.53 -9.10 1.10
N PRO A 24 15.80 -10.39 0.86
CA PRO A 24 14.94 -11.49 1.31
C PRO A 24 14.98 -11.67 2.82
N GLY A 25 14.18 -10.88 3.52
CA GLY A 25 14.13 -10.96 4.97
C GLY A 25 14.22 -9.61 5.64
N GLY A 26 13.79 -8.57 4.93
CA GLY A 26 13.83 -7.23 5.48
C GLY A 26 12.49 -6.77 6.02
N THR A 27 12.30 -5.46 6.11
CA THR A 27 11.05 -4.90 6.61
C THR A 27 10.65 -3.65 5.83
N VAL A 28 9.47 -3.70 5.22
CA VAL A 28 8.97 -2.58 4.44
C VAL A 28 7.76 -1.94 5.12
N THR A 29 7.74 -0.61 5.18
CA THR A 29 6.65 0.12 5.79
C THR A 29 5.79 0.82 4.73
N LEU A 30 4.58 0.31 4.53
CA LEU A 30 3.66 0.88 3.55
C LEU A 30 2.72 1.88 4.21
N THR A 31 3.08 3.16 4.14
CA THR A 31 2.27 4.22 4.73
C THR A 31 1.29 4.79 3.71
N CYS A 32 0.06 5.04 4.16
CA CYS A 32 -0.97 5.59 3.28
C CYS A 32 -2.00 6.37 4.09
N GLU A 33 -2.16 7.65 3.76
CA GLU A 33 -3.12 8.50 4.45
C GLU A 33 -3.81 9.45 3.48
N VAL A 34 -5.07 9.77 3.76
CA VAL A 34 -5.84 10.67 2.91
C VAL A 34 -5.74 12.12 3.40
N PRO A 35 -5.59 13.05 2.46
CA PRO A 35 -5.49 14.48 2.76
C PRO A 35 -6.80 15.06 3.29
N ALA A 36 -7.89 14.71 2.63
CA ALA A 36 -9.21 15.19 3.03
C ALA A 36 -9.66 14.56 4.34
N GLN A 37 -9.39 13.27 4.49
CA GLN A 37 -9.76 12.55 5.70
C GLN A 37 -8.56 12.39 6.63
N PRO A 38 -8.73 12.81 7.90
CA PRO A 38 -7.67 12.71 8.90
C PRO A 38 -7.38 11.27 9.31
N SER A 39 -8.43 10.54 9.68
CA SER A 39 -8.28 9.16 10.10
C SER A 39 -9.36 8.28 9.47
N PRO A 40 -9.33 8.19 8.12
CA PRO A 40 -10.29 7.38 7.36
C PRO A 40 -10.10 5.88 7.57
N GLN A 41 -10.79 5.09 6.77
CA GLN A 41 -10.71 3.64 6.87
C GLN A 41 -9.65 3.10 5.92
N ILE A 42 -8.44 2.90 6.44
CA ILE A 42 -7.33 2.39 5.64
C ILE A 42 -7.34 0.86 5.60
N HIS A 43 -7.28 0.30 4.40
CA HIS A 43 -7.28 -1.15 4.23
C HIS A 43 -6.11 -1.59 3.34
N TRP A 44 -5.78 -2.87 3.42
CA TRP A 44 -4.68 -3.42 2.63
C TRP A 44 -5.14 -4.62 1.81
N MET A 45 -4.95 -4.54 0.50
CA MET A 45 -5.36 -5.62 -0.40
C MET A 45 -4.13 -6.30 -1.01
N LYS A 46 -4.30 -7.56 -1.40
CA LYS A 46 -3.21 -8.32 -2.01
C LYS A 46 -3.69 -9.08 -3.24
N ASP A 47 -3.32 -8.59 -4.41
CA ASP A 47 -3.72 -9.21 -5.66
C ASP A 47 -5.23 -9.24 -5.82
N GLY A 48 -5.90 -8.30 -5.15
CA GLY A 48 -7.35 -8.23 -5.21
C GLY A 48 -8.02 -8.74 -3.96
N VAL A 49 -7.41 -9.75 -3.33
CA VAL A 49 -7.94 -10.32 -2.11
C VAL A 49 -7.30 -9.71 -0.87
N PRO A 50 -8.12 -9.25 0.06
CA PRO A 50 -7.65 -8.63 1.31
C PRO A 50 -7.00 -9.64 2.24
N LEU A 51 -6.23 -9.14 3.21
CA LEU A 51 -5.54 -10.00 4.17
C LEU A 51 -6.09 -9.80 5.57
N PRO A 52 -6.07 -10.87 6.38
CA PRO A 52 -6.56 -10.83 7.76
C PRO A 52 -5.67 -10.00 8.67
N LEU A 53 -5.88 -8.68 8.67
CA LEU A 53 -5.09 -7.78 9.49
C LEU A 53 -5.87 -6.50 9.79
N PRO A 54 -5.50 -5.84 10.90
CA PRO A 54 -6.15 -4.60 11.32
C PRO A 54 -5.83 -3.42 10.40
N PRO A 55 -6.85 -2.62 10.08
CA PRO A 55 -6.69 -1.45 9.20
C PRO A 55 -5.88 -0.33 9.86
N SER A 56 -4.87 0.15 9.16
CA SER A 56 -4.02 1.22 9.68
C SER A 56 -3.25 1.90 8.55
N PRO A 57 -3.02 3.21 8.69
CA PRO A 57 -2.29 4.01 7.69
C PRO A 57 -0.81 3.65 7.64
N VAL A 58 -0.41 2.66 8.43
CA VAL A 58 0.98 2.23 8.48
C VAL A 58 1.08 0.71 8.60
N LEU A 59 1.43 0.05 7.51
CA LEU A 59 1.56 -1.40 7.49
C LEU A 59 3.03 -1.82 7.39
N ILE A 60 3.50 -2.52 8.41
CA ILE A 60 4.89 -2.97 8.42
C ILE A 60 4.98 -4.47 8.11
N LEU A 61 5.73 -4.81 7.06
CA LEU A 61 5.90 -6.20 6.67
C LEU A 61 7.30 -6.70 7.00
N PRO A 62 7.54 -6.99 8.28
CA PRO A 62 8.84 -7.49 8.76
C PRO A 62 9.14 -8.90 8.27
N GLU A 63 10.41 -9.19 8.04
CA GLU A 63 10.84 -10.50 7.57
C GLU A 63 10.20 -10.82 6.21
N ILE A 64 10.41 -9.93 5.26
CA ILE A 64 9.86 -10.12 3.91
C ILE A 64 10.58 -11.25 3.18
N GLY A 65 9.85 -11.95 2.33
CA GLY A 65 10.44 -13.05 1.57
C GLY A 65 9.85 -13.17 0.18
N PRO A 66 9.97 -14.37 -0.41
CA PRO A 66 9.46 -14.63 -1.76
C PRO A 66 7.93 -14.65 -1.81
N GLN A 67 7.31 -15.10 -0.72
CA GLN A 67 5.86 -15.17 -0.64
C GLN A 67 5.26 -13.77 -0.49
N ASP A 68 5.96 -12.90 0.23
CA ASP A 68 5.49 -11.53 0.45
C ASP A 68 5.33 -10.80 -0.88
N GLN A 69 6.25 -11.05 -1.81
CA GLN A 69 6.21 -10.41 -3.11
C GLN A 69 4.79 -10.38 -3.66
N GLY A 70 4.39 -9.24 -4.21
CA GLY A 70 3.05 -9.11 -4.76
C GLY A 70 2.60 -7.67 -4.84
N THR A 71 1.36 -7.45 -5.26
CA THR A 71 0.81 -6.11 -5.39
C THR A 71 0.18 -5.65 -4.07
N TYR A 72 0.39 -4.39 -3.74
CA TYR A 72 -0.16 -3.83 -2.50
C TYR A 72 -0.82 -2.48 -2.77
N SER A 73 -2.00 -2.28 -2.17
CA SER A 73 -2.73 -1.03 -2.35
C SER A 73 -3.46 -0.65 -1.06
N CYS A 74 -3.76 0.63 -0.91
CA CYS A 74 -4.45 1.13 0.27
C CYS A 74 -5.81 1.74 -0.11
N VAL A 75 -6.84 1.33 0.61
CA VAL A 75 -8.19 1.84 0.35
C VAL A 75 -8.62 2.84 1.42
N ALA A 76 -9.31 3.89 0.99
CA ALA A 76 -9.78 4.92 1.91
C ALA A 76 -11.29 5.10 1.80
N THR A 77 -12.02 3.99 1.84
CA THR A 77 -13.47 4.02 1.76
C THR A 77 -14.09 4.79 2.92
N HIS A 78 -15.36 5.13 2.80
CA HIS A 78 -16.05 5.86 3.85
C HIS A 78 -17.56 5.85 3.60
N SER A 79 -18.30 6.58 4.44
CA SER A 79 -19.75 6.66 4.32
C SER A 79 -20.17 6.74 2.85
N SER A 80 -19.57 7.68 2.13
CA SER A 80 -19.89 7.87 0.72
C SER A 80 -19.11 6.89 -0.15
N HIS A 81 -18.85 5.70 0.41
CA HIS A 81 -18.12 4.67 -0.32
C HIS A 81 -17.15 5.30 -1.32
N GLY A 82 -16.30 6.20 -0.84
CA GLY A 82 -15.33 6.84 -1.70
C GLY A 82 -13.91 6.40 -1.43
N PRO A 83 -13.62 5.12 -1.71
CA PRO A 83 -12.29 4.55 -1.49
C PRO A 83 -11.26 5.09 -2.48
N GLN A 84 -10.28 5.81 -1.95
CA GLN A 84 -9.23 6.39 -2.79
C GLN A 84 -8.15 5.35 -3.10
N GLU A 85 -8.57 4.11 -3.34
CA GLU A 85 -7.65 3.03 -3.65
C GLU A 85 -6.44 3.55 -4.42
N SER A 86 -5.29 3.58 -3.76
CA SER A 86 -4.05 4.07 -4.38
C SER A 86 -3.57 3.09 -5.45
N ARG A 87 -2.48 3.44 -6.12
CA ARG A 87 -1.91 2.61 -7.16
C ARG A 87 -1.46 1.27 -6.60
N ALA A 88 -1.09 0.36 -7.49
CA ALA A 88 -0.63 -0.97 -7.08
C ALA A 88 0.89 -1.07 -7.13
N VAL A 89 1.51 -1.25 -5.96
CA VAL A 89 2.96 -1.36 -5.88
C VAL A 89 3.40 -2.82 -5.79
N SER A 90 4.15 -3.26 -6.79
CA SER A 90 4.63 -4.64 -6.83
C SER A 90 5.94 -4.78 -6.05
N ILE A 91 5.86 -5.39 -4.87
CA ILE A 91 7.05 -5.58 -4.04
C ILE A 91 7.86 -6.77 -4.51
N SER A 92 9.17 -6.57 -4.67
CA SER A 92 10.07 -7.62 -5.12
C SER A 92 11.34 -7.64 -4.29
N ILE A 93 12.00 -8.79 -4.27
CA ILE A 93 13.24 -8.94 -3.51
C ILE A 93 14.46 -8.64 -4.37
N ILE A 94 15.47 -8.03 -3.77
CA ILE A 94 16.70 -7.68 -4.49
C ILE A 94 17.66 -8.86 -4.51
N GLU A 95 18.41 -8.97 -5.61
CA GLU A 95 19.38 -10.05 -5.76
C GLU A 95 20.73 -9.66 -5.16
N PRO A 96 21.23 -10.52 -4.24
CA PRO A 96 22.51 -10.29 -3.56
C PRO A 96 23.69 -10.43 -4.51
N GLY A 1 4.27 -2.70 -19.53
CA GLY A 1 4.42 -1.46 -18.80
C GLY A 1 3.28 -1.23 -17.83
N SER A 2 3.54 -0.44 -16.79
CA SER A 2 2.54 -0.15 -15.78
C SER A 2 2.13 1.33 -15.82
N SER A 3 0.95 1.63 -15.29
CA SER A 3 0.45 3.00 -15.27
C SER A 3 0.16 3.45 -13.84
N GLY A 4 -0.05 4.75 -13.67
CA GLY A 4 -0.35 5.29 -12.35
C GLY A 4 -1.08 6.60 -12.41
N SER A 5 -1.30 7.21 -11.26
CA SER A 5 -2.01 8.49 -11.18
C SER A 5 -1.02 9.65 -11.12
N SER A 6 -0.51 10.05 -12.29
CA SER A 6 0.44 11.15 -12.36
C SER A 6 -0.25 12.45 -12.76
N GLY A 7 -0.22 13.43 -11.86
CA GLY A 7 -0.84 14.71 -12.13
C GLY A 7 -1.06 15.52 -10.87
N LEU A 8 -2.00 15.10 -10.04
CA LEU A 8 -2.31 15.81 -8.80
C LEU A 8 -1.97 14.94 -7.59
N GLU A 9 -2.06 15.53 -6.40
CA GLU A 9 -1.77 14.81 -5.17
C GLU A 9 -3.05 14.36 -4.48
N GLU A 10 -3.45 13.11 -4.72
CA GLU A 10 -4.66 12.57 -4.13
C GLU A 10 -4.33 11.71 -2.91
N VAL A 11 -3.63 10.60 -3.14
CA VAL A 11 -3.26 9.70 -2.07
C VAL A 11 -1.76 9.73 -1.81
N GLN A 12 -1.37 9.72 -0.55
CA GLN A 12 0.04 9.75 -0.17
C GLN A 12 0.53 8.37 0.25
N LEU A 13 1.05 7.62 -0.72
CA LEU A 13 1.55 6.27 -0.46
C LEU A 13 3.07 6.27 -0.41
N VAL A 14 3.63 6.46 0.78
CA VAL A 14 5.08 6.47 0.95
C VAL A 14 5.57 5.12 1.45
N VAL A 15 6.22 4.37 0.57
CA VAL A 15 6.75 3.06 0.93
C VAL A 15 8.22 3.15 1.30
N GLU A 16 8.73 2.10 1.94
CA GLU A 16 10.13 2.06 2.36
C GLU A 16 10.72 0.67 2.15
N PRO A 17 11.71 0.57 1.26
CA PRO A 17 12.21 1.73 0.50
C PRO A 17 11.19 2.24 -0.51
N GLU A 18 11.48 3.40 -1.09
CA GLU A 18 10.59 3.99 -2.09
C GLU A 18 10.36 3.04 -3.24
N GLY A 19 11.43 2.71 -3.95
CA GLY A 19 11.32 1.80 -5.08
C GLY A 19 10.35 0.67 -4.84
N GLY A 20 10.37 0.14 -3.61
CA GLY A 20 9.48 -0.95 -3.26
C GLY A 20 10.15 -2.31 -3.39
N ALA A 21 11.43 -2.36 -3.05
CA ALA A 21 12.17 -3.61 -3.13
C ALA A 21 13.18 -3.71 -1.98
N VAL A 22 13.19 -4.86 -1.31
CA VAL A 22 14.11 -5.09 -0.20
C VAL A 22 14.65 -6.51 -0.22
N ALA A 23 15.80 -6.72 0.45
CA ALA A 23 16.43 -8.03 0.51
C ALA A 23 15.47 -9.06 1.11
N PRO A 24 15.78 -10.35 0.89
CA PRO A 24 14.97 -11.46 1.40
C PRO A 24 15.06 -11.59 2.91
N GLY A 25 14.31 -10.76 3.63
CA GLY A 25 14.33 -10.81 5.08
C GLY A 25 14.42 -9.42 5.70
N GLY A 26 13.92 -8.42 4.98
CA GLY A 26 13.96 -7.06 5.49
C GLY A 26 12.64 -6.62 6.09
N THR A 27 12.41 -5.31 6.11
CA THR A 27 11.18 -4.76 6.66
C THR A 27 10.70 -3.56 5.87
N VAL A 28 9.54 -3.68 5.23
CA VAL A 28 8.98 -2.60 4.44
C VAL A 28 7.87 -1.88 5.20
N THR A 29 7.84 -0.55 5.08
CA THR A 29 6.83 0.25 5.76
C THR A 29 6.00 1.03 4.75
N LEU A 30 4.71 0.73 4.68
CA LEU A 30 3.80 1.40 3.76
C LEU A 30 2.83 2.31 4.52
N THR A 31 2.98 3.61 4.34
CA THR A 31 2.13 4.58 5.01
C THR A 31 1.11 5.17 4.04
N CYS A 32 -0.15 5.23 4.46
CA CYS A 32 -1.22 5.77 3.64
C CYS A 32 -2.15 6.64 4.47
N GLU A 33 -2.09 7.95 4.24
CA GLU A 33 -2.94 8.89 4.96
C GLU A 33 -3.61 9.87 4.00
N VAL A 34 -4.93 9.98 4.11
CA VAL A 34 -5.70 10.88 3.25
C VAL A 34 -5.66 12.31 3.79
N PRO A 35 -5.53 13.28 2.88
CA PRO A 35 -5.48 14.71 3.23
C PRO A 35 -6.83 15.22 3.71
N ALA A 36 -7.88 14.91 2.96
CA ALA A 36 -9.23 15.34 3.31
C ALA A 36 -9.72 14.65 4.58
N GLN A 37 -9.44 13.34 4.68
CA GLN A 37 -9.85 12.56 5.83
C GLN A 37 -8.67 12.34 6.79
N PRO A 38 -8.86 12.74 8.05
CA PRO A 38 -7.83 12.60 9.08
C PRO A 38 -7.59 11.15 9.47
N SER A 39 -8.68 10.44 9.78
CA SER A 39 -8.59 9.04 10.18
C SER A 39 -9.66 8.21 9.46
N PRO A 40 -9.57 8.16 8.13
CA PRO A 40 -10.51 7.40 7.29
C PRO A 40 -10.36 5.90 7.47
N GLN A 41 -11.14 5.13 6.71
CA GLN A 41 -11.09 3.68 6.78
C GLN A 41 -10.00 3.14 5.88
N ILE A 42 -8.83 2.89 6.45
CA ILE A 42 -7.69 2.36 5.70
C ILE A 42 -7.78 0.85 5.56
N HIS A 43 -7.48 0.35 4.37
CA HIS A 43 -7.53 -1.08 4.10
C HIS A 43 -6.32 -1.52 3.28
N TRP A 44 -6.00 -2.81 3.35
CA TRP A 44 -4.87 -3.36 2.61
C TRP A 44 -5.28 -4.57 1.79
N MET A 45 -5.20 -4.44 0.47
CA MET A 45 -5.56 -5.53 -0.43
C MET A 45 -4.32 -6.16 -1.04
N LYS A 46 -4.45 -7.42 -1.46
CA LYS A 46 -3.34 -8.15 -2.07
C LYS A 46 -3.80 -8.90 -3.31
N ASP A 47 -3.55 -8.31 -4.48
CA ASP A 47 -3.92 -8.92 -5.74
C ASP A 47 -5.43 -9.15 -5.81
N GLY A 48 -6.20 -8.24 -5.20
CA GLY A 48 -7.64 -8.34 -5.20
C GLY A 48 -8.17 -8.97 -3.93
N VAL A 49 -7.37 -9.85 -3.32
CA VAL A 49 -7.77 -10.51 -2.09
C VAL A 49 -7.13 -9.85 -0.87
N PRO A 50 -7.97 -9.46 0.10
CA PRO A 50 -7.51 -8.80 1.33
C PRO A 50 -6.74 -9.76 2.24
N LEU A 51 -6.08 -9.20 3.25
CA LEU A 51 -5.32 -10.01 4.20
C LEU A 51 -5.84 -9.81 5.62
N PRO A 52 -5.67 -10.85 6.46
CA PRO A 52 -6.11 -10.82 7.85
C PRO A 52 -5.27 -9.88 8.70
N LEU A 53 -5.59 -8.59 8.64
CA LEU A 53 -4.86 -7.59 9.41
C LEU A 53 -5.74 -6.38 9.69
N PRO A 54 -5.44 -5.65 10.78
CA PRO A 54 -6.18 -4.46 11.19
C PRO A 54 -5.95 -3.29 10.24
N PRO A 55 -7.03 -2.56 9.93
CA PRO A 55 -6.97 -1.41 9.02
C PRO A 55 -6.24 -0.22 9.65
N SER A 56 -4.96 -0.08 9.33
CA SER A 56 -4.15 1.00 9.86
C SER A 56 -3.43 1.74 8.75
N PRO A 57 -3.09 3.02 9.00
CA PRO A 57 -2.39 3.85 8.03
C PRO A 57 -0.94 3.41 7.81
N VAL A 58 -0.39 2.70 8.79
CA VAL A 58 0.98 2.21 8.70
C VAL A 58 1.01 0.69 8.60
N LEU A 59 1.37 0.18 7.44
CA LEU A 59 1.45 -1.26 7.21
C LEU A 59 2.89 -1.71 7.04
N ILE A 60 3.40 -2.45 8.03
CA ILE A 60 4.76 -2.95 7.98
C ILE A 60 4.80 -4.43 7.58
N LEU A 61 5.73 -4.76 6.70
CA LEU A 61 5.87 -6.14 6.24
C LEU A 61 7.25 -6.68 6.57
N PRO A 62 7.47 -7.01 7.85
CA PRO A 62 8.74 -7.55 8.33
C PRO A 62 9.01 -8.96 7.83
N GLU A 63 10.26 -9.38 7.88
CA GLU A 63 10.64 -10.72 7.42
C GLU A 63 10.06 -11.02 6.05
N ILE A 64 10.34 -10.14 5.09
CA ILE A 64 9.85 -10.30 3.73
C ILE A 64 10.57 -11.43 3.01
N GLY A 65 9.87 -12.13 2.13
CA GLY A 65 10.46 -13.22 1.39
C GLY A 65 9.88 -13.36 -0.01
N PRO A 66 10.04 -14.55 -0.60
CA PRO A 66 9.53 -14.83 -1.94
C PRO A 66 8.00 -14.90 -1.99
N GLN A 67 7.41 -15.42 -0.93
CA GLN A 67 5.95 -15.53 -0.85
C GLN A 67 5.31 -14.17 -0.60
N ASP A 68 6.02 -13.32 0.15
CA ASP A 68 5.51 -11.99 0.46
C ASP A 68 5.37 -11.14 -0.81
N GLN A 69 6.26 -11.38 -1.76
CA GLN A 69 6.23 -10.65 -3.02
C GLN A 69 4.81 -10.60 -3.60
N GLY A 70 4.37 -9.41 -3.99
CA GLY A 70 3.04 -9.26 -4.55
C GLY A 70 2.63 -7.81 -4.70
N THR A 71 1.34 -7.57 -4.85
CA THR A 71 0.83 -6.22 -5.02
C THR A 71 0.25 -5.69 -3.70
N TYR A 72 0.65 -4.47 -3.33
CA TYR A 72 0.19 -3.86 -2.10
C TYR A 72 -0.42 -2.49 -2.38
N SER A 73 -1.67 -2.30 -1.95
CA SER A 73 -2.37 -1.04 -2.15
C SER A 73 -3.22 -0.69 -0.94
N CYS A 74 -3.52 0.60 -0.78
CA CYS A 74 -4.32 1.06 0.34
C CYS A 74 -5.62 1.71 -0.15
N VAL A 75 -6.67 1.58 0.63
CA VAL A 75 -7.97 2.14 0.28
C VAL A 75 -8.50 3.05 1.40
N ALA A 76 -9.26 4.08 1.01
CA ALA A 76 -9.82 5.01 1.98
C ALA A 76 -11.24 5.42 1.58
N THR A 77 -12.18 5.22 2.49
CA THR A 77 -13.58 5.57 2.24
C THR A 77 -14.02 6.71 3.14
N HIS A 78 -15.27 7.14 2.96
CA HIS A 78 -15.82 8.22 3.76
C HIS A 78 -17.32 8.40 3.47
N SER A 79 -17.91 9.43 4.07
CA SER A 79 -19.33 9.70 3.89
C SER A 79 -19.72 9.60 2.41
N SER A 80 -18.89 10.16 1.54
CA SER A 80 -19.15 10.13 0.11
C SER A 80 -18.83 8.76 -0.47
N HIS A 81 -18.05 7.98 0.26
CA HIS A 81 -17.66 6.65 -0.18
C HIS A 81 -16.79 6.71 -1.43
N GLY A 82 -15.70 7.48 -1.35
CA GLY A 82 -14.81 7.61 -2.48
C GLY A 82 -13.51 6.84 -2.29
N PRO A 83 -13.48 5.60 -2.83
CA PRO A 83 -12.31 4.74 -2.72
C PRO A 83 -11.14 5.24 -3.57
N GLN A 84 -10.28 6.05 -2.97
CA GLN A 84 -9.12 6.60 -3.66
C GLN A 84 -7.98 5.58 -3.69
N GLU A 85 -8.32 4.32 -3.89
CA GLU A 85 -7.31 3.26 -3.95
C GLU A 85 -6.06 3.73 -4.68
N SER A 86 -4.93 3.67 -3.99
CA SER A 86 -3.65 4.09 -4.58
C SER A 86 -3.17 3.08 -5.61
N ARG A 87 -2.06 3.40 -6.25
CA ARG A 87 -1.48 2.52 -7.26
C ARG A 87 -0.92 1.26 -6.63
N ALA A 88 -1.02 0.14 -7.35
CA ALA A 88 -0.52 -1.14 -6.85
C ALA A 88 1.01 -1.16 -6.84
N VAL A 89 1.58 -1.45 -5.67
CA VAL A 89 3.03 -1.51 -5.54
C VAL A 89 3.52 -2.95 -5.48
N SER A 90 4.34 -3.32 -6.46
CA SER A 90 4.88 -4.68 -6.52
C SER A 90 6.14 -4.81 -5.68
N ILE A 91 6.02 -5.50 -4.55
CA ILE A 91 7.15 -5.71 -3.65
C ILE A 91 7.99 -6.90 -4.08
N SER A 92 9.19 -6.63 -4.58
CA SER A 92 10.09 -7.68 -5.03
C SER A 92 11.36 -7.72 -4.17
N ILE A 93 12.07 -8.84 -4.23
CA ILE A 93 13.29 -9.01 -3.46
C ILE A 93 14.51 -8.58 -4.27
N ILE A 94 15.43 -7.88 -3.62
CA ILE A 94 16.65 -7.41 -4.27
C ILE A 94 17.77 -8.43 -4.15
N GLU A 95 18.52 -8.61 -5.24
CA GLU A 95 19.63 -9.57 -5.25
C GLU A 95 20.94 -8.87 -4.94
N PRO A 96 21.83 -9.57 -4.21
CA PRO A 96 23.15 -9.05 -3.84
C PRO A 96 24.08 -8.91 -5.04
N GLY A 1 -12.86 -12.51 -11.37
CA GLY A 1 -11.87 -11.55 -11.84
C GLY A 1 -12.44 -10.15 -11.94
N SER A 2 -11.58 -9.15 -11.75
CA SER A 2 -11.99 -7.75 -11.81
C SER A 2 -10.85 -6.87 -12.32
N SER A 3 -11.11 -6.16 -13.42
CA SER A 3 -10.12 -5.28 -14.00
C SER A 3 -10.77 -4.02 -14.57
N GLY A 4 -10.32 -2.87 -14.10
CA GLY A 4 -10.86 -1.60 -14.57
C GLY A 4 -9.79 -0.62 -14.97
N SER A 5 -10.20 0.62 -15.23
CA SER A 5 -9.25 1.66 -15.63
C SER A 5 -8.89 2.56 -14.45
N SER A 6 -7.69 3.12 -14.49
CA SER A 6 -7.21 4.00 -13.42
C SER A 6 -8.34 4.88 -12.90
N GLY A 7 -8.85 4.54 -11.73
CA GLY A 7 -9.94 5.31 -11.13
C GLY A 7 -9.43 6.55 -10.41
N LEU A 8 -10.28 7.13 -9.57
CA LEU A 8 -9.92 8.33 -8.83
C LEU A 8 -8.86 8.02 -7.78
N GLU A 9 -7.60 8.24 -8.14
CA GLU A 9 -6.49 7.99 -7.23
C GLU A 9 -5.95 9.29 -6.65
N GLU A 10 -6.26 9.54 -5.39
CA GLU A 10 -5.82 10.75 -4.71
C GLU A 10 -4.74 10.44 -3.68
N VAL A 11 -5.10 9.68 -2.65
CA VAL A 11 -4.17 9.30 -1.60
C VAL A 11 -2.80 8.99 -2.18
N GLN A 12 -1.76 9.55 -1.56
CA GLN A 12 -0.38 9.33 -2.01
C GLN A 12 0.40 8.51 -0.99
N LEU A 13 0.09 7.23 -0.89
CA LEU A 13 0.76 6.34 0.05
C LEU A 13 2.27 6.31 -0.22
N VAL A 14 3.05 6.17 0.84
CA VAL A 14 4.50 6.13 0.71
C VAL A 14 5.04 4.77 1.15
N VAL A 15 6.08 4.31 0.47
CA VAL A 15 6.70 3.02 0.79
C VAL A 15 8.14 3.21 1.27
N GLU A 16 8.66 2.19 1.95
CA GLU A 16 10.03 2.24 2.45
C GLU A 16 10.71 0.89 2.29
N PRO A 17 11.76 0.86 1.46
CA PRO A 17 12.24 2.04 0.74
C PRO A 17 11.26 2.48 -0.35
N GLU A 18 11.53 3.64 -0.94
CA GLU A 18 10.67 4.17 -2.00
C GLU A 18 10.67 3.24 -3.20
N GLY A 19 11.85 2.83 -3.65
CA GLY A 19 11.95 1.95 -4.79
C GLY A 19 10.86 0.90 -4.81
N GLY A 20 10.57 0.32 -3.65
CA GLY A 20 9.54 -0.69 -3.56
C GLY A 20 10.10 -2.10 -3.61
N ALA A 21 11.35 -2.25 -3.17
CA ALA A 21 12.01 -3.55 -3.16
C ALA A 21 12.94 -3.70 -1.97
N VAL A 22 13.14 -4.93 -1.52
CA VAL A 22 14.00 -5.21 -0.38
C VAL A 22 14.49 -6.65 -0.39
N ALA A 23 15.67 -6.87 0.16
CA ALA A 23 16.25 -8.21 0.23
C ALA A 23 15.27 -9.20 0.82
N PRO A 24 15.53 -10.50 0.60
CA PRO A 24 14.67 -11.58 1.11
C PRO A 24 14.77 -11.72 2.63
N GLY A 25 14.02 -10.89 3.34
CA GLY A 25 14.03 -10.95 4.79
C GLY A 25 14.20 -9.58 5.43
N GLY A 26 13.77 -8.54 4.70
CA GLY A 26 13.89 -7.19 5.20
C GLY A 26 12.59 -6.70 5.83
N THR A 27 12.38 -5.38 5.80
CA THR A 27 11.18 -4.79 6.38
C THR A 27 10.71 -3.60 5.56
N VAL A 28 9.47 -3.66 5.09
CA VAL A 28 8.90 -2.58 4.29
C VAL A 28 7.78 -1.86 5.05
N THR A 29 7.82 -0.54 5.04
CA THR A 29 6.81 0.27 5.72
C THR A 29 5.84 0.89 4.73
N LEU A 30 4.62 0.39 4.70
CA LEU A 30 3.60 0.91 3.79
C LEU A 30 2.71 1.92 4.50
N THR A 31 2.99 3.20 4.30
CA THR A 31 2.22 4.26 4.91
C THR A 31 1.26 4.91 3.91
N CYS A 32 0.07 5.28 4.38
CA CYS A 32 -0.93 5.89 3.53
C CYS A 32 -1.06 7.39 3.84
N GLU A 33 -0.02 8.15 3.52
CA GLU A 33 -0.02 9.59 3.77
C GLU A 33 -1.37 10.20 3.42
N VAL A 34 -1.98 10.88 4.39
CA VAL A 34 -3.28 11.50 4.20
C VAL A 34 -3.34 12.88 4.88
N PRO A 35 -3.94 13.85 4.19
CA PRO A 35 -4.07 15.21 4.70
C PRO A 35 -5.05 15.30 5.87
N ALA A 36 -6.24 14.76 5.67
CA ALA A 36 -7.27 14.77 6.71
C ALA A 36 -7.25 13.48 7.53
N GLN A 37 -7.36 12.35 6.84
CA GLN A 37 -7.34 11.05 7.51
C GLN A 37 -8.44 10.96 8.57
N PRO A 38 -9.66 11.37 8.19
CA PRO A 38 -10.81 11.35 9.08
C PRO A 38 -11.28 9.93 9.41
N SER A 39 -10.55 9.28 10.33
CA SER A 39 -10.90 7.92 10.73
C SER A 39 -11.40 7.11 9.54
N PRO A 40 -10.63 7.15 8.43
CA PRO A 40 -10.99 6.42 7.21
C PRO A 40 -10.86 4.91 7.38
N GLN A 41 -10.95 4.19 6.26
CA GLN A 41 -10.85 2.73 6.28
C GLN A 41 -9.69 2.26 5.41
N ILE A 42 -8.54 2.05 6.03
CA ILE A 42 -7.35 1.59 5.31
C ILE A 42 -7.32 0.07 5.22
N HIS A 43 -7.35 -0.44 3.99
CA HIS A 43 -7.32 -1.88 3.76
C HIS A 43 -6.23 -2.25 2.74
N TRP A 44 -5.33 -3.13 3.15
CA TRP A 44 -4.24 -3.56 2.28
C TRP A 44 -4.63 -4.82 1.51
N MET A 45 -4.69 -4.71 0.19
CA MET A 45 -5.05 -5.84 -0.66
C MET A 45 -3.80 -6.48 -1.25
N LYS A 46 -3.89 -7.78 -1.52
CA LYS A 46 -2.77 -8.53 -2.09
C LYS A 46 -3.12 -9.06 -3.47
N ASP A 47 -2.67 -8.35 -4.51
CA ASP A 47 -2.93 -8.76 -5.88
C ASP A 47 -4.42 -9.07 -6.08
N GLY A 48 -5.27 -8.39 -5.33
CA GLY A 48 -6.70 -8.61 -5.43
C GLY A 48 -7.28 -9.26 -4.20
N VAL A 49 -6.53 -10.18 -3.61
CA VAL A 49 -6.97 -10.88 -2.41
C VAL A 49 -6.53 -10.16 -1.15
N PRO A 50 -7.50 -9.71 -0.35
CA PRO A 50 -7.23 -8.98 0.90
C PRO A 50 -6.65 -9.90 1.97
N LEU A 51 -5.88 -9.31 2.89
CA LEU A 51 -5.26 -10.06 3.96
C LEU A 51 -5.92 -9.74 5.30
N PRO A 52 -6.03 -10.76 6.16
CA PRO A 52 -6.65 -10.60 7.49
C PRO A 52 -5.77 -9.79 8.44
N LEU A 53 -5.97 -8.47 8.42
CA LEU A 53 -5.20 -7.57 9.28
C LEU A 53 -5.99 -6.31 9.57
N PRO A 54 -5.66 -5.65 10.70
CA PRO A 54 -6.32 -4.42 11.12
C PRO A 54 -5.98 -3.23 10.22
N PRO A 55 -7.01 -2.42 9.89
CA PRO A 55 -6.83 -1.25 9.04
C PRO A 55 -6.04 -0.14 9.72
N SER A 56 -4.86 0.15 9.20
CA SER A 56 -3.99 1.18 9.75
C SER A 56 -3.24 1.91 8.65
N PRO A 57 -3.03 3.23 8.85
CA PRO A 57 -2.32 4.06 7.88
C PRO A 57 -0.82 3.74 7.81
N VAL A 58 -0.41 2.72 8.56
CA VAL A 58 0.98 2.31 8.58
C VAL A 58 1.10 0.79 8.76
N LEU A 59 1.44 0.11 7.69
CA LEU A 59 1.59 -1.34 7.72
C LEU A 59 3.05 -1.75 7.58
N ILE A 60 3.54 -2.51 8.54
CA ILE A 60 4.93 -2.96 8.52
C ILE A 60 5.02 -4.46 8.26
N LEU A 61 5.75 -4.84 7.23
CA LEU A 61 5.91 -6.24 6.86
C LEU A 61 7.33 -6.72 7.18
N PRO A 62 7.59 -7.00 8.46
CA PRO A 62 8.90 -7.47 8.91
C PRO A 62 9.20 -8.89 8.45
N GLU A 63 10.46 -9.15 8.12
CA GLU A 63 10.87 -10.47 7.67
C GLU A 63 10.18 -10.84 6.36
N ILE A 64 10.31 -9.97 5.36
CA ILE A 64 9.68 -10.20 4.06
C ILE A 64 10.34 -11.38 3.34
N GLY A 65 9.57 -12.04 2.49
CA GLY A 65 10.09 -13.17 1.75
C GLY A 65 9.49 -13.30 0.36
N PRO A 66 9.52 -14.51 -0.21
CA PRO A 66 8.99 -14.77 -1.54
C PRO A 66 7.46 -14.69 -1.58
N GLN A 67 6.83 -15.21 -0.53
CA GLN A 67 5.37 -15.21 -0.45
C GLN A 67 4.85 -13.78 -0.29
N ASP A 68 5.72 -12.87 0.12
CA ASP A 68 5.34 -11.48 0.30
C ASP A 68 5.26 -10.76 -1.05
N GLN A 69 6.09 -11.18 -1.99
CA GLN A 69 6.11 -10.57 -3.31
C GLN A 69 4.69 -10.39 -3.85
N GLY A 70 4.35 -9.15 -4.18
CA GLY A 70 3.02 -8.87 -4.70
C GLY A 70 2.68 -7.39 -4.63
N THR A 71 1.42 -7.07 -4.92
CA THR A 71 0.96 -5.68 -4.89
C THR A 71 0.38 -5.32 -3.53
N TYR A 72 0.64 -4.11 -3.08
CA TYR A 72 0.13 -3.64 -1.80
C TYR A 72 -0.25 -2.17 -1.86
N SER A 73 -1.51 -1.89 -1.52
CA SER A 73 -2.01 -0.51 -1.54
C SER A 73 -3.10 -0.32 -0.50
N CYS A 74 -3.16 0.87 0.08
CA CYS A 74 -4.15 1.19 1.11
C CYS A 74 -5.47 1.62 0.46
N VAL A 75 -6.53 0.87 0.73
CA VAL A 75 -7.84 1.17 0.19
C VAL A 75 -8.65 2.04 1.14
N ALA A 76 -8.38 3.34 1.12
CA ALA A 76 -9.08 4.29 1.98
C ALA A 76 -10.48 4.58 1.46
N THR A 77 -11.48 4.40 2.32
CA THR A 77 -12.86 4.65 1.94
C THR A 77 -13.55 5.57 2.93
N HIS A 78 -14.12 6.66 2.41
CA HIS A 78 -14.81 7.63 3.25
C HIS A 78 -15.88 8.38 2.46
N SER A 79 -16.78 9.05 3.17
CA SER A 79 -17.86 9.79 2.53
C SER A 79 -17.32 10.67 1.40
N SER A 80 -16.22 11.37 1.68
CA SER A 80 -15.61 12.26 0.69
C SER A 80 -15.42 11.53 -0.64
N HIS A 81 -15.29 10.20 -0.57
CA HIS A 81 -15.10 9.39 -1.76
C HIS A 81 -15.06 7.91 -1.41
N GLY A 82 -15.78 7.10 -2.20
CA GLY A 82 -15.81 5.67 -1.96
C GLY A 82 -14.43 5.04 -2.00
N PRO A 83 -14.23 4.10 -2.94
CA PRO A 83 -12.96 3.40 -3.10
C PRO A 83 -11.86 4.31 -3.65
N GLN A 84 -10.91 4.67 -2.79
CA GLN A 84 -9.81 5.54 -3.19
C GLN A 84 -8.49 4.79 -3.15
N GLU A 85 -8.51 3.52 -3.54
CA GLU A 85 -7.32 2.69 -3.55
C GLU A 85 -6.10 3.50 -4.02
N SER A 86 -5.06 3.52 -3.19
CA SER A 86 -3.85 4.25 -3.51
C SER A 86 -3.08 3.56 -4.64
N ARG A 87 -1.90 4.11 -4.97
CA ARG A 87 -1.08 3.55 -6.03
C ARG A 87 -0.63 2.14 -5.69
N ALA A 88 -0.75 1.23 -6.65
CA ALA A 88 -0.36 -0.16 -6.46
C ALA A 88 1.15 -0.28 -6.27
N VAL A 89 1.55 -0.84 -5.13
CA VAL A 89 2.97 -1.02 -4.83
C VAL A 89 3.39 -2.47 -5.02
N SER A 90 4.24 -2.71 -6.03
CA SER A 90 4.71 -4.05 -6.32
C SER A 90 6.00 -4.35 -5.56
N ILE A 91 5.87 -5.03 -4.43
CA ILE A 91 7.03 -5.38 -3.61
C ILE A 91 7.76 -6.59 -4.17
N SER A 92 9.03 -6.41 -4.50
CA SER A 92 9.84 -7.50 -5.06
C SER A 92 11.10 -7.71 -4.22
N ILE A 93 11.70 -8.89 -4.35
CA ILE A 93 12.91 -9.21 -3.62
C ILE A 93 14.15 -8.87 -4.44
N ILE A 94 15.11 -8.20 -3.80
CA ILE A 94 16.34 -7.81 -4.46
C ILE A 94 17.36 -8.95 -4.45
N GLU A 95 18.05 -9.14 -5.57
CA GLU A 95 19.05 -10.19 -5.68
C GLU A 95 20.43 -9.69 -5.27
N PRO A 96 20.98 -10.30 -4.20
CA PRO A 96 22.30 -9.92 -3.68
C PRO A 96 23.43 -10.31 -4.62
N GLY A 1 -4.15 12.39 -21.44
CA GLY A 1 -3.72 11.58 -22.56
C GLY A 1 -2.22 11.69 -22.82
N SER A 2 -1.46 10.70 -22.39
CA SER A 2 -0.02 10.70 -22.58
C SER A 2 0.64 11.77 -21.72
N SER A 3 0.18 11.90 -20.48
CA SER A 3 0.71 12.89 -19.56
C SER A 3 1.92 12.33 -18.80
N GLY A 4 3.00 13.10 -18.77
CA GLY A 4 4.20 12.67 -18.06
C GLY A 4 4.33 13.30 -16.69
N SER A 5 5.57 13.41 -16.21
CA SER A 5 5.82 13.99 -14.89
C SER A 5 4.86 15.14 -14.61
N SER A 6 4.21 15.09 -13.45
CA SER A 6 3.26 16.13 -13.07
C SER A 6 3.26 16.32 -11.55
N GLY A 7 2.49 17.30 -11.09
CA GLY A 7 2.41 17.57 -9.67
C GLY A 7 0.98 17.54 -9.14
N LEU A 8 0.27 16.46 -9.46
CA LEU A 8 -1.12 16.32 -9.02
C LEU A 8 -1.45 14.85 -8.75
N GLU A 9 -1.96 14.57 -7.55
CA GLU A 9 -2.32 13.21 -7.18
C GLU A 9 -3.29 13.21 -6.00
N GLU A 10 -4.43 12.57 -6.18
CA GLU A 10 -5.45 12.50 -5.13
C GLU A 10 -4.92 11.73 -3.92
N VAL A 11 -4.56 10.48 -4.15
CA VAL A 11 -4.03 9.63 -3.07
C VAL A 11 -2.51 9.57 -3.11
N GLN A 12 -1.92 9.17 -1.99
CA GLN A 12 -0.46 9.07 -1.90
C GLN A 12 -0.05 7.84 -1.08
N LEU A 13 0.80 7.00 -1.67
CA LEU A 13 1.26 5.80 -0.99
C LEU A 13 2.78 5.81 -0.84
N VAL A 14 3.26 6.24 0.32
CA VAL A 14 4.69 6.30 0.58
C VAL A 14 5.20 4.98 1.15
N VAL A 15 5.89 4.21 0.32
CA VAL A 15 6.43 2.92 0.74
C VAL A 15 7.80 3.08 1.39
N GLU A 16 8.18 2.12 2.22
CA GLU A 16 9.47 2.16 2.90
C GLU A 16 10.22 0.85 2.73
N PRO A 17 11.41 0.91 2.12
CA PRO A 17 11.98 2.17 1.63
C PRO A 17 11.21 2.73 0.43
N GLU A 18 11.62 3.92 -0.02
CA GLU A 18 10.97 4.56 -1.16
C GLU A 18 11.50 4.00 -2.46
N GLY A 19 11.14 2.76 -2.77
CA GLY A 19 11.59 2.12 -4.00
C GLY A 19 10.78 0.89 -4.34
N GLY A 20 10.41 0.13 -3.31
CA GLY A 20 9.63 -1.08 -3.54
C GLY A 20 10.51 -2.30 -3.76
N ALA A 21 11.68 -2.30 -3.15
CA ALA A 21 12.62 -3.40 -3.29
C ALA A 21 13.46 -3.56 -2.03
N VAL A 22 13.37 -4.74 -1.40
CA VAL A 22 14.11 -5.03 -0.19
C VAL A 22 14.66 -6.45 -0.20
N ALA A 23 15.73 -6.67 0.55
CA ALA A 23 16.35 -7.99 0.62
C ALA A 23 15.36 -9.04 1.12
N PRO A 24 15.66 -10.31 0.86
CA PRO A 24 14.81 -11.44 1.27
C PRO A 24 14.80 -11.64 2.78
N GLY A 25 13.91 -10.93 3.46
CA GLY A 25 13.81 -11.05 4.91
C GLY A 25 13.95 -9.71 5.61
N GLY A 26 13.51 -8.64 4.94
CA GLY A 26 13.60 -7.32 5.52
C GLY A 26 12.28 -6.87 6.13
N THR A 27 12.08 -5.55 6.19
CA THR A 27 10.86 -4.99 6.74
C THR A 27 10.43 -3.75 5.98
N VAL A 28 9.28 -3.83 5.32
CA VAL A 28 8.77 -2.70 4.56
C VAL A 28 7.60 -2.03 5.28
N THR A 29 7.58 -0.70 5.26
CA THR A 29 6.53 0.06 5.92
C THR A 29 5.75 0.90 4.92
N LEU A 30 4.52 0.47 4.62
CA LEU A 30 3.67 1.19 3.68
C LEU A 30 2.77 2.20 4.40
N THR A 31 2.80 3.45 3.94
CA THR A 31 1.99 4.49 4.54
C THR A 31 0.91 4.98 3.57
N CYS A 32 -0.30 5.16 4.09
CA CYS A 32 -1.42 5.62 3.28
C CYS A 32 -2.19 6.73 3.99
N GLU A 33 -2.51 7.79 3.26
CA GLU A 33 -3.24 8.92 3.81
C GLU A 33 -4.16 9.54 2.77
N VAL A 34 -5.13 10.32 3.24
CA VAL A 34 -6.08 10.99 2.34
C VAL A 34 -6.17 12.47 2.63
N PRO A 35 -6.20 13.29 1.57
CA PRO A 35 -6.28 14.74 1.69
C PRO A 35 -7.64 15.20 2.20
N ALA A 36 -8.70 14.73 1.56
CA ALA A 36 -10.06 15.08 1.95
C ALA A 36 -10.40 14.53 3.33
N GLN A 37 -9.97 13.30 3.59
CA GLN A 37 -10.23 12.66 4.88
C GLN A 37 -8.98 12.64 5.74
N PRO A 38 -9.08 13.21 6.95
CA PRO A 38 -7.96 13.27 7.90
C PRO A 38 -7.61 11.90 8.46
N SER A 39 -8.60 11.19 8.97
CA SER A 39 -8.40 9.87 9.54
C SER A 39 -9.46 8.89 9.06
N PRO A 40 -9.51 8.68 7.73
CA PRO A 40 -10.48 7.76 7.11
C PRO A 40 -10.19 6.30 7.44
N GLN A 41 -11.00 5.41 6.90
CA GLN A 41 -10.84 3.97 7.13
C GLN A 41 -9.81 3.39 6.18
N ILE A 42 -8.60 3.17 6.67
CA ILE A 42 -7.52 2.61 5.87
C ILE A 42 -7.66 1.10 5.73
N HIS A 43 -7.18 0.56 4.62
CA HIS A 43 -7.26 -0.88 4.37
C HIS A 43 -6.07 -1.35 3.54
N TRP A 44 -5.60 -2.56 3.80
CA TRP A 44 -4.47 -3.12 3.06
C TRP A 44 -4.89 -4.38 2.31
N MET A 45 -4.72 -4.36 0.99
CA MET A 45 -5.07 -5.51 0.17
C MET A 45 -3.88 -5.93 -0.70
N LYS A 46 -3.70 -7.24 -0.84
CA LYS A 46 -2.62 -7.78 -1.64
C LYS A 46 -3.15 -8.67 -2.76
N ASP A 47 -3.04 -8.19 -4.00
CA ASP A 47 -3.52 -8.95 -5.15
C ASP A 47 -5.04 -9.03 -5.16
N GLY A 48 -5.69 -7.95 -4.74
CA GLY A 48 -7.14 -7.92 -4.71
C GLY A 48 -7.72 -8.83 -3.64
N VAL A 49 -6.98 -8.99 -2.55
CA VAL A 49 -7.42 -9.85 -1.45
C VAL A 49 -7.10 -9.21 -0.10
N PRO A 50 -8.13 -9.08 0.75
CA PRO A 50 -7.97 -8.49 2.09
C PRO A 50 -7.19 -9.39 3.03
N LEU A 51 -6.04 -8.90 3.47
CA LEU A 51 -5.19 -9.67 4.39
C LEU A 51 -5.65 -9.50 5.83
N PRO A 52 -5.44 -10.54 6.65
CA PRO A 52 -5.83 -10.52 8.06
C PRO A 52 -4.95 -9.58 8.89
N LEU A 53 -5.26 -8.29 8.83
CA LEU A 53 -4.51 -7.29 9.58
C LEU A 53 -5.38 -6.08 9.89
N PRO A 54 -5.03 -5.36 10.97
CA PRO A 54 -5.76 -4.16 11.40
C PRO A 54 -5.59 -2.99 10.44
N PRO A 55 -6.70 -2.30 10.15
CA PRO A 55 -6.69 -1.14 9.24
C PRO A 55 -5.97 0.06 9.84
N SER A 56 -4.74 0.30 9.37
CA SER A 56 -3.94 1.42 9.86
C SER A 56 -3.23 2.12 8.71
N PRO A 57 -2.94 3.42 8.90
CA PRO A 57 -2.26 4.22 7.89
C PRO A 57 -0.80 3.82 7.71
N VAL A 58 -0.37 2.81 8.47
CA VAL A 58 1.01 2.33 8.40
C VAL A 58 1.07 0.82 8.52
N LEU A 59 1.38 0.15 7.41
CA LEU A 59 1.47 -1.31 7.40
C LEU A 59 2.93 -1.76 7.32
N ILE A 60 3.28 -2.72 8.18
CA ILE A 60 4.63 -3.25 8.21
C ILE A 60 4.68 -4.70 7.77
N LEU A 61 5.42 -4.96 6.69
CA LEU A 61 5.54 -6.32 6.16
C LEU A 61 6.93 -6.90 6.45
N PRO A 62 7.18 -7.19 7.74
CA PRO A 62 8.47 -7.76 8.17
C PRO A 62 8.66 -9.19 7.69
N GLU A 63 9.90 -9.66 7.74
CA GLU A 63 10.22 -11.02 7.32
C GLU A 63 9.68 -11.29 5.91
N ILE A 64 10.07 -10.44 4.98
CA ILE A 64 9.63 -10.59 3.59
C ILE A 64 10.43 -11.68 2.87
N GLY A 65 9.79 -12.34 1.92
CA GLY A 65 10.45 -13.40 1.18
C GLY A 65 9.96 -13.50 -0.25
N PRO A 66 10.13 -14.68 -0.87
CA PRO A 66 9.71 -14.92 -2.24
C PRO A 66 8.19 -14.95 -2.39
N GLN A 67 7.51 -15.55 -1.42
CA GLN A 67 6.06 -15.64 -1.44
C GLN A 67 5.43 -14.28 -1.15
N ASP A 68 6.08 -13.49 -0.32
CA ASP A 68 5.58 -12.18 0.04
C ASP A 68 5.48 -11.28 -1.18
N GLN A 69 6.41 -11.44 -2.11
CA GLN A 69 6.42 -10.64 -3.34
C GLN A 69 5.03 -10.58 -3.96
N GLY A 70 4.57 -9.37 -4.26
CA GLY A 70 3.26 -9.20 -4.86
C GLY A 70 2.83 -7.75 -4.91
N THR A 71 1.58 -7.52 -5.27
CA THR A 71 1.04 -6.17 -5.36
C THR A 71 0.42 -5.73 -4.03
N TYR A 72 0.73 -4.51 -3.61
CA TYR A 72 0.21 -3.97 -2.37
C TYR A 72 -0.45 -2.62 -2.59
N SER A 73 -1.74 -2.53 -2.28
CA SER A 73 -2.49 -1.29 -2.45
C SER A 73 -3.32 -0.98 -1.21
N CYS A 74 -3.52 0.30 -0.94
CA CYS A 74 -4.28 0.73 0.22
C CYS A 74 -5.62 1.33 -0.21
N VAL A 75 -6.69 0.96 0.50
CA VAL A 75 -8.02 1.46 0.19
C VAL A 75 -8.49 2.47 1.25
N ALA A 76 -9.42 3.32 0.87
CA ALA A 76 -9.95 4.33 1.78
C ALA A 76 -11.48 4.35 1.75
N THR A 77 -12.09 3.72 2.75
CA THR A 77 -13.54 3.66 2.83
C THR A 77 -14.08 4.69 3.83
N HIS A 78 -15.32 5.11 3.62
CA HIS A 78 -15.95 6.10 4.50
C HIS A 78 -17.47 5.97 4.45
N SER A 79 -18.16 6.88 5.14
CA SER A 79 -19.62 6.87 5.18
C SER A 79 -20.20 6.65 3.78
N SER A 80 -19.74 7.46 2.83
CA SER A 80 -20.22 7.37 1.45
C SER A 80 -19.70 6.09 0.79
N HIS A 81 -18.72 5.46 1.42
CA HIS A 81 -18.14 4.24 0.90
C HIS A 81 -17.36 4.50 -0.38
N GLY A 82 -16.41 5.43 -0.30
CA GLY A 82 -15.61 5.78 -1.46
C GLY A 82 -14.19 5.24 -1.37
N PRO A 83 -14.02 3.96 -1.74
CA PRO A 83 -12.71 3.30 -1.69
C PRO A 83 -11.76 3.85 -2.76
N GLN A 84 -11.00 4.88 -2.39
CA GLN A 84 -10.04 5.49 -3.31
C GLN A 84 -8.79 4.63 -3.44
N GLU A 85 -8.98 3.33 -3.63
CA GLU A 85 -7.86 2.40 -3.77
C GLU A 85 -6.69 3.07 -4.48
N SER A 86 -5.53 3.09 -3.81
CA SER A 86 -4.34 3.70 -4.37
C SER A 86 -3.71 2.80 -5.43
N ARG A 87 -2.64 3.27 -6.04
CA ARG A 87 -1.94 2.49 -7.07
C ARG A 87 -1.42 1.18 -6.50
N ALA A 88 -1.10 0.24 -7.38
CA ALA A 88 -0.59 -1.06 -6.97
C ALA A 88 0.94 -1.09 -6.97
N VAL A 89 1.52 -1.34 -5.80
CA VAL A 89 2.97 -1.39 -5.67
C VAL A 89 3.48 -2.83 -5.69
N SER A 90 4.48 -3.09 -6.52
CA SER A 90 5.05 -4.43 -6.64
C SER A 90 6.26 -4.58 -5.72
N ILE A 91 6.18 -5.56 -4.81
CA ILE A 91 7.27 -5.80 -3.87
C ILE A 91 8.14 -6.96 -4.35
N SER A 92 9.37 -6.64 -4.76
CA SER A 92 10.30 -7.64 -5.24
C SER A 92 11.53 -7.71 -4.34
N ILE A 93 12.26 -8.82 -4.44
CA ILE A 93 13.47 -9.01 -3.64
C ILE A 93 14.71 -8.52 -4.38
N ILE A 94 15.62 -7.88 -3.65
CA ILE A 94 16.85 -7.37 -4.24
C ILE A 94 17.94 -8.43 -4.24
N GLU A 95 18.73 -8.45 -5.31
CA GLU A 95 19.81 -9.42 -5.44
C GLU A 95 21.16 -8.71 -5.56
N PRO A 96 21.72 -8.33 -4.40
CA PRO A 96 23.01 -7.64 -4.34
C PRO A 96 24.18 -8.55 -4.72
N GLY A 1 -14.12 3.66 -20.88
CA GLY A 1 -14.35 5.07 -20.62
C GLY A 1 -13.52 5.60 -19.48
N SER A 2 -13.15 6.87 -19.54
CA SER A 2 -12.34 7.49 -18.51
C SER A 2 -12.93 8.85 -18.11
N SER A 3 -12.31 9.48 -17.11
CA SER A 3 -12.77 10.77 -16.63
C SER A 3 -12.09 11.90 -17.38
N GLY A 4 -12.57 13.13 -17.17
CA GLY A 4 -12.00 14.28 -17.84
C GLY A 4 -10.73 14.76 -17.17
N SER A 5 -10.51 16.07 -17.19
CA SER A 5 -9.31 16.65 -16.58
C SER A 5 -9.59 17.09 -15.15
N SER A 6 -9.17 16.28 -14.19
CA SER A 6 -9.37 16.57 -12.78
C SER A 6 -8.15 16.19 -11.96
N GLY A 7 -8.16 16.57 -10.69
CA GLY A 7 -7.04 16.25 -9.81
C GLY A 7 -7.39 15.17 -8.80
N LEU A 8 -6.76 14.01 -8.96
CA LEU A 8 -7.01 12.89 -8.05
C LEU A 8 -5.79 12.64 -7.16
N GLU A 9 -5.19 13.71 -6.66
CA GLU A 9 -4.03 13.60 -5.80
C GLU A 9 -4.44 13.65 -4.33
N GLU A 10 -5.53 12.99 -4.00
CA GLU A 10 -6.04 12.96 -2.63
C GLU A 10 -5.28 11.92 -1.81
N VAL A 11 -5.39 10.65 -2.22
CA VAL A 11 -4.72 9.56 -1.51
C VAL A 11 -3.24 9.50 -1.89
N GLN A 12 -2.39 9.37 -0.89
CA GLN A 12 -0.95 9.29 -1.13
C GLN A 12 -0.34 8.08 -0.41
N LEU A 13 0.34 7.24 -1.18
CA LEU A 13 0.96 6.04 -0.62
C LEU A 13 2.48 6.13 -0.70
N VAL A 14 3.14 6.07 0.45
CA VAL A 14 4.59 6.13 0.51
C VAL A 14 5.18 4.83 1.03
N VAL A 15 5.79 4.06 0.12
CA VAL A 15 6.40 2.79 0.48
C VAL A 15 7.78 2.99 1.07
N GLU A 16 8.13 2.15 2.05
CA GLU A 16 9.44 2.24 2.70
C GLU A 16 10.18 0.91 2.60
N PRO A 17 11.20 0.86 1.73
CA PRO A 17 11.59 2.01 0.90
C PRO A 17 10.55 2.32 -0.16
N GLU A 18 10.75 3.45 -0.86
CA GLU A 18 9.83 3.86 -1.91
C GLU A 18 9.86 2.87 -3.08
N GLY A 19 11.03 2.72 -3.69
CA GLY A 19 11.16 1.81 -4.80
C GLY A 19 10.31 0.56 -4.65
N GLY A 20 10.21 0.07 -3.42
CA GLY A 20 9.42 -1.11 -3.16
C GLY A 20 10.20 -2.39 -3.40
N ALA A 21 11.49 -2.36 -3.08
CA ALA A 21 12.34 -3.53 -3.27
C ALA A 21 13.37 -3.64 -2.15
N VAL A 22 13.40 -4.79 -1.49
CA VAL A 22 14.34 -5.02 -0.39
C VAL A 22 14.91 -6.44 -0.44
N ALA A 23 15.85 -6.72 0.45
CA ALA A 23 16.48 -8.04 0.50
C ALA A 23 15.53 -9.06 1.12
N PRO A 24 15.83 -10.35 0.88
CA PRO A 24 15.02 -11.45 1.40
C PRO A 24 15.14 -11.61 2.91
N GLY A 25 14.35 -10.83 3.64
CA GLY A 25 14.38 -10.90 5.10
C GLY A 25 14.43 -9.53 5.73
N GLY A 26 13.90 -8.53 5.04
CA GLY A 26 13.90 -7.17 5.56
C GLY A 26 12.56 -6.77 6.13
N THR A 27 12.30 -5.48 6.20
CA THR A 27 11.06 -4.95 6.73
C THR A 27 10.61 -3.71 5.98
N VAL A 28 9.50 -3.81 5.26
CA VAL A 28 8.97 -2.70 4.51
C VAL A 28 7.82 -2.02 5.25
N THR A 29 7.80 -0.68 5.20
CA THR A 29 6.77 0.08 5.88
C THR A 29 5.99 0.94 4.89
N LEU A 30 4.78 0.50 4.56
CA LEU A 30 3.93 1.23 3.61
C LEU A 30 2.95 2.14 4.36
N THR A 31 3.13 3.44 4.20
CA THR A 31 2.25 4.42 4.85
C THR A 31 1.32 5.06 3.85
N CYS A 32 0.01 4.88 4.06
CA CYS A 32 -0.99 5.45 3.17
C CYS A 32 -1.75 6.58 3.87
N GLU A 33 -1.04 7.34 4.69
CA GLU A 33 -1.65 8.45 5.42
C GLU A 33 -2.49 9.32 4.48
N VAL A 34 -3.52 9.94 5.03
CA VAL A 34 -4.40 10.81 4.26
C VAL A 34 -4.35 12.25 4.75
N PRO A 35 -4.33 13.20 3.81
CA PRO A 35 -4.29 14.62 4.13
C PRO A 35 -5.59 15.13 4.75
N ALA A 36 -6.71 14.82 4.11
CA ALA A 36 -8.01 15.23 4.60
C ALA A 36 -8.38 14.48 5.87
N GLN A 37 -8.25 13.16 5.84
CA GLN A 37 -8.57 12.32 6.98
C GLN A 37 -7.31 11.98 7.78
N PRO A 38 -7.34 12.28 9.08
CA PRO A 38 -6.21 12.01 9.99
C PRO A 38 -6.00 10.53 10.23
N SER A 39 -7.08 9.84 10.61
CA SER A 39 -7.02 8.40 10.88
C SER A 39 -8.19 7.67 10.23
N PRO A 40 -8.25 7.72 8.90
CA PRO A 40 -9.32 7.07 8.13
C PRO A 40 -9.22 5.55 8.18
N GLN A 41 -10.15 4.88 7.50
CA GLN A 41 -10.16 3.42 7.46
C GLN A 41 -9.17 2.89 6.45
N ILE A 42 -8.00 2.48 6.93
CA ILE A 42 -6.96 1.95 6.06
C ILE A 42 -7.16 0.47 5.78
N HIS A 43 -6.76 0.03 4.60
CA HIS A 43 -6.91 -1.38 4.22
C HIS A 43 -5.71 -1.84 3.39
N TRP A 44 -5.47 -3.15 3.39
CA TRP A 44 -4.36 -3.71 2.64
C TRP A 44 -4.80 -4.94 1.86
N MET A 45 -4.76 -4.84 0.53
CA MET A 45 -5.16 -5.95 -0.33
C MET A 45 -3.98 -6.44 -1.16
N LYS A 46 -4.07 -7.68 -1.63
CA LYS A 46 -3.01 -8.28 -2.42
C LYS A 46 -3.57 -8.85 -3.73
N ASP A 47 -3.39 -8.10 -4.81
CA ASP A 47 -3.87 -8.52 -6.11
C ASP A 47 -5.39 -8.56 -6.15
N GLY A 48 -6.02 -7.53 -5.60
CA GLY A 48 -7.47 -7.47 -5.57
C GLY A 48 -8.07 -8.43 -4.56
N VAL A 49 -7.40 -8.60 -3.43
CA VAL A 49 -7.87 -9.49 -2.37
C VAL A 49 -7.60 -8.90 -1.00
N PRO A 50 -8.64 -8.90 -0.14
CA PRO A 50 -8.53 -8.38 1.22
C PRO A 50 -7.65 -9.25 2.12
N LEU A 51 -6.49 -8.72 2.49
CA LEU A 51 -5.57 -9.45 3.35
C LEU A 51 -6.00 -9.38 4.81
N PRO A 52 -5.91 -10.50 5.51
CA PRO A 52 -6.29 -10.60 6.93
C PRO A 52 -5.31 -9.85 7.83
N LEU A 53 -5.54 -8.54 7.99
CA LEU A 53 -4.68 -7.71 8.82
C LEU A 53 -5.44 -6.50 9.35
N PRO A 54 -4.98 -5.95 10.48
CA PRO A 54 -5.60 -4.78 11.10
C PRO A 54 -5.40 -3.50 10.29
N PRO A 55 -6.46 -2.70 10.18
CA PRO A 55 -6.41 -1.44 9.43
C PRO A 55 -5.56 -0.38 10.11
N SER A 56 -4.46 -0.01 9.47
CA SER A 56 -3.55 0.99 10.02
C SER A 56 -2.83 1.74 8.91
N PRO A 57 -2.59 3.04 9.13
CA PRO A 57 -1.91 3.90 8.16
C PRO A 57 -0.43 3.55 8.01
N VAL A 58 0.00 2.49 8.70
CA VAL A 58 1.38 2.06 8.65
C VAL A 58 1.47 0.53 8.62
N LEU A 59 1.78 -0.01 7.44
CA LEU A 59 1.90 -1.45 7.28
C LEU A 59 3.36 -1.88 7.28
N ILE A 60 3.76 -2.60 8.33
CA ILE A 60 5.13 -3.08 8.46
C ILE A 60 5.23 -4.57 8.16
N LEU A 61 6.02 -4.91 7.15
CA LEU A 61 6.20 -6.31 6.77
C LEU A 61 7.59 -6.82 7.16
N PRO A 62 7.75 -7.10 8.46
CA PRO A 62 9.02 -7.60 9.00
C PRO A 62 9.33 -9.02 8.55
N GLU A 63 10.60 -9.28 8.25
CA GLU A 63 11.02 -10.60 7.80
C GLU A 63 10.36 -10.96 6.47
N ILE A 64 10.47 -10.07 5.50
CA ILE A 64 9.88 -10.29 4.18
C ILE A 64 10.54 -11.49 3.49
N GLY A 65 9.75 -12.18 2.66
CA GLY A 65 10.27 -13.33 1.94
C GLY A 65 9.79 -13.38 0.50
N PRO A 66 9.96 -14.54 -0.14
CA PRO A 66 9.54 -14.75 -1.53
C PRO A 66 8.03 -14.76 -1.68
N GLN A 67 7.32 -15.01 -0.59
CA GLN A 67 5.87 -15.05 -0.60
C GLN A 67 5.28 -13.66 -0.36
N ASP A 68 6.00 -12.84 0.40
CA ASP A 68 5.55 -11.50 0.70
C ASP A 68 5.35 -10.69 -0.57
N GLN A 69 6.24 -10.89 -1.54
CA GLN A 69 6.16 -10.17 -2.80
C GLN A 69 4.72 -10.11 -3.31
N GLY A 70 4.46 -9.25 -4.29
CA GLY A 70 3.13 -9.12 -4.84
C GLY A 70 2.67 -7.68 -4.91
N THR A 71 1.41 -7.48 -5.31
CA THR A 71 0.86 -6.14 -5.42
C THR A 71 0.26 -5.68 -4.09
N TYR A 72 0.64 -4.47 -3.67
CA TYR A 72 0.14 -3.91 -2.41
C TYR A 72 -0.47 -2.53 -2.64
N SER A 73 -1.75 -2.40 -2.30
CA SER A 73 -2.45 -1.13 -2.46
C SER A 73 -3.36 -0.87 -1.27
N CYS A 74 -3.45 0.40 -0.87
CA CYS A 74 -4.29 0.79 0.26
C CYS A 74 -5.66 1.25 -0.22
N VAL A 75 -6.70 0.81 0.49
CA VAL A 75 -8.07 1.16 0.14
C VAL A 75 -8.71 2.01 1.24
N ALA A 76 -8.61 3.32 1.09
CA ALA A 76 -9.19 4.25 2.06
C ALA A 76 -10.70 4.35 1.89
N THR A 77 -11.43 3.99 2.94
CA THR A 77 -12.88 4.05 2.91
C THR A 77 -13.43 4.91 4.05
N HIS A 78 -13.88 6.11 3.71
CA HIS A 78 -14.42 7.03 4.70
C HIS A 78 -15.43 7.98 4.07
N SER A 79 -16.07 8.81 4.89
CA SER A 79 -17.07 9.75 4.41
C SER A 79 -16.47 10.67 3.34
N SER A 80 -15.53 11.51 3.76
CA SER A 80 -14.89 12.44 2.84
C SER A 80 -14.63 11.78 1.49
N HIS A 81 -14.04 10.58 1.52
CA HIS A 81 -13.75 9.84 0.30
C HIS A 81 -14.20 8.40 0.42
N GLY A 82 -15.03 7.96 -0.53
CA GLY A 82 -15.53 6.60 -0.51
C GLY A 82 -14.42 5.58 -0.66
N PRO A 83 -14.75 4.42 -1.27
CA PRO A 83 -13.79 3.34 -1.49
C PRO A 83 -12.74 3.70 -2.53
N GLN A 84 -11.72 4.44 -2.10
CA GLN A 84 -10.65 4.85 -3.00
C GLN A 84 -9.44 3.96 -2.85
N GLU A 85 -8.78 3.65 -3.97
CA GLU A 85 -7.61 2.79 -3.96
C GLU A 85 -6.43 3.46 -4.67
N SER A 86 -5.26 3.39 -4.06
CA SER A 86 -4.06 3.99 -4.63
C SER A 86 -3.41 3.07 -5.66
N ARG A 87 -2.39 3.57 -6.35
CA ARG A 87 -1.70 2.78 -7.36
C ARG A 87 -1.24 1.45 -6.79
N ALA A 88 -0.97 0.50 -7.68
CA ALA A 88 -0.52 -0.83 -7.26
C ALA A 88 1.01 -0.88 -7.14
N VAL A 89 1.48 -1.38 -6.00
CA VAL A 89 2.91 -1.48 -5.75
C VAL A 89 3.37 -2.94 -5.75
N SER A 90 4.27 -3.28 -6.68
CA SER A 90 4.77 -4.64 -6.77
C SER A 90 6.08 -4.78 -6.00
N ILE A 91 5.99 -5.39 -4.82
CA ILE A 91 7.16 -5.59 -3.97
C ILE A 91 7.97 -6.79 -4.43
N SER A 92 9.25 -6.57 -4.73
CA SER A 92 10.13 -7.64 -5.19
C SER A 92 11.38 -7.72 -4.32
N ILE A 93 12.03 -8.87 -4.35
CA ILE A 93 13.24 -9.09 -3.56
C ILE A 93 14.49 -8.76 -4.37
N ILE A 94 15.39 -8.00 -3.77
CA ILE A 94 16.63 -7.60 -4.44
C ILE A 94 17.71 -8.68 -4.27
N GLU A 95 18.45 -8.94 -5.33
CA GLU A 95 19.52 -9.94 -5.30
C GLU A 95 20.77 -9.37 -4.65
N PRO A 96 21.47 -10.23 -3.88
CA PRO A 96 22.71 -9.83 -3.18
C PRO A 96 23.86 -9.59 -4.14
N GLY A 1 -10.05 -0.26 -11.72
CA GLY A 1 -9.32 -0.97 -12.76
C GLY A 1 -9.35 -0.24 -14.09
N SER A 2 -8.98 1.04 -14.06
CA SER A 2 -8.97 1.85 -15.27
C SER A 2 -7.60 2.47 -15.50
N SER A 3 -6.86 1.93 -16.45
CA SER A 3 -5.52 2.42 -16.77
C SER A 3 -5.58 3.46 -17.89
N GLY A 4 -5.19 4.70 -17.57
CA GLY A 4 -5.20 5.75 -18.55
C GLY A 4 -4.02 6.69 -18.41
N SER A 5 -4.24 7.85 -17.79
CA SER A 5 -3.18 8.83 -17.59
C SER A 5 -2.50 8.63 -16.25
N SER A 6 -3.30 8.44 -15.20
CA SER A 6 -2.78 8.24 -13.86
C SER A 6 -1.73 9.30 -13.52
N GLY A 7 -2.05 10.55 -13.83
CA GLY A 7 -1.13 11.64 -13.55
C GLY A 7 -0.98 11.91 -12.07
N LEU A 8 -2.07 11.78 -11.32
CA LEU A 8 -2.05 12.02 -9.88
C LEU A 8 -3.13 11.19 -9.18
N GLU A 9 -2.93 10.92 -7.90
CA GLU A 9 -3.88 10.15 -7.12
C GLU A 9 -4.15 10.82 -5.78
N GLU A 10 -5.42 11.16 -5.54
CA GLU A 10 -5.81 11.81 -4.29
C GLU A 10 -5.05 11.23 -3.11
N VAL A 11 -5.16 9.91 -2.94
CA VAL A 11 -4.48 9.22 -1.85
C VAL A 11 -2.98 9.10 -2.12
N GLN A 12 -2.17 9.35 -1.10
CA GLN A 12 -0.72 9.28 -1.23
C GLN A 12 -0.19 7.98 -0.62
N LEU A 13 0.52 7.21 -1.42
CA LEU A 13 1.10 5.94 -0.97
C LEU A 13 2.61 6.03 -0.86
N VAL A 14 3.10 6.25 0.35
CA VAL A 14 4.54 6.35 0.59
C VAL A 14 5.10 5.05 1.16
N VAL A 15 5.70 4.24 0.29
CA VAL A 15 6.27 2.97 0.70
C VAL A 15 7.67 3.16 1.29
N GLU A 16 8.09 2.22 2.13
CA GLU A 16 9.40 2.29 2.77
C GLU A 16 10.13 0.96 2.63
N PRO A 17 11.31 0.98 1.99
CA PRO A 17 11.88 2.21 1.43
C PRO A 17 11.09 2.72 0.23
N GLU A 18 11.27 4.00 -0.10
CA GLU A 18 10.58 4.59 -1.24
C GLU A 18 11.11 4.03 -2.56
N GLY A 19 10.80 2.76 -2.81
CA GLY A 19 11.25 2.12 -4.04
C GLY A 19 10.47 0.87 -4.35
N GLY A 20 10.10 0.12 -3.31
CA GLY A 20 9.36 -1.11 -3.51
C GLY A 20 10.25 -2.30 -3.77
N ALA A 21 11.45 -2.29 -3.19
CA ALA A 21 12.39 -3.37 -3.36
C ALA A 21 13.27 -3.55 -2.11
N VAL A 22 13.29 -4.77 -1.58
CA VAL A 22 14.07 -5.06 -0.40
C VAL A 22 14.64 -6.47 -0.46
N ALA A 23 15.71 -6.71 0.30
CA ALA A 23 16.35 -8.02 0.34
C ALA A 23 15.41 -9.07 0.93
N PRO A 24 15.75 -10.35 0.72
CA PRO A 24 14.95 -11.47 1.21
C PRO A 24 15.02 -11.60 2.74
N GLY A 25 14.17 -10.84 3.43
CA GLY A 25 14.14 -10.89 4.87
C GLY A 25 14.22 -9.51 5.50
N GLY A 26 13.74 -8.50 4.77
CA GLY A 26 13.76 -7.14 5.27
C GLY A 26 12.45 -6.75 5.94
N THR A 27 12.20 -5.45 6.00
CA THR A 27 10.98 -4.93 6.62
C THR A 27 10.46 -3.71 5.88
N VAL A 28 9.35 -3.88 5.16
CA VAL A 28 8.77 -2.78 4.41
C VAL A 28 7.65 -2.11 5.21
N THR A 29 7.62 -0.77 5.15
CA THR A 29 6.62 0.00 5.87
C THR A 29 5.79 0.85 4.92
N LEU A 30 4.58 0.39 4.62
CA LEU A 30 3.68 1.11 3.72
C LEU A 30 2.80 2.08 4.49
N THR A 31 2.80 3.34 4.08
CA THR A 31 2.00 4.36 4.73
C THR A 31 0.99 4.98 3.76
N CYS A 32 -0.25 5.07 4.19
CA CYS A 32 -1.31 5.63 3.36
C CYS A 32 -2.10 6.70 4.12
N GLU A 33 -2.33 7.83 3.47
CA GLU A 33 -3.08 8.92 4.09
C GLU A 33 -3.91 9.68 3.05
N VAL A 34 -4.80 10.54 3.53
CA VAL A 34 -5.66 11.32 2.64
C VAL A 34 -5.69 12.78 3.07
N PRO A 35 -5.66 13.68 2.07
CA PRO A 35 -5.68 15.13 2.31
C PRO A 35 -7.03 15.61 2.82
N ALA A 36 -8.10 15.23 2.12
CA ALA A 36 -9.45 15.62 2.50
C ALA A 36 -9.84 15.00 3.84
N GLN A 37 -9.52 13.71 4.01
CA GLN A 37 -9.83 13.00 5.24
C GLN A 37 -8.62 12.93 6.17
N PRO A 38 -8.81 13.34 7.43
CA PRO A 38 -7.75 13.33 8.44
C PRO A 38 -7.35 11.92 8.84
N SER A 39 -8.32 11.11 9.22
CA SER A 39 -8.07 9.74 9.64
C SER A 39 -9.07 8.78 9.00
N PRO A 40 -8.95 8.59 7.68
CA PRO A 40 -9.83 7.70 6.93
C PRO A 40 -9.60 6.23 7.26
N GLN A 41 -10.29 5.35 6.54
CA GLN A 41 -10.16 3.91 6.77
C GLN A 41 -9.08 3.32 5.87
N ILE A 42 -7.87 3.17 6.41
CA ILE A 42 -6.76 2.62 5.66
C ILE A 42 -6.86 1.10 5.58
N HIS A 43 -6.79 0.57 4.36
CA HIS A 43 -6.88 -0.87 4.14
C HIS A 43 -5.62 -1.38 3.42
N TRP A 44 -5.55 -2.69 3.24
CA TRP A 44 -4.41 -3.32 2.57
C TRP A 44 -4.86 -4.49 1.71
N MET A 45 -4.74 -4.33 0.40
CA MET A 45 -5.13 -5.38 -0.54
C MET A 45 -3.90 -5.98 -1.22
N LYS A 46 -4.00 -7.25 -1.59
CA LYS A 46 -2.90 -7.95 -2.25
C LYS A 46 -3.41 -8.76 -3.43
N ASP A 47 -3.28 -8.19 -4.63
CA ASP A 47 -3.71 -8.86 -5.85
C ASP A 47 -5.23 -8.98 -5.88
N GLY A 48 -5.91 -8.07 -5.18
CA GLY A 48 -7.36 -8.10 -5.14
C GLY A 48 -7.91 -8.67 -3.84
N VAL A 49 -7.17 -9.62 -3.26
CA VAL A 49 -7.58 -10.25 -2.02
C VAL A 49 -6.84 -9.64 -0.83
N PRO A 50 -7.60 -9.08 0.13
CA PRO A 50 -7.04 -8.46 1.33
C PRO A 50 -6.43 -9.48 2.27
N LEU A 51 -5.70 -8.99 3.28
CA LEU A 51 -5.06 -9.86 4.25
C LEU A 51 -5.67 -9.67 5.63
N PRO A 52 -5.62 -10.73 6.46
CA PRO A 52 -6.15 -10.70 7.83
C PRO A 52 -5.34 -9.81 8.75
N LEU A 53 -5.57 -8.50 8.68
CA LEU A 53 -4.85 -7.55 9.51
C LEU A 53 -5.68 -6.29 9.73
N PRO A 54 -5.43 -5.59 10.84
CA PRO A 54 -6.14 -4.36 11.20
C PRO A 54 -5.77 -3.19 10.28
N PRO A 55 -6.79 -2.43 9.86
CA PRO A 55 -6.59 -1.27 8.97
C PRO A 55 -5.87 -0.12 9.67
N SER A 56 -4.61 0.09 9.30
CA SER A 56 -3.82 1.17 9.89
C SER A 56 -3.04 1.92 8.81
N PRO A 57 -2.76 3.21 9.09
CA PRO A 57 -2.04 4.07 8.15
C PRO A 57 -0.57 3.68 8.02
N VAL A 58 -0.19 2.62 8.72
CA VAL A 58 1.19 2.13 8.68
C VAL A 58 1.24 0.61 8.72
N LEU A 59 1.61 0.01 7.60
CA LEU A 59 1.70 -1.45 7.50
C LEU A 59 3.15 -1.91 7.45
N ILE A 60 3.58 -2.63 8.48
CA ILE A 60 4.94 -3.13 8.55
C ILE A 60 5.00 -4.62 8.21
N LEU A 61 5.78 -4.95 7.18
CA LEU A 61 5.93 -6.33 6.75
C LEU A 61 7.33 -6.85 7.04
N PRO A 62 7.62 -7.14 8.33
CA PRO A 62 8.92 -7.64 8.76
C PRO A 62 9.18 -9.06 8.29
N GLU A 63 10.44 -9.38 8.05
CA GLU A 63 10.82 -10.71 7.60
C GLU A 63 10.16 -11.05 6.26
N ILE A 64 10.36 -10.18 5.28
CA ILE A 64 9.79 -10.38 3.95
C ILE A 64 10.46 -11.53 3.23
N GLY A 65 9.69 -12.28 2.44
CA GLY A 65 10.24 -13.40 1.70
C GLY A 65 9.71 -13.46 0.28
N PRO A 66 9.86 -14.63 -0.36
CA PRO A 66 9.41 -14.85 -1.73
C PRO A 66 7.88 -14.88 -1.84
N GLN A 67 7.23 -15.34 -0.78
CA GLN A 67 5.77 -15.42 -0.76
C GLN A 67 5.16 -14.04 -0.50
N ASP A 68 5.92 -13.17 0.14
CA ASP A 68 5.45 -11.82 0.44
C ASP A 68 5.33 -10.99 -0.83
N GLN A 69 6.22 -11.25 -1.79
CA GLN A 69 6.21 -10.52 -3.05
C GLN A 69 4.80 -10.45 -3.64
N GLY A 70 4.42 -9.29 -4.15
CA GLY A 70 3.11 -9.12 -4.73
C GLY A 70 2.67 -7.67 -4.77
N THR A 71 1.47 -7.43 -5.28
CA THR A 71 0.94 -6.08 -5.38
C THR A 71 0.37 -5.61 -4.04
N TYR A 72 0.67 -4.36 -3.67
CA TYR A 72 0.19 -3.80 -2.43
C TYR A 72 -0.48 -2.45 -2.66
N SER A 73 -1.66 -2.26 -2.08
CA SER A 73 -2.40 -1.03 -2.22
C SER A 73 -3.16 -0.69 -0.94
N CYS A 74 -3.75 0.50 -0.89
CA CYS A 74 -4.50 0.95 0.27
C CYS A 74 -5.79 1.64 -0.15
N VAL A 75 -6.87 1.36 0.57
CA VAL A 75 -8.16 1.96 0.27
C VAL A 75 -8.58 2.94 1.36
N ALA A 76 -9.24 4.02 0.97
CA ALA A 76 -9.69 5.03 1.92
C ALA A 76 -11.17 5.34 1.71
N THR A 77 -12.04 4.58 2.39
CA THR A 77 -13.47 4.77 2.28
C THR A 77 -13.97 5.79 3.31
N HIS A 78 -15.23 6.19 3.18
CA HIS A 78 -15.82 7.16 4.09
C HIS A 78 -17.33 7.26 3.86
N SER A 79 -17.97 8.19 4.57
CA SER A 79 -19.41 8.39 4.45
C SER A 79 -19.82 8.49 2.98
N SER A 80 -19.02 9.20 2.20
CA SER A 80 -19.31 9.37 0.78
C SER A 80 -18.81 8.17 -0.02
N HIS A 81 -18.61 7.05 0.66
CA HIS A 81 -18.14 5.84 0.01
C HIS A 81 -17.21 6.17 -1.16
N GLY A 82 -16.17 6.95 -0.88
CA GLY A 82 -15.23 7.33 -1.92
C GLY A 82 -13.85 6.71 -1.71
N PRO A 83 -13.78 5.38 -1.80
CA PRO A 83 -12.53 4.65 -1.63
C PRO A 83 -11.56 4.87 -2.78
N GLN A 84 -10.49 5.60 -2.50
CA GLN A 84 -9.47 5.89 -3.52
C GLN A 84 -8.33 4.90 -3.45
N GLU A 85 -8.51 3.74 -4.10
CA GLU A 85 -7.49 2.70 -4.10
C GLU A 85 -6.21 3.20 -4.78
N SER A 86 -5.15 3.34 -4.00
CA SER A 86 -3.87 3.81 -4.51
C SER A 86 -3.32 2.85 -5.56
N ARG A 87 -2.21 3.23 -6.18
CA ARG A 87 -1.59 2.41 -7.21
C ARG A 87 -1.02 1.12 -6.62
N ALA A 88 -1.14 0.02 -7.35
CA ALA A 88 -0.64 -1.26 -6.90
C ALA A 88 0.86 -1.38 -7.10
N VAL A 89 1.59 -1.50 -6.00
CA VAL A 89 3.05 -1.63 -6.07
C VAL A 89 3.49 -3.08 -5.91
N SER A 90 4.30 -3.56 -6.84
CA SER A 90 4.79 -4.92 -6.80
C SER A 90 6.10 -5.02 -6.02
N ILE A 91 6.04 -5.66 -4.86
CA ILE A 91 7.22 -5.82 -4.02
C ILE A 91 8.04 -7.04 -4.43
N SER A 92 9.28 -6.81 -4.83
CA SER A 92 10.16 -7.88 -5.26
C SER A 92 11.41 -7.94 -4.38
N ILE A 93 12.09 -9.08 -4.40
CA ILE A 93 13.30 -9.27 -3.62
C ILE A 93 14.55 -8.89 -4.41
N ILE A 94 15.43 -8.10 -3.80
CA ILE A 94 16.65 -7.67 -4.46
C ILE A 94 17.72 -8.75 -4.39
N GLU A 95 18.46 -8.90 -5.47
CA GLU A 95 19.52 -9.91 -5.54
C GLU A 95 20.89 -9.27 -5.30
N PRO A 96 21.58 -9.73 -4.25
CA PRO A 96 22.91 -9.22 -3.89
C PRO A 96 23.98 -9.62 -4.90
N GLY A 1 -2.72 -0.44 -15.08
CA GLY A 1 -3.31 0.83 -15.45
C GLY A 1 -4.79 0.70 -15.79
N SER A 2 -5.61 0.39 -14.79
CA SER A 2 -7.04 0.23 -15.00
C SER A 2 -7.76 1.57 -14.89
N SER A 3 -8.75 1.77 -15.74
CA SER A 3 -9.51 3.01 -15.75
C SER A 3 -10.69 2.93 -14.78
N GLY A 4 -11.00 4.05 -14.14
CA GLY A 4 -12.11 4.09 -13.20
C GLY A 4 -12.52 5.50 -12.84
N SER A 5 -11.55 6.33 -12.47
CA SER A 5 -11.82 7.71 -12.09
C SER A 5 -11.54 8.66 -13.26
N SER A 6 -11.88 9.93 -13.07
CA SER A 6 -11.67 10.93 -14.11
C SER A 6 -10.29 11.57 -13.98
N GLY A 7 -9.56 11.18 -12.95
CA GLY A 7 -8.23 11.71 -12.72
C GLY A 7 -8.15 12.54 -11.46
N LEU A 8 -8.81 12.08 -10.40
CA LEU A 8 -8.81 12.78 -9.13
C LEU A 8 -8.56 11.82 -7.97
N GLU A 9 -7.47 12.03 -7.26
CA GLU A 9 -7.12 11.18 -6.13
C GLU A 9 -6.24 11.93 -5.13
N GLU A 10 -6.57 11.80 -3.85
CA GLU A 10 -5.81 12.48 -2.80
C GLU A 10 -4.86 11.49 -2.10
N VAL A 11 -5.39 10.33 -1.74
CA VAL A 11 -4.60 9.31 -1.07
C VAL A 11 -3.21 9.20 -1.69
N GLN A 12 -2.19 9.16 -0.84
CA GLN A 12 -0.81 9.06 -1.30
C GLN A 12 -0.06 7.97 -0.53
N LEU A 13 0.30 6.90 -1.23
CA LEU A 13 1.01 5.79 -0.62
C LEU A 13 2.52 6.03 -0.65
N VAL A 14 3.16 5.90 0.50
CA VAL A 14 4.61 6.11 0.60
C VAL A 14 5.29 4.89 1.21
N VAL A 15 5.81 4.01 0.36
CA VAL A 15 6.49 2.80 0.80
C VAL A 15 7.92 3.11 1.24
N GLU A 16 8.40 2.37 2.23
CA GLU A 16 9.76 2.56 2.73
C GLU A 16 10.51 1.24 2.79
N PRO A 17 11.49 1.07 1.89
CA PRO A 17 11.84 2.10 0.90
C PRO A 17 10.75 2.26 -0.16
N GLU A 18 10.71 3.44 -0.78
CA GLU A 18 9.71 3.72 -1.81
C GLU A 18 10.00 2.92 -3.08
N GLY A 19 11.23 2.44 -3.20
CA GLY A 19 11.63 1.66 -4.36
C GLY A 19 10.78 0.42 -4.54
N GLY A 20 10.26 -0.10 -3.44
CA GLY A 20 9.43 -1.29 -3.50
C GLY A 20 10.25 -2.55 -3.76
N ALA A 21 11.49 -2.54 -3.30
CA ALA A 21 12.38 -3.69 -3.48
C ALA A 21 13.34 -3.82 -2.31
N VAL A 22 13.28 -4.96 -1.62
CA VAL A 22 14.14 -5.22 -0.48
C VAL A 22 14.63 -6.66 -0.48
N ALA A 23 15.77 -6.90 0.16
CA ALA A 23 16.35 -8.24 0.24
C ALA A 23 15.38 -9.21 0.90
N PRO A 24 15.63 -10.51 0.74
CA PRO A 24 14.80 -11.57 1.31
C PRO A 24 14.91 -11.64 2.82
N GLY A 25 14.00 -11.00 3.52
CA GLY A 25 14.02 -11.00 4.98
C GLY A 25 14.18 -9.61 5.56
N GLY A 26 13.79 -8.59 4.79
CA GLY A 26 13.92 -7.22 5.26
C GLY A 26 12.65 -6.74 5.93
N THR A 27 12.48 -5.41 5.98
CA THR A 27 11.31 -4.82 6.60
C THR A 27 10.87 -3.56 5.85
N VAL A 28 9.67 -3.63 5.26
CA VAL A 28 9.13 -2.50 4.51
C VAL A 28 7.92 -1.90 5.23
N THR A 29 7.80 -0.57 5.16
CA THR A 29 6.69 0.12 5.80
C THR A 29 5.90 0.94 4.78
N LEU A 30 4.64 0.57 4.59
CA LEU A 30 3.77 1.27 3.65
C LEU A 30 2.81 2.21 4.38
N THR A 31 3.06 3.51 4.24
CA THR A 31 2.21 4.51 4.89
C THR A 31 1.25 5.14 3.89
N CYS A 32 -0.03 5.17 4.25
CA CYS A 32 -1.06 5.74 3.39
C CYS A 32 -1.78 6.89 4.10
N GLU A 33 -1.01 7.78 4.70
CA GLU A 33 -1.57 8.92 5.41
C GLU A 33 -2.62 9.63 4.55
N VAL A 34 -3.52 10.36 5.21
CA VAL A 34 -4.58 11.08 4.52
C VAL A 34 -4.56 12.56 4.88
N PRO A 35 -4.66 13.42 3.85
CA PRO A 35 -4.65 14.88 4.03
C PRO A 35 -5.93 15.38 4.71
N ALA A 36 -7.07 14.99 4.15
CA ALA A 36 -8.36 15.41 4.70
C ALA A 36 -8.65 14.68 6.01
N GLN A 37 -8.84 13.36 5.93
CA GLN A 37 -9.13 12.56 7.11
C GLN A 37 -7.88 12.38 7.96
N PRO A 38 -8.00 12.69 9.26
CA PRO A 38 -6.90 12.57 10.21
C PRO A 38 -6.52 11.12 10.49
N SER A 39 -7.53 10.32 10.85
CA SER A 39 -7.31 8.91 11.15
C SER A 39 -8.36 8.04 10.48
N PRO A 40 -8.35 8.04 9.13
CA PRO A 40 -9.31 7.25 8.33
C PRO A 40 -9.04 5.75 8.43
N GLN A 41 -9.76 4.97 7.63
CA GLN A 41 -9.61 3.53 7.64
C GLN A 41 -8.82 3.06 6.41
N ILE A 42 -7.63 2.53 6.64
CA ILE A 42 -6.79 2.03 5.55
C ILE A 42 -6.75 0.51 5.53
N HIS A 43 -7.13 -0.05 4.38
CA HIS A 43 -7.13 -1.50 4.22
C HIS A 43 -6.05 -1.96 3.25
N TRP A 44 -5.31 -2.99 3.63
CA TRP A 44 -4.23 -3.51 2.78
C TRP A 44 -4.69 -4.75 2.03
N MET A 45 -4.49 -4.74 0.71
CA MET A 45 -4.88 -5.86 -0.13
C MET A 45 -3.72 -6.30 -1.03
N LYS A 46 -3.69 -7.59 -1.35
CA LYS A 46 -2.64 -8.13 -2.21
C LYS A 46 -3.23 -8.81 -3.44
N ASP A 47 -3.04 -8.19 -4.60
CA ASP A 47 -3.55 -8.73 -5.85
C ASP A 47 -5.07 -8.85 -5.81
N GLY A 48 -5.72 -7.81 -5.29
CA GLY A 48 -7.17 -7.80 -5.20
C GLY A 48 -7.69 -8.77 -4.17
N VAL A 49 -6.92 -8.97 -3.10
CA VAL A 49 -7.31 -9.88 -2.03
C VAL A 49 -7.05 -9.26 -0.66
N PRO A 50 -8.12 -9.19 0.15
CA PRO A 50 -8.04 -8.62 1.51
C PRO A 50 -7.25 -9.51 2.46
N LEU A 51 -6.04 -9.07 2.79
CA LEU A 51 -5.17 -9.82 3.69
C LEU A 51 -5.67 -9.72 5.13
N PRO A 52 -5.52 -10.81 5.89
CA PRO A 52 -5.95 -10.88 7.28
C PRO A 52 -5.08 -10.01 8.19
N LEU A 53 -5.39 -8.72 8.23
CA LEU A 53 -4.63 -7.79 9.07
C LEU A 53 -5.51 -6.59 9.46
N PRO A 54 -5.14 -5.95 10.57
CA PRO A 54 -5.87 -4.78 11.09
C PRO A 54 -5.71 -3.55 10.20
N PRO A 55 -6.81 -2.83 9.97
CA PRO A 55 -6.81 -1.63 9.14
C PRO A 55 -6.08 -0.46 9.80
N SER A 56 -4.79 -0.34 9.51
CA SER A 56 -3.98 0.73 10.08
C SER A 56 -3.35 1.59 8.98
N PRO A 57 -3.06 2.85 9.31
CA PRO A 57 -2.46 3.80 8.36
C PRO A 57 -1.01 3.44 8.04
N VAL A 58 -0.47 2.48 8.76
CA VAL A 58 0.92 2.05 8.56
C VAL A 58 1.02 0.53 8.54
N LEU A 59 1.58 -0.01 7.46
CA LEU A 59 1.74 -1.45 7.32
C LEU A 59 3.22 -1.84 7.34
N ILE A 60 3.62 -2.52 8.40
CA ILE A 60 5.01 -2.96 8.54
C ILE A 60 5.15 -4.45 8.23
N LEU A 61 5.94 -4.76 7.20
CA LEU A 61 6.17 -6.15 6.81
C LEU A 61 7.57 -6.60 7.19
N PRO A 62 7.76 -6.95 8.47
CA PRO A 62 9.05 -7.41 8.99
C PRO A 62 9.42 -8.78 8.47
N GLU A 63 10.72 -9.00 8.27
CA GLU A 63 11.20 -10.28 7.76
C GLU A 63 10.44 -10.70 6.51
N ILE A 64 10.43 -9.83 5.51
CA ILE A 64 9.74 -10.11 4.26
C ILE A 64 10.34 -11.33 3.57
N GLY A 65 9.52 -12.00 2.77
CA GLY A 65 9.98 -13.18 2.05
C GLY A 65 9.51 -13.21 0.62
N PRO A 66 9.63 -14.38 -0.03
CA PRO A 66 9.23 -14.56 -1.43
C PRO A 66 7.72 -14.51 -1.60
N GLN A 67 6.98 -14.92 -0.57
CA GLN A 67 5.53 -14.93 -0.61
C GLN A 67 4.98 -13.50 -0.54
N ASP A 68 5.71 -12.64 0.16
CA ASP A 68 5.30 -11.24 0.31
C ASP A 68 5.21 -10.55 -1.06
N GLN A 69 6.16 -10.87 -1.93
CA GLN A 69 6.18 -10.28 -3.26
C GLN A 69 4.78 -10.17 -3.85
N GLY A 70 4.53 -9.10 -4.60
CA GLY A 70 3.23 -8.89 -5.19
C GLY A 70 2.81 -7.43 -5.17
N THR A 71 1.57 -7.17 -5.60
CA THR A 71 1.06 -5.81 -5.64
C THR A 71 0.42 -5.43 -4.30
N TYR A 72 0.77 -4.24 -3.81
CA TYR A 72 0.23 -3.76 -2.54
C TYR A 72 -0.37 -2.37 -2.69
N SER A 73 -1.65 -2.25 -2.37
CA SER A 73 -2.35 -0.97 -2.48
C SER A 73 -3.19 -0.71 -1.23
N CYS A 74 -3.17 0.55 -0.79
CA CYS A 74 -3.93 0.94 0.40
C CYS A 74 -5.31 1.47 0.02
N VAL A 75 -6.35 0.85 0.57
CA VAL A 75 -7.72 1.26 0.29
C VAL A 75 -8.28 2.12 1.41
N ALA A 76 -8.15 3.44 1.26
CA ALA A 76 -8.65 4.38 2.26
C ALA A 76 -10.12 4.69 2.03
N THR A 77 -10.88 4.73 3.13
CA THR A 77 -12.31 5.01 3.05
C THR A 77 -12.72 6.06 4.09
N HIS A 78 -13.33 7.14 3.62
CA HIS A 78 -13.76 8.22 4.50
C HIS A 78 -14.95 8.97 3.90
N SER A 79 -15.49 9.93 4.65
CA SER A 79 -16.63 10.71 4.19
C SER A 79 -16.32 11.38 2.85
N SER A 80 -15.27 12.18 2.82
CA SER A 80 -14.87 12.88 1.60
C SER A 80 -15.01 11.97 0.39
N HIS A 81 -14.54 10.74 0.52
CA HIS A 81 -14.60 9.77 -0.56
C HIS A 81 -14.75 8.35 -0.02
N GLY A 82 -15.70 7.61 -0.59
CA GLY A 82 -15.94 6.24 -0.14
C GLY A 82 -14.72 5.35 -0.34
N PRO A 83 -14.90 4.27 -1.11
CA PRO A 83 -13.83 3.31 -1.39
C PRO A 83 -12.75 3.91 -2.30
N GLN A 84 -11.69 4.42 -1.69
CA GLN A 84 -10.60 5.02 -2.44
C GLN A 84 -9.39 4.09 -2.47
N GLU A 85 -8.84 3.86 -3.66
CA GLU A 85 -7.69 2.99 -3.83
C GLU A 85 -6.54 3.74 -4.50
N SER A 86 -5.35 3.62 -3.91
CA SER A 86 -4.16 4.29 -4.45
C SER A 86 -3.47 3.41 -5.49
N ARG A 87 -2.46 3.97 -6.15
CA ARG A 87 -1.71 3.23 -7.15
C ARG A 87 -1.30 1.86 -6.64
N ALA A 88 -0.88 0.99 -7.55
CA ALA A 88 -0.45 -0.36 -7.19
C ALA A 88 1.06 -0.49 -7.26
N VAL A 89 1.68 -0.79 -6.12
CA VAL A 89 3.13 -0.95 -6.05
C VAL A 89 3.53 -2.42 -6.05
N SER A 90 4.49 -2.77 -6.91
CA SER A 90 4.96 -4.14 -7.01
C SER A 90 6.17 -4.38 -6.11
N ILE A 91 5.97 -5.18 -5.06
CA ILE A 91 7.04 -5.49 -4.13
C ILE A 91 7.85 -6.69 -4.58
N SER A 92 9.12 -6.46 -4.89
CA SER A 92 10.00 -7.54 -5.35
C SER A 92 11.20 -7.68 -4.42
N ILE A 93 11.86 -8.83 -4.48
CA ILE A 93 13.03 -9.10 -3.66
C ILE A 93 14.32 -8.81 -4.41
N ILE A 94 15.25 -8.13 -3.75
CA ILE A 94 16.52 -7.79 -4.37
C ILE A 94 17.54 -8.91 -4.17
N GLU A 95 18.29 -9.22 -5.22
CA GLU A 95 19.30 -10.27 -5.17
C GLU A 95 20.42 -9.89 -4.20
N PRO A 96 20.95 -10.90 -3.49
CA PRO A 96 22.02 -10.71 -2.51
C PRO A 96 23.34 -10.35 -3.18
N GLY A 1 -13.47 3.40 -20.29
CA GLY A 1 -13.50 4.80 -20.66
C GLY A 1 -13.09 5.71 -19.52
N SER A 2 -12.24 6.69 -19.83
CA SER A 2 -11.77 7.63 -18.81
C SER A 2 -12.41 9.00 -19.00
N SER A 3 -13.56 9.20 -18.35
CA SER A 3 -14.28 10.46 -18.44
C SER A 3 -13.42 11.62 -17.95
N GLY A 4 -13.62 12.79 -18.54
CA GLY A 4 -12.85 13.96 -18.15
C GLY A 4 -11.36 13.72 -18.19
N SER A 5 -10.70 13.88 -17.06
CA SER A 5 -9.25 13.69 -16.97
C SER A 5 -8.82 13.47 -15.53
N SER A 6 -7.76 12.69 -15.35
CA SER A 6 -7.25 12.39 -14.02
C SER A 6 -6.16 13.39 -13.62
N GLY A 7 -6.52 14.34 -12.76
CA GLY A 7 -5.56 15.34 -12.32
C GLY A 7 -5.75 15.72 -10.86
N LEU A 8 -5.99 14.71 -10.02
CA LEU A 8 -6.19 14.95 -8.59
C LEU A 8 -5.32 14.02 -7.77
N GLU A 9 -4.90 14.49 -6.60
CA GLU A 9 -4.05 13.71 -5.71
C GLU A 9 -4.57 13.76 -4.28
N GLU A 10 -5.30 12.72 -3.87
CA GLU A 10 -5.86 12.64 -2.53
C GLU A 10 -5.00 11.76 -1.63
N VAL A 11 -4.80 10.52 -2.05
CA VAL A 11 -3.99 9.58 -1.28
C VAL A 11 -2.59 9.44 -1.86
N GLN A 12 -1.58 9.74 -1.05
CA GLN A 12 -0.20 9.66 -1.49
C GLN A 12 0.51 8.46 -0.85
N LEU A 13 0.37 7.30 -1.47
CA LEU A 13 0.99 6.09 -0.96
C LEU A 13 2.50 6.24 -0.88
N VAL A 14 3.06 6.01 0.31
CA VAL A 14 4.49 6.12 0.51
C VAL A 14 5.07 4.83 1.08
N VAL A 15 5.63 4.00 0.21
CA VAL A 15 6.22 2.73 0.64
C VAL A 15 7.64 2.93 1.16
N GLU A 16 8.09 2.01 2.01
CA GLU A 16 9.43 2.08 2.58
C GLU A 16 10.16 0.75 2.42
N PRO A 17 11.27 0.78 1.65
CA PRO A 17 11.75 1.99 1.00
C PRO A 17 10.84 2.46 -0.13
N GLU A 18 11.08 3.67 -0.62
CA GLU A 18 10.27 4.22 -1.70
C GLU A 18 10.31 3.30 -2.93
N GLY A 19 11.51 2.85 -3.29
CA GLY A 19 11.65 1.98 -4.44
C GLY A 19 10.64 0.86 -4.45
N GLY A 20 10.44 0.22 -3.30
CA GLY A 20 9.49 -0.87 -3.19
C GLY A 20 10.15 -2.23 -3.25
N ALA A 21 11.48 -2.25 -3.11
CA ALA A 21 12.24 -3.50 -3.15
C ALA A 21 13.17 -3.60 -1.95
N VAL A 22 13.26 -4.80 -1.38
CA VAL A 22 14.12 -5.04 -0.22
C VAL A 22 14.70 -6.46 -0.25
N ALA A 23 15.82 -6.64 0.44
CA ALA A 23 16.47 -7.94 0.51
C ALA A 23 15.51 -9.02 1.00
N PRO A 24 15.82 -10.28 0.70
CA PRO A 24 14.99 -11.42 1.11
C PRO A 24 15.05 -11.67 2.62
N GLY A 25 14.16 -11.01 3.35
CA GLY A 25 14.13 -11.18 4.80
C GLY A 25 14.16 -9.85 5.53
N GLY A 26 13.83 -8.78 4.82
CA GLY A 26 13.83 -7.46 5.42
C GLY A 26 12.46 -7.06 5.95
N THR A 27 12.22 -5.76 6.04
CA THR A 27 10.95 -5.25 6.53
C THR A 27 10.50 -4.03 5.75
N VAL A 28 9.36 -4.14 5.08
CA VAL A 28 8.82 -3.04 4.29
C VAL A 28 7.69 -2.33 5.03
N THR A 29 7.81 -1.02 5.17
CA THR A 29 6.80 -0.22 5.85
C THR A 29 6.01 0.64 4.87
N LEU A 30 4.72 0.32 4.73
CA LEU A 30 3.85 1.05 3.82
C LEU A 30 3.04 2.09 4.58
N THR A 31 3.15 3.36 4.15
CA THR A 31 2.41 4.44 4.79
C THR A 31 1.44 5.10 3.81
N CYS A 32 0.16 5.09 4.16
CA CYS A 32 -0.87 5.67 3.32
C CYS A 32 -1.63 6.76 4.06
N GLU A 33 -0.96 7.42 5.00
CA GLU A 33 -1.57 8.47 5.80
C GLU A 33 -2.05 9.62 4.90
N VAL A 34 -2.60 10.66 5.52
CA VAL A 34 -3.09 11.81 4.78
C VAL A 34 -2.92 13.09 5.59
N PRO A 35 -2.32 14.12 4.96
CA PRO A 35 -2.09 15.41 5.61
C PRO A 35 -3.39 16.18 5.84
N ALA A 36 -4.17 16.34 4.78
CA ALA A 36 -5.44 17.07 4.87
C ALA A 36 -6.50 16.22 5.56
N GLN A 37 -6.89 15.12 4.92
CA GLN A 37 -7.90 14.22 5.48
C GLN A 37 -7.34 13.42 6.65
N PRO A 38 -8.15 13.25 7.70
CA PRO A 38 -7.75 12.51 8.89
C PRO A 38 -7.62 11.00 8.62
N SER A 39 -6.53 10.42 9.11
CA SER A 39 -6.29 8.99 8.92
C SER A 39 -7.60 8.24 8.70
N PRO A 40 -8.01 8.13 7.43
CA PRO A 40 -9.25 7.43 7.06
C PRO A 40 -9.15 5.92 7.25
N GLN A 41 -10.07 5.19 6.65
CA GLN A 41 -10.08 3.73 6.76
C GLN A 41 -9.22 3.10 5.68
N ILE A 42 -7.97 2.81 6.01
CA ILE A 42 -7.03 2.21 5.08
C ILE A 42 -6.96 0.69 5.28
N HIS A 43 -7.27 -0.06 4.23
CA HIS A 43 -7.22 -1.51 4.31
C HIS A 43 -6.17 -2.07 3.35
N TRP A 44 -5.24 -2.85 3.89
CA TRP A 44 -4.18 -3.45 3.08
C TRP A 44 -4.64 -4.76 2.45
N MET A 45 -4.46 -4.88 1.15
CA MET A 45 -4.86 -6.07 0.42
C MET A 45 -3.70 -6.63 -0.39
N LYS A 46 -3.88 -7.84 -0.92
CA LYS A 46 -2.84 -8.49 -1.72
C LYS A 46 -3.45 -9.14 -2.95
N ASP A 47 -3.12 -8.60 -4.13
CA ASP A 47 -3.64 -9.13 -5.39
C ASP A 47 -5.15 -9.05 -5.44
N GLY A 48 -5.69 -7.89 -5.09
CA GLY A 48 -7.13 -7.70 -5.10
C GLY A 48 -7.84 -8.58 -4.11
N VAL A 49 -7.23 -8.77 -2.95
CA VAL A 49 -7.81 -9.62 -1.90
C VAL A 49 -7.54 -9.03 -0.51
N PRO A 50 -8.60 -8.85 0.27
CA PRO A 50 -8.51 -8.30 1.63
C PRO A 50 -7.85 -9.27 2.60
N LEU A 51 -6.86 -8.78 3.33
CA LEU A 51 -6.15 -9.60 4.30
C LEU A 51 -6.57 -9.28 5.73
N PRO A 52 -6.48 -10.27 6.62
CA PRO A 52 -6.87 -10.12 8.02
C PRO A 52 -5.90 -9.22 8.78
N LEU A 53 -6.18 -7.93 8.80
CA LEU A 53 -5.34 -6.96 9.51
C LEU A 53 -6.12 -5.70 9.85
N PRO A 54 -5.69 -5.01 10.91
CA PRO A 54 -6.33 -3.77 11.36
C PRO A 54 -6.10 -2.61 10.39
N PRO A 55 -7.15 -1.82 10.15
CA PRO A 55 -7.08 -0.66 9.25
C PRO A 55 -6.24 0.47 9.82
N SER A 56 -4.97 0.51 9.43
CA SER A 56 -4.05 1.54 9.91
C SER A 56 -3.28 2.16 8.74
N PRO A 57 -3.00 3.46 8.84
CA PRO A 57 -2.26 4.19 7.81
C PRO A 57 -0.79 3.79 7.76
N VAL A 58 -0.42 2.82 8.57
CA VAL A 58 0.95 2.34 8.61
C VAL A 58 1.00 0.81 8.71
N LEU A 59 1.56 0.18 7.68
CA LEU A 59 1.67 -1.27 7.64
C LEU A 59 3.14 -1.71 7.62
N ILE A 60 3.46 -2.71 8.43
CA ILE A 60 4.83 -3.23 8.49
C ILE A 60 4.86 -4.72 8.23
N LEU A 61 5.52 -5.11 7.14
CA LEU A 61 5.64 -6.52 6.78
C LEU A 61 7.06 -7.03 6.97
N PRO A 62 7.44 -7.28 8.23
CA PRO A 62 8.77 -7.76 8.57
C PRO A 62 9.00 -9.20 8.12
N GLU A 63 10.26 -9.55 7.88
CA GLU A 63 10.61 -10.89 7.44
C GLU A 63 10.00 -11.18 6.07
N ILE A 64 10.27 -10.32 5.10
CA ILE A 64 9.75 -10.50 3.75
C ILE A 64 10.57 -11.52 2.97
N GLY A 65 9.89 -12.31 2.15
CA GLY A 65 10.58 -13.31 1.35
C GLY A 65 10.06 -13.38 -0.08
N PRO A 66 10.32 -14.50 -0.76
CA PRO A 66 9.89 -14.70 -2.14
C PRO A 66 8.38 -14.87 -2.26
N GLN A 67 7.78 -15.55 -1.29
CA GLN A 67 6.35 -15.78 -1.29
C GLN A 67 5.58 -14.49 -0.97
N ASP A 68 6.31 -13.51 -0.43
CA ASP A 68 5.71 -12.23 -0.07
C ASP A 68 5.65 -11.30 -1.28
N GLN A 69 6.63 -11.44 -2.18
CA GLN A 69 6.68 -10.61 -3.37
C GLN A 69 5.32 -10.57 -4.07
N GLY A 70 4.71 -9.39 -4.11
CA GLY A 70 3.42 -9.23 -4.75
C GLY A 70 2.97 -7.80 -4.82
N THR A 71 1.67 -7.59 -5.04
CA THR A 71 1.12 -6.25 -5.13
C THR A 71 0.48 -5.83 -3.80
N TYR A 72 0.73 -4.59 -3.39
CA TYR A 72 0.18 -4.08 -2.15
C TYR A 72 -0.35 -2.66 -2.33
N SER A 73 -1.66 -2.48 -2.11
CA SER A 73 -2.29 -1.18 -2.26
C SER A 73 -3.12 -0.84 -1.02
N CYS A 74 -3.16 0.45 -0.68
CA CYS A 74 -3.92 0.91 0.47
C CYS A 74 -5.30 1.40 0.06
N VAL A 75 -6.33 0.73 0.58
CA VAL A 75 -7.70 1.10 0.27
C VAL A 75 -8.23 2.15 1.24
N ALA A 76 -8.07 3.42 0.88
CA ALA A 76 -8.54 4.51 1.72
C ALA A 76 -9.90 5.02 1.27
N THR A 77 -10.73 5.40 2.24
CA THR A 77 -12.07 5.90 1.93
C THR A 77 -12.57 6.82 3.04
N HIS A 78 -13.52 7.68 2.69
CA HIS A 78 -14.08 8.62 3.65
C HIS A 78 -15.43 9.15 3.17
N SER A 79 -16.04 10.03 3.96
CA SER A 79 -17.34 10.59 3.62
C SER A 79 -17.33 11.15 2.20
N SER A 80 -16.50 12.16 1.97
CA SER A 80 -16.39 12.78 0.65
C SER A 80 -16.44 11.72 -0.45
N HIS A 81 -15.37 10.93 -0.55
CA HIS A 81 -15.29 9.88 -1.56
C HIS A 81 -15.18 8.50 -0.91
N GLY A 82 -15.96 7.55 -1.42
CA GLY A 82 -15.92 6.21 -0.88
C GLY A 82 -14.58 5.53 -1.06
N PRO A 83 -14.57 4.42 -1.82
CA PRO A 83 -13.35 3.66 -2.08
C PRO A 83 -12.39 4.42 -3.00
N GLN A 84 -11.17 4.62 -2.53
CA GLN A 84 -10.15 5.33 -3.29
C GLN A 84 -8.88 4.50 -3.42
N GLU A 85 -9.05 3.18 -3.58
CA GLU A 85 -7.92 2.27 -3.71
C GLU A 85 -6.78 2.94 -4.46
N SER A 86 -5.62 3.03 -3.83
CA SER A 86 -4.45 3.63 -4.43
C SER A 86 -3.80 2.70 -5.44
N ARG A 87 -2.80 3.20 -6.16
CA ARG A 87 -2.10 2.41 -7.16
C ARG A 87 -1.63 1.08 -6.57
N ALA A 88 -1.04 0.24 -7.41
CA ALA A 88 -0.55 -1.06 -6.96
C ALA A 88 0.96 -1.04 -6.78
N VAL A 89 1.41 -1.41 -5.58
CA VAL A 89 2.83 -1.45 -5.28
C VAL A 89 3.39 -2.86 -5.38
N SER A 90 4.27 -3.07 -6.36
CA SER A 90 4.88 -4.39 -6.56
C SER A 90 6.13 -4.55 -5.71
N ILE A 91 5.99 -5.28 -4.61
CA ILE A 91 7.11 -5.51 -3.71
C ILE A 91 8.00 -6.63 -4.22
N SER A 92 9.21 -6.27 -4.65
CA SER A 92 10.16 -7.24 -5.17
C SER A 92 11.35 -7.39 -4.23
N ILE A 93 12.19 -8.39 -4.50
CA ILE A 93 13.38 -8.63 -3.69
C ILE A 93 14.64 -8.23 -4.42
N ILE A 94 15.56 -7.58 -3.70
CA ILE A 94 16.82 -7.15 -4.29
C ILE A 94 17.91 -8.19 -4.09
N GLU A 95 18.70 -8.42 -5.14
CA GLU A 95 19.77 -9.40 -5.09
C GLU A 95 21.14 -8.71 -5.20
N PRO A 96 22.11 -9.21 -4.41
CA PRO A 96 23.47 -8.66 -4.41
C PRO A 96 24.22 -8.95 -5.71
#